data_1ZP2
# 
_entry.id   1ZP2 
# 
_audit_conform.dict_name       mmcif_pdbx.dic 
_audit_conform.dict_version    5.387 
_audit_conform.dict_location   http://mmcif.pdb.org/dictionaries/ascii/mmcif_pdbx.dic 
# 
loop_
_database_2.database_id 
_database_2.database_code 
_database_2.pdbx_database_accession 
_database_2.pdbx_DOI 
PDB   1ZP2         pdb_00001zp2 10.2210/pdb1zp2/pdb 
RCSB  RCSB032975   ?            ?                   
WWPDB D_1000032975 ?            ?                   
# 
loop_
_pdbx_audit_revision_history.ordinal 
_pdbx_audit_revision_history.data_content_type 
_pdbx_audit_revision_history.major_revision 
_pdbx_audit_revision_history.minor_revision 
_pdbx_audit_revision_history.revision_date 
1 'Structure model' 1 0 2005-07-19 
2 'Structure model' 1 1 2008-04-30 
3 'Structure model' 1 2 2011-07-13 
4 'Structure model' 1 3 2024-02-14 
# 
_pdbx_audit_revision_details.ordinal             1 
_pdbx_audit_revision_details.revision_ordinal    1 
_pdbx_audit_revision_details.data_content_type   'Structure model' 
_pdbx_audit_revision_details.provider            repository 
_pdbx_audit_revision_details.type                'Initial release' 
_pdbx_audit_revision_details.description         ? 
_pdbx_audit_revision_details.details             ? 
# 
loop_
_pdbx_audit_revision_group.ordinal 
_pdbx_audit_revision_group.revision_ordinal 
_pdbx_audit_revision_group.data_content_type 
_pdbx_audit_revision_group.group 
1 2 'Structure model' 'Version format compliance' 
2 3 'Structure model' 'Derived calculations'      
3 3 'Structure model' 'Version format compliance' 
4 4 'Structure model' 'Data collection'           
5 4 'Structure model' 'Database references'       
# 
loop_
_pdbx_audit_revision_category.ordinal 
_pdbx_audit_revision_category.revision_ordinal 
_pdbx_audit_revision_category.data_content_type 
_pdbx_audit_revision_category.category 
1 4 'Structure model' chem_comp_atom     
2 4 'Structure model' chem_comp_bond     
3 4 'Structure model' database_2         
4 4 'Structure model' struct_ref_seq_dif 
# 
loop_
_pdbx_audit_revision_item.ordinal 
_pdbx_audit_revision_item.revision_ordinal 
_pdbx_audit_revision_item.data_content_type 
_pdbx_audit_revision_item.item 
1 4 'Structure model' '_database_2.pdbx_DOI'                
2 4 'Structure model' '_database_2.pdbx_database_accession' 
3 4 'Structure model' '_struct_ref_seq_dif.details'         
# 
_pdbx_database_status.status_code                     REL 
_pdbx_database_status.entry_id                        1ZP2 
_pdbx_database_status.recvd_initial_deposition_date   2005-05-16 
_pdbx_database_status.deposit_site                    RCSB 
_pdbx_database_status.process_site                    RCSB 
_pdbx_database_status.status_code_sf                  REL 
_pdbx_database_status.status_code_mr                  ? 
_pdbx_database_status.SG_entry                        ? 
_pdbx_database_status.pdb_format_compatible           Y 
_pdbx_database_status.status_code_cs                  ? 
_pdbx_database_status.status_code_nmr_data            ? 
_pdbx_database_status.methods_development_category    ? 
# 
loop_
_audit_author.name 
_audit_author.pdbx_ordinal 
'Hoeppner, S.' 1 
'Baumli, S.'   2 
'Cramer, P.'   3 
# 
_citation.id                        primary 
_citation.title                     'Structure of the Mediator Subunit Cyclin C and its Implications for CDK8 Function.' 
_citation.journal_abbrev            J.Mol.Biol. 
_citation.journal_volume            350 
_citation.page_first                833 
_citation.page_last                 842 
_citation.year                      2005 
_citation.journal_id_ASTM           JMOBAK 
_citation.country                   UK 
_citation.journal_id_ISSN           0022-2836 
_citation.journal_id_CSD            0070 
_citation.book_publisher            ? 
_citation.pdbx_database_id_PubMed   15979093 
_citation.pdbx_database_id_DOI      10.1016/j.jmb.2005.05.041 
# 
loop_
_citation_author.citation_id 
_citation_author.name 
_citation_author.ordinal 
_citation_author.identifier_ORCID 
primary 'Hoeppner, S.' 1 ? 
primary 'Baumli, S.'   2 ? 
primary 'Cramer, P.'   3 ? 
# 
_entity.id                         1 
_entity.type                       polymer 
_entity.src_method                 man 
_entity.pdbx_description           'RNA polymerase II holoenzyme cyclin-like subunit' 
_entity.formula_weight             27100.277 
_entity.pdbx_number_of_molecules   1 
_entity.pdbx_ec                    ? 
_entity.pdbx_mutation              ? 
_entity.pdbx_fragment              ? 
_entity.details                    ? 
# 
_entity_name_com.entity_id   1 
_entity_name_com.name        'Suppressor of RNA polymerase B srb11' 
# 
_entity_poly.entity_id                      1 
_entity_poly.type                           'polypeptide(L)' 
_entity_poly.nstd_linkage                   no 
_entity_poly.nstd_monomer                   no 
_entity_poly.pdbx_seq_one_letter_code       
;YWASSQLTQLFLSTDLESLEPTCLSKDTIYQWKVVQTFGDRLRLRQRVLATAIVLLRRYMLKKNEEKGFSLEALVATCIY
LSCKVEECPVHIRTICNEANDLWSLKVKLSRSNISEIEFEIISVLDAFLIVHHPYTSLEQAFHDGIINQKQLEFAWSIVN
DSYASSLCLMAHPHQLAYAALLISCCNDENTIPKLLDLIKSTDAFKVILCVQRIISIYYFEDIEAAALEHHHHHH
;
_entity_poly.pdbx_seq_one_letter_code_can   
;YWASSQLTQLFLSTDLESLEPTCLSKDTIYQWKVVQTFGDRLRLRQRVLATAIVLLRRYMLKKNEEKGFSLEALVATCIY
LSCKVEECPVHIRTICNEANDLWSLKVKLSRSNISEIEFEIISVLDAFLIVHHPYTSLEQAFHDGIINQKQLEFAWSIVN
DSYASSLCLMAHPHQLAYAALLISCCNDENTIPKLLDLIKSTDAFKVILCVQRIISIYYFEDIEAAALEHHHHHH
;
_entity_poly.pdbx_strand_id                 A 
_entity_poly.pdbx_target_identifier         ? 
# 
loop_
_entity_poly_seq.entity_id 
_entity_poly_seq.num 
_entity_poly_seq.mon_id 
_entity_poly_seq.hetero 
1 1   TYR n 
1 2   TRP n 
1 3   ALA n 
1 4   SER n 
1 5   SER n 
1 6   GLN n 
1 7   LEU n 
1 8   THR n 
1 9   GLN n 
1 10  LEU n 
1 11  PHE n 
1 12  LEU n 
1 13  SER n 
1 14  THR n 
1 15  ASP n 
1 16  LEU n 
1 17  GLU n 
1 18  SER n 
1 19  LEU n 
1 20  GLU n 
1 21  PRO n 
1 22  THR n 
1 23  CYS n 
1 24  LEU n 
1 25  SER n 
1 26  LYS n 
1 27  ASP n 
1 28  THR n 
1 29  ILE n 
1 30  TYR n 
1 31  GLN n 
1 32  TRP n 
1 33  LYS n 
1 34  VAL n 
1 35  VAL n 
1 36  GLN n 
1 37  THR n 
1 38  PHE n 
1 39  GLY n 
1 40  ASP n 
1 41  ARG n 
1 42  LEU n 
1 43  ARG n 
1 44  LEU n 
1 45  ARG n 
1 46  GLN n 
1 47  ARG n 
1 48  VAL n 
1 49  LEU n 
1 50  ALA n 
1 51  THR n 
1 52  ALA n 
1 53  ILE n 
1 54  VAL n 
1 55  LEU n 
1 56  LEU n 
1 57  ARG n 
1 58  ARG n 
1 59  TYR n 
1 60  MET n 
1 61  LEU n 
1 62  LYS n 
1 63  LYS n 
1 64  ASN n 
1 65  GLU n 
1 66  GLU n 
1 67  LYS n 
1 68  GLY n 
1 69  PHE n 
1 70  SER n 
1 71  LEU n 
1 72  GLU n 
1 73  ALA n 
1 74  LEU n 
1 75  VAL n 
1 76  ALA n 
1 77  THR n 
1 78  CYS n 
1 79  ILE n 
1 80  TYR n 
1 81  LEU n 
1 82  SER n 
1 83  CYS n 
1 84  LYS n 
1 85  VAL n 
1 86  GLU n 
1 87  GLU n 
1 88  CYS n 
1 89  PRO n 
1 90  VAL n 
1 91  HIS n 
1 92  ILE n 
1 93  ARG n 
1 94  THR n 
1 95  ILE n 
1 96  CYS n 
1 97  ASN n 
1 98  GLU n 
1 99  ALA n 
1 100 ASN n 
1 101 ASP n 
1 102 LEU n 
1 103 TRP n 
1 104 SER n 
1 105 LEU n 
1 106 LYS n 
1 107 VAL n 
1 108 LYS n 
1 109 LEU n 
1 110 SER n 
1 111 ARG n 
1 112 SER n 
1 113 ASN n 
1 114 ILE n 
1 115 SER n 
1 116 GLU n 
1 117 ILE n 
1 118 GLU n 
1 119 PHE n 
1 120 GLU n 
1 121 ILE n 
1 122 ILE n 
1 123 SER n 
1 124 VAL n 
1 125 LEU n 
1 126 ASP n 
1 127 ALA n 
1 128 PHE n 
1 129 LEU n 
1 130 ILE n 
1 131 VAL n 
1 132 HIS n 
1 133 HIS n 
1 134 PRO n 
1 135 TYR n 
1 136 THR n 
1 137 SER n 
1 138 LEU n 
1 139 GLU n 
1 140 GLN n 
1 141 ALA n 
1 142 PHE n 
1 143 HIS n 
1 144 ASP n 
1 145 GLY n 
1 146 ILE n 
1 147 ILE n 
1 148 ASN n 
1 149 GLN n 
1 150 LYS n 
1 151 GLN n 
1 152 LEU n 
1 153 GLU n 
1 154 PHE n 
1 155 ALA n 
1 156 TRP n 
1 157 SER n 
1 158 ILE n 
1 159 VAL n 
1 160 ASN n 
1 161 ASP n 
1 162 SER n 
1 163 TYR n 
1 164 ALA n 
1 165 SER n 
1 166 SER n 
1 167 LEU n 
1 168 CYS n 
1 169 LEU n 
1 170 MET n 
1 171 ALA n 
1 172 HIS n 
1 173 PRO n 
1 174 HIS n 
1 175 GLN n 
1 176 LEU n 
1 177 ALA n 
1 178 TYR n 
1 179 ALA n 
1 180 ALA n 
1 181 LEU n 
1 182 LEU n 
1 183 ILE n 
1 184 SER n 
1 185 CYS n 
1 186 CYS n 
1 187 ASN n 
1 188 ASP n 
1 189 GLU n 
1 190 ASN n 
1 191 THR n 
1 192 ILE n 
1 193 PRO n 
1 194 LYS n 
1 195 LEU n 
1 196 LEU n 
1 197 ASP n 
1 198 LEU n 
1 199 ILE n 
1 200 LYS n 
1 201 SER n 
1 202 THR n 
1 203 ASP n 
1 204 ALA n 
1 205 PHE n 
1 206 LYS n 
1 207 VAL n 
1 208 ILE n 
1 209 LEU n 
1 210 CYS n 
1 211 VAL n 
1 212 GLN n 
1 213 ARG n 
1 214 ILE n 
1 215 ILE n 
1 216 SER n 
1 217 ILE n 
1 218 TYR n 
1 219 TYR n 
1 220 PHE n 
1 221 GLU n 
1 222 ASP n 
1 223 ILE n 
1 224 GLU n 
1 225 ALA n 
1 226 ALA n 
1 227 ALA n 
1 228 LEU n 
1 229 GLU n 
1 230 HIS n 
1 231 HIS n 
1 232 HIS n 
1 233 HIS n 
1 234 HIS n 
1 235 HIS n 
# 
_entity_src_gen.entity_id                          1 
_entity_src_gen.pdbx_src_id                        1 
_entity_src_gen.pdbx_alt_source_flag               sample 
_entity_src_gen.pdbx_seq_type                      ? 
_entity_src_gen.pdbx_beg_seq_num                   ? 
_entity_src_gen.pdbx_end_seq_num                   ? 
_entity_src_gen.gene_src_common_name               'fission yeast' 
_entity_src_gen.gene_src_genus                     Schizosaccharomyces 
_entity_src_gen.pdbx_gene_src_gene                 srb11 
_entity_src_gen.gene_src_species                   ? 
_entity_src_gen.gene_src_strain                    ? 
_entity_src_gen.gene_src_tissue                    ? 
_entity_src_gen.gene_src_tissue_fraction           ? 
_entity_src_gen.gene_src_details                   ? 
_entity_src_gen.pdbx_gene_src_fragment             ? 
_entity_src_gen.pdbx_gene_src_scientific_name      'Schizosaccharomyces pombe' 
_entity_src_gen.pdbx_gene_src_ncbi_taxonomy_id     4896 
_entity_src_gen.pdbx_gene_src_variant              ? 
_entity_src_gen.pdbx_gene_src_cell_line            ? 
_entity_src_gen.pdbx_gene_src_atcc                 ? 
_entity_src_gen.pdbx_gene_src_organ                ? 
_entity_src_gen.pdbx_gene_src_organelle            ? 
_entity_src_gen.pdbx_gene_src_cell                 ? 
_entity_src_gen.pdbx_gene_src_cellular_location    ? 
_entity_src_gen.host_org_common_name               ? 
_entity_src_gen.pdbx_host_org_scientific_name      'Escherichia coli' 
_entity_src_gen.pdbx_host_org_ncbi_taxonomy_id     562 
_entity_src_gen.host_org_genus                     Escherichia 
_entity_src_gen.pdbx_host_org_gene                 ? 
_entity_src_gen.pdbx_host_org_organ                ? 
_entity_src_gen.host_org_species                   ? 
_entity_src_gen.pdbx_host_org_tissue               ? 
_entity_src_gen.pdbx_host_org_tissue_fraction      ? 
_entity_src_gen.pdbx_host_org_strain               'BL21-CodonPlus (DE3)-RIL' 
_entity_src_gen.pdbx_host_org_variant              ? 
_entity_src_gen.pdbx_host_org_cell_line            ? 
_entity_src_gen.pdbx_host_org_atcc                 ? 
_entity_src_gen.pdbx_host_org_culture_collection   ? 
_entity_src_gen.pdbx_host_org_cell                 ? 
_entity_src_gen.pdbx_host_org_organelle            ? 
_entity_src_gen.pdbx_host_org_cellular_location    ? 
_entity_src_gen.pdbx_host_org_vector_type          plasmid 
_entity_src_gen.pdbx_host_org_vector               pET28d 
_entity_src_gen.host_org_details                   ? 
_entity_src_gen.expression_system_id               ? 
_entity_src_gen.plasmid_name                       ? 
_entity_src_gen.plasmid_details                    ? 
_entity_src_gen.pdbx_description                   ? 
# 
loop_
_chem_comp.id 
_chem_comp.type 
_chem_comp.mon_nstd_flag 
_chem_comp.name 
_chem_comp.pdbx_synonyms 
_chem_comp.formula 
_chem_comp.formula_weight 
ALA 'L-peptide linking' y ALANINE         ? 'C3 H7 N O2'     89.093  
ARG 'L-peptide linking' y ARGININE        ? 'C6 H15 N4 O2 1' 175.209 
ASN 'L-peptide linking' y ASPARAGINE      ? 'C4 H8 N2 O3'    132.118 
ASP 'L-peptide linking' y 'ASPARTIC ACID' ? 'C4 H7 N O4'     133.103 
CYS 'L-peptide linking' y CYSTEINE        ? 'C3 H7 N O2 S'   121.158 
GLN 'L-peptide linking' y GLUTAMINE       ? 'C5 H10 N2 O3'   146.144 
GLU 'L-peptide linking' y 'GLUTAMIC ACID' ? 'C5 H9 N O4'     147.129 
GLY 'peptide linking'   y GLYCINE         ? 'C2 H5 N O2'     75.067  
HIS 'L-peptide linking' y HISTIDINE       ? 'C6 H10 N3 O2 1' 156.162 
ILE 'L-peptide linking' y ISOLEUCINE      ? 'C6 H13 N O2'    131.173 
LEU 'L-peptide linking' y LEUCINE         ? 'C6 H13 N O2'    131.173 
LYS 'L-peptide linking' y LYSINE          ? 'C6 H15 N2 O2 1' 147.195 
MET 'L-peptide linking' y METHIONINE      ? 'C5 H11 N O2 S'  149.211 
PHE 'L-peptide linking' y PHENYLALANINE   ? 'C9 H11 N O2'    165.189 
PRO 'L-peptide linking' y PROLINE         ? 'C5 H9 N O2'     115.130 
SER 'L-peptide linking' y SERINE          ? 'C3 H7 N O3'     105.093 
THR 'L-peptide linking' y THREONINE       ? 'C4 H9 N O3'     119.119 
TRP 'L-peptide linking' y TRYPTOPHAN      ? 'C11 H12 N2 O2'  204.225 
TYR 'L-peptide linking' y TYROSINE        ? 'C9 H11 N O3'    181.189 
VAL 'L-peptide linking' y VALINE          ? 'C5 H11 N O2'    117.146 
# 
loop_
_pdbx_poly_seq_scheme.asym_id 
_pdbx_poly_seq_scheme.entity_id 
_pdbx_poly_seq_scheme.seq_id 
_pdbx_poly_seq_scheme.mon_id 
_pdbx_poly_seq_scheme.ndb_seq_num 
_pdbx_poly_seq_scheme.pdb_seq_num 
_pdbx_poly_seq_scheme.auth_seq_num 
_pdbx_poly_seq_scheme.pdb_mon_id 
_pdbx_poly_seq_scheme.auth_mon_id 
_pdbx_poly_seq_scheme.pdb_strand_id 
_pdbx_poly_seq_scheme.pdb_ins_code 
_pdbx_poly_seq_scheme.hetero 
A 1 1   TYR 1   5   ?   ?   ?   A . n 
A 1 2   TRP 2   6   6   TRP TRP A . n 
A 1 3   ALA 3   7   7   ALA ALA A . n 
A 1 4   SER 4   8   8   SER SER A . n 
A 1 5   SER 5   9   9   SER SER A . n 
A 1 6   GLN 6   10  10  GLN GLN A . n 
A 1 7   LEU 7   11  11  LEU LEU A . n 
A 1 8   THR 8   12  12  THR THR A . n 
A 1 9   GLN 9   13  13  GLN GLN A . n 
A 1 10  LEU 10  14  14  LEU LEU A . n 
A 1 11  PHE 11  15  15  PHE PHE A . n 
A 1 12  LEU 12  16  16  LEU LEU A . n 
A 1 13  SER 13  17  17  SER SER A . n 
A 1 14  THR 14  18  18  THR THR A . n 
A 1 15  ASP 15  19  19  ASP ASP A . n 
A 1 16  LEU 16  20  20  LEU LEU A . n 
A 1 17  GLU 17  21  21  GLU GLU A . n 
A 1 18  SER 18  22  22  SER SER A . n 
A 1 19  LEU 19  23  23  LEU LEU A . n 
A 1 20  GLU 20  24  24  GLU GLU A . n 
A 1 21  PRO 21  25  25  PRO PRO A . n 
A 1 22  THR 22  26  26  THR THR A . n 
A 1 23  CYS 23  27  27  CYS CYS A . n 
A 1 24  LEU 24  28  28  LEU LEU A . n 
A 1 25  SER 25  29  29  SER SER A . n 
A 1 26  LYS 26  30  30  LYS LYS A . n 
A 1 27  ASP 27  31  31  ASP ASP A . n 
A 1 28  THR 28  32  32  THR THR A . n 
A 1 29  ILE 29  33  33  ILE ILE A . n 
A 1 30  TYR 30  34  34  TYR TYR A . n 
A 1 31  GLN 31  35  35  GLN GLN A . n 
A 1 32  TRP 32  36  36  TRP TRP A . n 
A 1 33  LYS 33  37  37  LYS LYS A . n 
A 1 34  VAL 34  38  38  VAL VAL A . n 
A 1 35  VAL 35  39  39  VAL VAL A . n 
A 1 36  GLN 36  40  40  GLN GLN A . n 
A 1 37  THR 37  41  41  THR THR A . n 
A 1 38  PHE 38  42  42  PHE PHE A . n 
A 1 39  GLY 39  43  43  GLY GLY A . n 
A 1 40  ASP 40  44  44  ASP ASP A . n 
A 1 41  ARG 41  45  45  ARG ARG A . n 
A 1 42  LEU 42  46  46  LEU LEU A . n 
A 1 43  ARG 43  47  47  ARG ARG A . n 
A 1 44  LEU 44  48  48  LEU LEU A . n 
A 1 45  ARG 45  49  49  ARG ARG A . n 
A 1 46  GLN 46  50  50  GLN GLN A . n 
A 1 47  ARG 47  51  51  ARG ARG A . n 
A 1 48  VAL 48  52  52  VAL VAL A . n 
A 1 49  LEU 49  53  53  LEU LEU A . n 
A 1 50  ALA 50  54  54  ALA ALA A . n 
A 1 51  THR 51  55  55  THR THR A . n 
A 1 52  ALA 52  56  56  ALA ALA A . n 
A 1 53  ILE 53  57  57  ILE ILE A . n 
A 1 54  VAL 54  58  58  VAL VAL A . n 
A 1 55  LEU 55  59  59  LEU LEU A . n 
A 1 56  LEU 56  60  60  LEU LEU A . n 
A 1 57  ARG 57  61  61  ARG ARG A . n 
A 1 58  ARG 58  62  62  ARG ARG A . n 
A 1 59  TYR 59  63  63  TYR TYR A . n 
A 1 60  MET 60  64  64  MET MET A . n 
A 1 61  LEU 61  65  65  LEU LEU A . n 
A 1 62  LYS 62  66  66  LYS LYS A . n 
A 1 63  LYS 63  67  67  LYS LYS A . n 
A 1 64  ASN 64  68  68  ASN ASN A . n 
A 1 65  GLU 65  69  69  GLU GLU A . n 
A 1 66  GLU 66  70  70  GLU GLU A . n 
A 1 67  LYS 67  71  71  LYS LYS A . n 
A 1 68  GLY 68  72  72  GLY GLY A . n 
A 1 69  PHE 69  73  73  PHE PHE A . n 
A 1 70  SER 70  74  74  SER SER A . n 
A 1 71  LEU 71  75  75  LEU LEU A . n 
A 1 72  GLU 72  76  76  GLU GLU A . n 
A 1 73  ALA 73  77  77  ALA ALA A . n 
A 1 74  LEU 74  78  78  LEU LEU A . n 
A 1 75  VAL 75  79  79  VAL VAL A . n 
A 1 76  ALA 76  80  80  ALA ALA A . n 
A 1 77  THR 77  81  81  THR THR A . n 
A 1 78  CYS 78  82  82  CYS CYS A . n 
A 1 79  ILE 79  83  83  ILE ILE A . n 
A 1 80  TYR 80  84  84  TYR TYR A . n 
A 1 81  LEU 81  85  85  LEU LEU A . n 
A 1 82  SER 82  86  86  SER SER A . n 
A 1 83  CYS 83  87  87  CYS CYS A . n 
A 1 84  LYS 84  88  88  LYS LYS A . n 
A 1 85  VAL 85  89  89  VAL VAL A . n 
A 1 86  GLU 86  90  90  GLU GLU A . n 
A 1 87  GLU 87  91  91  GLU GLU A . n 
A 1 88  CYS 88  92  92  CYS CYS A . n 
A 1 89  PRO 89  93  93  PRO PRO A . n 
A 1 90  VAL 90  94  94  VAL VAL A . n 
A 1 91  HIS 91  95  95  HIS HIS A . n 
A 1 92  ILE 92  96  96  ILE ILE A . n 
A 1 93  ARG 93  97  97  ARG ARG A . n 
A 1 94  THR 94  98  98  THR THR A . n 
A 1 95  ILE 95  99  99  ILE ILE A . n 
A 1 96  CYS 96  100 100 CYS CYS A . n 
A 1 97  ASN 97  101 101 ASN ASN A . n 
A 1 98  GLU 98  102 102 GLU GLU A . n 
A 1 99  ALA 99  103 103 ALA ALA A . n 
A 1 100 ASN 100 104 104 ASN ASN A . n 
A 1 101 ASP 101 105 105 ASP ASP A . n 
A 1 102 LEU 102 106 106 LEU LEU A . n 
A 1 103 TRP 103 107 107 TRP TRP A . n 
A 1 104 SER 104 108 108 SER SER A . n 
A 1 105 LEU 105 109 109 LEU LEU A . n 
A 1 106 LYS 106 110 110 LYS LYS A . n 
A 1 107 VAL 107 111 111 VAL VAL A . n 
A 1 108 LYS 108 112 112 LYS LYS A . n 
A 1 109 LEU 109 113 113 LEU LEU A . n 
A 1 110 SER 110 114 114 SER SER A . n 
A 1 111 ARG 111 115 115 ARG ARG A . n 
A 1 112 SER 112 116 116 SER SER A . n 
A 1 113 ASN 113 117 117 ASN ASN A . n 
A 1 114 ILE 114 118 118 ILE ILE A . n 
A 1 115 SER 115 119 119 SER SER A . n 
A 1 116 GLU 116 120 120 GLU GLU A . n 
A 1 117 ILE 117 121 121 ILE ILE A . n 
A 1 118 GLU 118 122 122 GLU GLU A . n 
A 1 119 PHE 119 123 123 PHE PHE A . n 
A 1 120 GLU 120 124 124 GLU GLU A . n 
A 1 121 ILE 121 125 125 ILE ILE A . n 
A 1 122 ILE 122 126 126 ILE ILE A . n 
A 1 123 SER 123 127 127 SER SER A . n 
A 1 124 VAL 124 128 128 VAL VAL A . n 
A 1 125 LEU 125 129 129 LEU LEU A . n 
A 1 126 ASP 126 130 130 ASP ASP A . n 
A 1 127 ALA 127 131 131 ALA ALA A . n 
A 1 128 PHE 128 132 132 PHE PHE A . n 
A 1 129 LEU 129 133 133 LEU LEU A . n 
A 1 130 ILE 130 134 134 ILE ILE A . n 
A 1 131 VAL 131 135 135 VAL VAL A . n 
A 1 132 HIS 132 136 136 HIS HIS A . n 
A 1 133 HIS 133 137 137 HIS HIS A . n 
A 1 134 PRO 134 138 138 PRO PRO A . n 
A 1 135 TYR 135 139 139 TYR TYR A . n 
A 1 136 THR 136 140 140 THR THR A . n 
A 1 137 SER 137 141 141 SER SER A . n 
A 1 138 LEU 138 142 142 LEU LEU A . n 
A 1 139 GLU 139 143 143 GLU GLU A . n 
A 1 140 GLN 140 144 144 GLN GLN A . n 
A 1 141 ALA 141 145 145 ALA ALA A . n 
A 1 142 PHE 142 146 146 PHE PHE A . n 
A 1 143 HIS 143 147 147 HIS HIS A . n 
A 1 144 ASP 144 148 148 ASP ASP A . n 
A 1 145 GLY 145 149 149 GLY GLY A . n 
A 1 146 ILE 146 150 150 ILE ILE A . n 
A 1 147 ILE 147 151 151 ILE ILE A . n 
A 1 148 ASN 148 152 152 ASN ASN A . n 
A 1 149 GLN 149 153 153 GLN GLN A . n 
A 1 150 LYS 150 154 154 LYS LYS A . n 
A 1 151 GLN 151 155 155 GLN GLN A . n 
A 1 152 LEU 152 156 156 LEU LEU A . n 
A 1 153 GLU 153 157 157 GLU GLU A . n 
A 1 154 PHE 154 158 158 PHE PHE A . n 
A 1 155 ALA 155 159 159 ALA ALA A . n 
A 1 156 TRP 156 160 160 TRP TRP A . n 
A 1 157 SER 157 161 161 SER SER A . n 
A 1 158 ILE 158 162 162 ILE ILE A . n 
A 1 159 VAL 159 163 163 VAL VAL A . n 
A 1 160 ASN 160 164 164 ASN ASN A . n 
A 1 161 ASP 161 165 165 ASP ASP A . n 
A 1 162 SER 162 166 166 SER SER A . n 
A 1 163 TYR 163 167 167 TYR TYR A . n 
A 1 164 ALA 164 168 168 ALA ALA A . n 
A 1 165 SER 165 169 169 SER SER A . n 
A 1 166 SER 166 170 170 SER SER A . n 
A 1 167 LEU 167 171 171 LEU LEU A . n 
A 1 168 CYS 168 172 172 CYS CYS A . n 
A 1 169 LEU 169 173 173 LEU LEU A . n 
A 1 170 MET 170 174 174 MET MET A . n 
A 1 171 ALA 171 175 175 ALA ALA A . n 
A 1 172 HIS 172 176 176 HIS HIS A . n 
A 1 173 PRO 173 177 177 PRO PRO A . n 
A 1 174 HIS 174 178 178 HIS HIS A . n 
A 1 175 GLN 175 179 179 GLN GLN A . n 
A 1 176 LEU 176 180 180 LEU LEU A . n 
A 1 177 ALA 177 181 181 ALA ALA A . n 
A 1 178 TYR 178 182 182 TYR TYR A . n 
A 1 179 ALA 179 183 183 ALA ALA A . n 
A 1 180 ALA 180 184 184 ALA ALA A . n 
A 1 181 LEU 181 185 185 LEU LEU A . n 
A 1 182 LEU 182 186 186 LEU LEU A . n 
A 1 183 ILE 183 187 187 ILE ILE A . n 
A 1 184 SER 184 188 188 SER SER A . n 
A 1 185 CYS 185 189 189 CYS CYS A . n 
A 1 186 CYS 186 190 190 CYS CYS A . n 
A 1 187 ASN 187 191 191 ASN ASN A . n 
A 1 188 ASP 188 192 192 ASP ASP A . n 
A 1 189 GLU 189 193 193 GLU GLU A . n 
A 1 190 ASN 190 194 194 ASN ASN A . n 
A 1 191 THR 191 195 195 THR THR A . n 
A 1 192 ILE 192 196 196 ILE ILE A . n 
A 1 193 PRO 193 197 197 PRO PRO A . n 
A 1 194 LYS 194 198 198 LYS LYS A . n 
A 1 195 LEU 195 199 199 LEU LEU A . n 
A 1 196 LEU 196 200 200 LEU LEU A . n 
A 1 197 ASP 197 201 201 ASP ASP A . n 
A 1 198 LEU 198 202 202 LEU LEU A . n 
A 1 199 ILE 199 203 203 ILE ILE A . n 
A 1 200 LYS 200 204 204 LYS LYS A . n 
A 1 201 SER 201 205 205 SER SER A . n 
A 1 202 THR 202 206 206 THR THR A . n 
A 1 203 ASP 203 207 207 ASP ASP A . n 
A 1 204 ALA 204 208 208 ALA ALA A . n 
A 1 205 PHE 205 209 209 PHE PHE A . n 
A 1 206 LYS 206 210 210 LYS LYS A . n 
A 1 207 VAL 207 211 211 VAL VAL A . n 
A 1 208 ILE 208 212 212 ILE ILE A . n 
A 1 209 LEU 209 213 213 LEU LEU A . n 
A 1 210 CYS 210 214 214 CYS CYS A . n 
A 1 211 VAL 211 215 215 VAL VAL A . n 
A 1 212 GLN 212 216 216 GLN GLN A . n 
A 1 213 ARG 213 217 217 ARG ARG A . n 
A 1 214 ILE 214 218 218 ILE ILE A . n 
A 1 215 ILE 215 219 219 ILE ILE A . n 
A 1 216 SER 216 220 220 SER SER A . n 
A 1 217 ILE 217 221 221 ILE ILE A . n 
A 1 218 TYR 218 222 222 TYR TYR A . n 
A 1 219 TYR 219 223 223 TYR TYR A . n 
A 1 220 PHE 220 224 224 PHE PHE A . n 
A 1 221 GLU 221 225 225 GLU GLU A . n 
A 1 222 ASP 222 226 226 ASP ASP A . n 
A 1 223 ILE 223 227 227 ILE ILE A . n 
A 1 224 GLU 224 228 228 GLU GLU A . n 
A 1 225 ALA 225 229 229 ALA ALA A . n 
A 1 226 ALA 226 230 230 ALA ALA A . n 
A 1 227 ALA 227 231 231 ALA ALA A . n 
A 1 228 LEU 228 232 232 LEU LEU A . n 
A 1 229 GLU 229 233 ?   ?   ?   A . n 
A 1 230 HIS 230 234 ?   ?   ?   A . n 
A 1 231 HIS 231 235 ?   ?   ?   A . n 
A 1 232 HIS 232 236 ?   ?   ?   A . n 
A 1 233 HIS 233 237 ?   ?   ?   A . n 
A 1 234 HIS 234 238 ?   ?   ?   A . n 
A 1 235 HIS 235 239 ?   ?   ?   A . n 
# 
loop_
_software.name 
_software.classification 
_software.version 
_software.citation_id 
_software.pdbx_ordinal 
MOSFLM 'data reduction' .         ? 1 
SCALA  'data scaling'   .         ? 2 
SOLVE  phasing          .         ? 3 
CNS    refinement       1.1       ? 4 
CCP4   'data scaling'   '(SCALA)' ? 5 
# 
_cell.entry_id           1ZP2 
_cell.length_a           91.700 
_cell.length_b           91.700 
_cell.length_c           91.100 
_cell.angle_alpha        90.00 
_cell.angle_beta         90.00 
_cell.angle_gamma        120.00 
_cell.Z_PDB              6 
_cell.pdbx_unique_axis   ? 
# 
_symmetry.entry_id                         1ZP2 
_symmetry.space_group_name_H-M             'P 31 2 1' 
_symmetry.pdbx_full_space_group_name_H-M   ? 
_symmetry.cell_setting                     ? 
_symmetry.Int_Tables_number                152 
_symmetry.space_group_name_Hall            ? 
# 
_exptl.entry_id          1ZP2 
_exptl.method            'X-RAY DIFFRACTION' 
_exptl.crystals_number   1 
# 
_exptl_crystal.id                    1 
_exptl_crystal.density_meas          ? 
_exptl_crystal.density_Matthews      4.4 
_exptl_crystal.density_percent_sol   72 
_exptl_crystal.description           ? 
_exptl_crystal.F_000                 ? 
_exptl_crystal.preparation           ? 
# 
_exptl_crystal_grow.crystal_id      1 
_exptl_crystal_grow.method          'VAPOR DIFFUSION, HANGING DROP' 
_exptl_crystal_grow.temp            293 
_exptl_crystal_grow.temp_details    ? 
_exptl_crystal_grow.pH              6.5 
_exptl_crystal_grow.pdbx_details    
'sodium acetate, imidazole, PEG 400, Tris, sodium chloride, glycerol, DTT, pH 6.5, VAPOR DIFFUSION, HANGING DROP, temperature 293K' 
_exptl_crystal_grow.pdbx_pH_range   . 
# 
loop_
_diffrn.id 
_diffrn.ambient_temp 
_diffrn.ambient_temp_details 
_diffrn.crystal_id 
1   100 ? 1 
2   ?   ? 1 
1,2 ?   ? 1 
# 
_diffrn_detector.diffrn_id              1 
_diffrn_detector.detector               CCD 
_diffrn_detector.type                   MARRESEARCH 
_diffrn_detector.pdbx_collection_date   2003-11-16 
_diffrn_detector.details                ? 
# 
loop_
_diffrn_radiation.diffrn_id 
_diffrn_radiation.wavelength_id 
_diffrn_radiation.pdbx_monochromatic_or_laue_m_l 
_diffrn_radiation.monochromator 
_diffrn_radiation.pdbx_diffrn_protocol 
_diffrn_radiation.pdbx_scattering_type 
1 1 M 'Si 111' 'SINGLE WAVELENGTH' x-ray 
2 2 M 'Si 111' MAD                 x-ray 
# 
loop_
_diffrn_radiation_wavelength.id 
_diffrn_radiation_wavelength.wavelength 
_diffrn_radiation_wavelength.wt 
1 1.0725  1.0 
2 0.97977 1.0 
3 0.98004 1.0 
4 0.94927 1.0 
# 
loop_
_diffrn_source.diffrn_id 
_diffrn_source.source 
_diffrn_source.type 
_diffrn_source.pdbx_synchrotron_site 
_diffrn_source.pdbx_synchrotron_beamline 
_diffrn_source.pdbx_wavelength 
_diffrn_source.pdbx_wavelength_list 
1 SYNCHROTRON 'SLS BEAMLINE X06SA' SLS X06SA ? 1.0725                      
2 SYNCHROTRON 'SLS BEAMLINE X06SA' SLS X06SA ? '0.97977, 0.98004, 0.94927' 
# 
_reflns.entry_id                     1ZP2 
_reflns.observed_criterion_sigma_F   0 
_reflns.observed_criterion_sigma_I   0 
_reflns.d_resolution_high            3.0 
_reflns.d_resolution_low             20.0 
_reflns.number_all                   9161 
_reflns.number_obs                   9161 
_reflns.percent_possible_obs         99.4 
_reflns.pdbx_Rmerge_I_obs            ? 
_reflns.pdbx_Rsym_value              ? 
_reflns.pdbx_netI_over_sigmaI        ? 
_reflns.B_iso_Wilson_estimate        ? 
_reflns.pdbx_redundancy              ? 
_reflns.R_free_details               ? 
_reflns.limit_h_max                  ? 
_reflns.limit_h_min                  ? 
_reflns.limit_k_max                  ? 
_reflns.limit_k_min                  ? 
_reflns.limit_l_max                  ? 
_reflns.limit_l_min                  ? 
_reflns.observed_criterion_F_max     ? 
_reflns.observed_criterion_F_min     ? 
_reflns.pdbx_chi_squared             ? 
_reflns.pdbx_scaling_rejects         ? 
_reflns.pdbx_ordinal                 1 
_reflns.pdbx_diffrn_id               1,2 
# 
_reflns_shell.d_res_high             3.0 
_reflns_shell.d_res_low              3.16 
_reflns_shell.percent_possible_all   99.4 
_reflns_shell.Rmerge_I_obs           ? 
_reflns_shell.pdbx_Rsym_value        ? 
_reflns_shell.meanI_over_sigI_obs    ? 
_reflns_shell.pdbx_redundancy        ? 
_reflns_shell.percent_possible_obs   ? 
_reflns_shell.number_unique_all      ? 
_reflns_shell.number_measured_all    ? 
_reflns_shell.number_measured_obs    ? 
_reflns_shell.number_unique_obs      ? 
_reflns_shell.pdbx_chi_squared       ? 
_reflns_shell.pdbx_ordinal           1 
_reflns_shell.pdbx_diffrn_id         1,2 
# 
_refine.entry_id                                 1ZP2 
_refine.ls_d_res_high                            3.0 
_refine.ls_d_res_low                             20.0 
_refine.pdbx_ls_sigma_F                          0.0 
_refine.pdbx_ls_sigma_I                          ? 
_refine.ls_number_reflns_all                     9161 
_refine.ls_number_reflns_obs                     9131 
_refine.ls_number_reflns_R_free                  488 
_refine.ls_percent_reflns_obs                    ? 
_refine.ls_R_factor_all                          0.2904 
_refine.ls_R_factor_obs                          0.2904 
_refine.ls_R_factor_R_work                       0.2443 
_refine.ls_R_factor_R_free                       0.2882 
_refine.ls_redundancy_reflns_obs                 ? 
_refine.pdbx_data_cutoff_high_absF               ? 
_refine.pdbx_data_cutoff_low_absF                ? 
_refine.ls_number_parameters                     ? 
_refine.ls_number_restraints                     ? 
_refine.ls_percent_reflns_R_free                 ? 
_refine.ls_R_factor_R_free_error                 ? 
_refine.ls_R_factor_R_free_error_details         ? 
_refine.pdbx_method_to_determine_struct          MAD 
_refine.pdbx_starting_model                      ? 
_refine.pdbx_ls_cross_valid_method               ? 
_refine.pdbx_R_Free_selection_details            RANDOM 
_refine.pdbx_stereochem_target_val_spec_case     ? 
_refine.pdbx_stereochemistry_target_values       'Engh & Huber' 
_refine.solvent_model_details                    ? 
_refine.solvent_model_param_bsol                 ? 
_refine.solvent_model_param_ksol                 ? 
_refine.occupancy_max                            ? 
_refine.occupancy_min                            ? 
_refine.pdbx_isotropic_thermal_model             ? 
_refine.B_iso_mean                               ? 
_refine.aniso_B[1][1]                            ? 
_refine.aniso_B[1][2]                            ? 
_refine.aniso_B[1][3]                            ? 
_refine.aniso_B[2][2]                            ? 
_refine.aniso_B[2][3]                            ? 
_refine.aniso_B[3][3]                            ? 
_refine.details                                  ? 
_refine.B_iso_min                                ? 
_refine.B_iso_max                                ? 
_refine.correlation_coeff_Fo_to_Fc               ? 
_refine.correlation_coeff_Fo_to_Fc_free          ? 
_refine.pdbx_solvent_vdw_probe_radii             ? 
_refine.pdbx_solvent_ion_probe_radii             ? 
_refine.pdbx_solvent_shrinkage_radii             ? 
_refine.overall_SU_R_Cruickshank_DPI             ? 
_refine.overall_SU_R_free                        ? 
_refine.overall_SU_ML                            ? 
_refine.overall_SU_B                             ? 
_refine.pdbx_overall_ESU_R_Free                  ? 
_refine.pdbx_data_cutoff_high_rms_absF           ? 
_refine.pdbx_overall_ESU_R                       ? 
_refine.ls_wR_factor_R_free                      ? 
_refine.ls_wR_factor_R_work                      ? 
_refine.overall_FOM_free_R_set                   ? 
_refine.overall_FOM_work_R_set                   ? 
_refine.pdbx_refine_id                           'X-RAY DIFFRACTION' 
_refine.pdbx_diffrn_id                           1 
_refine.pdbx_TLS_residual_ADP_flag               ? 
_refine.pdbx_overall_phase_error                 ? 
_refine.pdbx_overall_SU_R_free_Cruickshank_DPI   ? 
_refine.pdbx_overall_SU_R_Blow_DPI               ? 
_refine.pdbx_overall_SU_R_free_Blow_DPI          ? 
# 
_refine_hist.pdbx_refine_id                   'X-RAY DIFFRACTION' 
_refine_hist.cycle_id                         LAST 
_refine_hist.pdbx_number_atoms_protein        1823 
_refine_hist.pdbx_number_atoms_nucleic_acid   0 
_refine_hist.pdbx_number_atoms_ligand         0 
_refine_hist.number_atoms_solvent             0 
_refine_hist.number_atoms_total               1823 
_refine_hist.d_res_high                       3.0 
_refine_hist.d_res_low                        20.0 
# 
loop_
_refine_ls_restr.type 
_refine_ls_restr.dev_ideal 
_refine_ls_restr.dev_ideal_target 
_refine_ls_restr.weight 
_refine_ls_restr.number 
_refine_ls_restr.pdbx_refine_id 
_refine_ls_restr.pdbx_restraint_function 
c_angle_deg 1.30123  ? ? ? 'X-RAY DIFFRACTION' ? 
c_bond_d    0.008243 ? ? ? 'X-RAY DIFFRACTION' ? 
# 
_struct.entry_id                  1ZP2 
_struct.title                     'Structure of the Mediator subunit cyclin C' 
_struct.pdbx_model_details        ? 
_struct.pdbx_CASP_flag            ? 
_struct.pdbx_model_type_details   ? 
# 
_struct_keywords.entry_id        1ZP2 
_struct_keywords.pdbx_keywords   'Transcription/Cell Cycle' 
_struct_keywords.text            'cyclin repeat domains, Transcription-Cell Cycle COMPLEX' 
# 
_struct_asym.id                            A 
_struct_asym.pdbx_blank_PDB_chainid_flag   N 
_struct_asym.pdbx_modified                 N 
_struct_asym.entity_id                     1 
_struct_asym.details                       ? 
# 
_struct_ref.id                         1 
_struct_ref.db_name                    UNP 
_struct_ref.db_code                    SRB11_SCHPO 
_struct_ref.pdbx_db_accession          O94503 
_struct_ref.entity_id                  1 
_struct_ref.pdbx_seq_one_letter_code   
;YWASSQLTQLFLSTDLESLEPTCLSKDTIYQWKVVQTFGDRLRLRQRVLATAIVLLRRYMLKKNEEKGFSLEALVATCIY
LSCKVEECPVHIRTICNEANDLWSLKVKLSRSNISEIEFEIISVLDAFLIVHHPYTSLEQAFHDGIINQKQLEFAWSIVN
DSYASSLCLMAHPHQLAYAALLISCCNDENTIPKLLDLIKSTDAFKVILCVQRIISIYYFEDIE
;
_struct_ref.pdbx_align_begin           5 
_struct_ref.pdbx_db_isoform            ? 
# 
_struct_ref_seq.align_id                      1 
_struct_ref_seq.ref_id                        1 
_struct_ref_seq.pdbx_PDB_id_code              1ZP2 
_struct_ref_seq.pdbx_strand_id                A 
_struct_ref_seq.seq_align_beg                 1 
_struct_ref_seq.pdbx_seq_align_beg_ins_code   ? 
_struct_ref_seq.seq_align_end                 224 
_struct_ref_seq.pdbx_seq_align_end_ins_code   ? 
_struct_ref_seq.pdbx_db_accession             O94503 
_struct_ref_seq.db_align_beg                  5 
_struct_ref_seq.pdbx_db_align_beg_ins_code    ? 
_struct_ref_seq.db_align_end                  228 
_struct_ref_seq.pdbx_db_align_end_ins_code    ? 
_struct_ref_seq.pdbx_auth_seq_align_beg       5 
_struct_ref_seq.pdbx_auth_seq_align_end       228 
# 
loop_
_struct_ref_seq_dif.align_id 
_struct_ref_seq_dif.pdbx_pdb_id_code 
_struct_ref_seq_dif.mon_id 
_struct_ref_seq_dif.pdbx_pdb_strand_id 
_struct_ref_seq_dif.seq_num 
_struct_ref_seq_dif.pdbx_pdb_ins_code 
_struct_ref_seq_dif.pdbx_seq_db_name 
_struct_ref_seq_dif.pdbx_seq_db_accession_code 
_struct_ref_seq_dif.db_mon_id 
_struct_ref_seq_dif.pdbx_seq_db_seq_num 
_struct_ref_seq_dif.details 
_struct_ref_seq_dif.pdbx_auth_seq_num 
_struct_ref_seq_dif.pdbx_ordinal 
1 1ZP2 ALA A 225 ? UNP O94503 ? ? 'cloning artifact' 229 1  
1 1ZP2 ALA A 226 ? UNP O94503 ? ? 'cloning artifact' 230 2  
1 1ZP2 ALA A 227 ? UNP O94503 ? ? 'cloning artifact' 231 3  
1 1ZP2 LEU A 228 ? UNP O94503 ? ? 'cloning artifact' 232 4  
1 1ZP2 GLU A 229 ? UNP O94503 ? ? 'cloning artifact' 233 5  
1 1ZP2 HIS A 230 ? UNP O94503 ? ? 'expression tag'   234 6  
1 1ZP2 HIS A 231 ? UNP O94503 ? ? 'expression tag'   235 7  
1 1ZP2 HIS A 232 ? UNP O94503 ? ? 'expression tag'   236 8  
1 1ZP2 HIS A 233 ? UNP O94503 ? ? 'expression tag'   237 9  
1 1ZP2 HIS A 234 ? UNP O94503 ? ? 'expression tag'   238 10 
1 1ZP2 HIS A 235 ? UNP O94503 ? ? 'expression tag'   239 11 
# 
loop_
_pdbx_struct_assembly.id 
_pdbx_struct_assembly.details 
_pdbx_struct_assembly.method_details 
_pdbx_struct_assembly.oligomeric_details 
_pdbx_struct_assembly.oligomeric_count 
1 author_defined_assembly   ?        monomeric 1 
2 software_defined_assembly PISA,PQS dimeric   2 
# 
loop_
_pdbx_struct_assembly_prop.biol_id 
_pdbx_struct_assembly_prop.type 
_pdbx_struct_assembly_prop.value 
_pdbx_struct_assembly_prop.details 
2 'ABSA (A^2)' 3460  ? 
2 MORE         -24   ? 
2 'SSA (A^2)'  23180 ? 
# 
loop_
_pdbx_struct_assembly_gen.assembly_id 
_pdbx_struct_assembly_gen.oper_expression 
_pdbx_struct_assembly_gen.asym_id_list 
1 1   A 
2 1,2 A 
# 
loop_
_pdbx_struct_oper_list.id 
_pdbx_struct_oper_list.type 
_pdbx_struct_oper_list.name 
_pdbx_struct_oper_list.symmetry_operation 
_pdbx_struct_oper_list.matrix[1][1] 
_pdbx_struct_oper_list.matrix[1][2] 
_pdbx_struct_oper_list.matrix[1][3] 
_pdbx_struct_oper_list.vector[1] 
_pdbx_struct_oper_list.matrix[2][1] 
_pdbx_struct_oper_list.matrix[2][2] 
_pdbx_struct_oper_list.matrix[2][3] 
_pdbx_struct_oper_list.vector[2] 
_pdbx_struct_oper_list.matrix[3][1] 
_pdbx_struct_oper_list.matrix[3][2] 
_pdbx_struct_oper_list.matrix[3][3] 
_pdbx_struct_oper_list.vector[3] 
1 'identity operation'         1_555 x,y,z              1.0000000000  0.0000000000  0.0000000000 0.0000000000  0.0000000000  1.0000000000 0.0000000000  0.0000000000  0.0000000000 0.0000000000  1.0000000000  0.0000000000  
2 'crystal symmetry operation' 6_765 -x+2,-x+y+1,-z+1/3 -0.9415054289 -0.2786329342 0.1895553094 25.0546549215 -0.2786329342 0.3272396149 -0.9029274181 20.0151389235 0.1895553094 -0.9029274181 -0.3857341860 21.6892663439 
# 
_struct_biol.id                    1 
_struct_biol.details               'The biological assembly is a monomer' 
_struct_biol.pdbx_parent_biol_id   ? 
# 
loop_
_struct_conf.conf_type_id 
_struct_conf.id 
_struct_conf.pdbx_PDB_helix_id 
_struct_conf.beg_label_comp_id 
_struct_conf.beg_label_asym_id 
_struct_conf.beg_label_seq_id 
_struct_conf.pdbx_beg_PDB_ins_code 
_struct_conf.end_label_comp_id 
_struct_conf.end_label_asym_id 
_struct_conf.end_label_seq_id 
_struct_conf.pdbx_end_PDB_ins_code 
_struct_conf.beg_auth_comp_id 
_struct_conf.beg_auth_asym_id 
_struct_conf.beg_auth_seq_id 
_struct_conf.end_auth_comp_id 
_struct_conf.end_auth_asym_id 
_struct_conf.end_auth_seq_id 
_struct_conf.pdbx_PDB_helix_class 
_struct_conf.details 
_struct_conf.pdbx_PDB_helix_length 
HELX_P HELX_P1  1  SER A 4   ? LEU A 12  ? SER A 8   LEU A 16  5 ? 9  
HELX_P HELX_P2  2  SER A 25  ? LEU A 42  ? SER A 29  LEU A 46  1 ? 18 
HELX_P HELX_P3  3  ARG A 45  ? LYS A 63  ? ARG A 49  LYS A 67  1 ? 19 
HELX_P HELX_P4  4  SER A 70  ? GLU A 86  ? SER A 74  GLU A 90  1 ? 17 
HELX_P HELX_P5  5  HIS A 91  ? ASP A 101 ? HIS A 95  ASP A 105 1 ? 11 
HELX_P HELX_P6  6  SER A 110 ? LEU A 125 ? SER A 114 LEU A 129 1 ? 16 
HELX_P HELX_P7  7  PRO A 134 ? ASP A 144 ? PRO A 138 ASP A 148 1 ? 11 
HELX_P HELX_P8  8  ASN A 148 ? TYR A 163 ? ASN A 152 TYR A 167 1 ? 16 
HELX_P HELX_P9  9  ALA A 164 ? SER A 165 ? ALA A 168 SER A 169 5 ? 2  
HELX_P HELX_P10 10 SER A 166 ? MET A 170 ? SER A 170 MET A 174 5 ? 5  
HELX_P HELX_P11 11 HIS A 172 ? CYS A 186 ? HIS A 176 CYS A 190 1 ? 15 
HELX_P HELX_P12 12 ASN A 190 ? ILE A 199 ? ASN A 194 ILE A 203 1 ? 10 
HELX_P HELX_P13 13 LYS A 200 ? TYR A 219 ? LYS A 204 TYR A 223 1 ? 20 
HELX_P HELX_P14 14 ASP A 222 ? ALA A 227 ? ASP A 226 ALA A 231 1 ? 6  
# 
_struct_conf_type.id          HELX_P 
_struct_conf_type.criteria    ? 
_struct_conf_type.reference   ? 
# 
loop_
_pdbx_validate_rmsd_angle.id 
_pdbx_validate_rmsd_angle.PDB_model_num 
_pdbx_validate_rmsd_angle.auth_atom_id_1 
_pdbx_validate_rmsd_angle.auth_asym_id_1 
_pdbx_validate_rmsd_angle.auth_comp_id_1 
_pdbx_validate_rmsd_angle.auth_seq_id_1 
_pdbx_validate_rmsd_angle.PDB_ins_code_1 
_pdbx_validate_rmsd_angle.label_alt_id_1 
_pdbx_validate_rmsd_angle.auth_atom_id_2 
_pdbx_validate_rmsd_angle.auth_asym_id_2 
_pdbx_validate_rmsd_angle.auth_comp_id_2 
_pdbx_validate_rmsd_angle.auth_seq_id_2 
_pdbx_validate_rmsd_angle.PDB_ins_code_2 
_pdbx_validate_rmsd_angle.label_alt_id_2 
_pdbx_validate_rmsd_angle.auth_atom_id_3 
_pdbx_validate_rmsd_angle.auth_asym_id_3 
_pdbx_validate_rmsd_angle.auth_comp_id_3 
_pdbx_validate_rmsd_angle.auth_seq_id_3 
_pdbx_validate_rmsd_angle.PDB_ins_code_3 
_pdbx_validate_rmsd_angle.label_alt_id_3 
_pdbx_validate_rmsd_angle.angle_value 
_pdbx_validate_rmsd_angle.angle_target_value 
_pdbx_validate_rmsd_angle.angle_deviation 
_pdbx_validate_rmsd_angle.angle_standard_deviation 
_pdbx_validate_rmsd_angle.linker_flag 
1 1 C A GLU 24 ? ? N A PRO 25 ? ? CA A PRO 25 ? ? 133.98 119.30 14.68  1.50 Y 
2 1 C A GLU 24 ? ? N A PRO 25 ? ? CD A PRO 25 ? ? 110.83 128.40 -17.57 2.10 Y 
# 
loop_
_pdbx_validate_torsion.id 
_pdbx_validate_torsion.PDB_model_num 
_pdbx_validate_torsion.auth_comp_id 
_pdbx_validate_torsion.auth_asym_id 
_pdbx_validate_torsion.auth_seq_id 
_pdbx_validate_torsion.PDB_ins_code 
_pdbx_validate_torsion.label_alt_id 
_pdbx_validate_torsion.phi 
_pdbx_validate_torsion.psi 
1  1 THR A 18  ? ? 68.58   -10.24  
2  1 LEU A 20  ? ? 58.08   -171.92 
3  1 GLU A 24  ? ? 53.84   119.56  
4  1 PRO A 25  ? ? -1.42   156.51  
5  1 THR A 26  ? ? -102.32 61.41   
6  1 THR A 41  ? ? -53.72  -71.41  
7  1 ARG A 47  ? ? 35.06   59.39   
8  1 GLU A 70  ? ? -31.35  124.48  
9  1 GLU A 90  ? ? -67.04  13.83   
10 1 HIS A 95  ? ? -31.13  132.11  
11 1 ASN A 101 ? ? -58.59  -73.63  
12 1 ALA A 131 ? ? 55.50   6.89    
13 1 ALA A 208 ? ? -21.68  -64.12  
14 1 PHE A 224 ? ? -150.36 10.77   
15 1 GLU A 225 ? ? -142.04 -7.31   
# 
loop_
_pdbx_unobs_or_zero_occ_residues.id 
_pdbx_unobs_or_zero_occ_residues.PDB_model_num 
_pdbx_unobs_or_zero_occ_residues.polymer_flag 
_pdbx_unobs_or_zero_occ_residues.occupancy_flag 
_pdbx_unobs_or_zero_occ_residues.auth_asym_id 
_pdbx_unobs_or_zero_occ_residues.auth_comp_id 
_pdbx_unobs_or_zero_occ_residues.auth_seq_id 
_pdbx_unobs_or_zero_occ_residues.PDB_ins_code 
_pdbx_unobs_or_zero_occ_residues.label_asym_id 
_pdbx_unobs_or_zero_occ_residues.label_comp_id 
_pdbx_unobs_or_zero_occ_residues.label_seq_id 
1 1 Y 1 A TYR 5   ? A TYR 1   
2 1 Y 1 A GLU 233 ? A GLU 229 
3 1 Y 1 A HIS 234 ? A HIS 230 
4 1 Y 1 A HIS 235 ? A HIS 231 
5 1 Y 1 A HIS 236 ? A HIS 232 
6 1 Y 1 A HIS 237 ? A HIS 233 
7 1 Y 1 A HIS 238 ? A HIS 234 
8 1 Y 1 A HIS 239 ? A HIS 235 
# 
loop_
_chem_comp_atom.comp_id 
_chem_comp_atom.atom_id 
_chem_comp_atom.type_symbol 
_chem_comp_atom.pdbx_aromatic_flag 
_chem_comp_atom.pdbx_stereo_config 
_chem_comp_atom.pdbx_ordinal 
ALA N    N N N 1   
ALA CA   C N S 2   
ALA C    C N N 3   
ALA O    O N N 4   
ALA CB   C N N 5   
ALA OXT  O N N 6   
ALA H    H N N 7   
ALA H2   H N N 8   
ALA HA   H N N 9   
ALA HB1  H N N 10  
ALA HB2  H N N 11  
ALA HB3  H N N 12  
ALA HXT  H N N 13  
ARG N    N N N 14  
ARG CA   C N S 15  
ARG C    C N N 16  
ARG O    O N N 17  
ARG CB   C N N 18  
ARG CG   C N N 19  
ARG CD   C N N 20  
ARG NE   N N N 21  
ARG CZ   C N N 22  
ARG NH1  N N N 23  
ARG NH2  N N N 24  
ARG OXT  O N N 25  
ARG H    H N N 26  
ARG H2   H N N 27  
ARG HA   H N N 28  
ARG HB2  H N N 29  
ARG HB3  H N N 30  
ARG HG2  H N N 31  
ARG HG3  H N N 32  
ARG HD2  H N N 33  
ARG HD3  H N N 34  
ARG HE   H N N 35  
ARG HH11 H N N 36  
ARG HH12 H N N 37  
ARG HH21 H N N 38  
ARG HH22 H N N 39  
ARG HXT  H N N 40  
ASN N    N N N 41  
ASN CA   C N S 42  
ASN C    C N N 43  
ASN O    O N N 44  
ASN CB   C N N 45  
ASN CG   C N N 46  
ASN OD1  O N N 47  
ASN ND2  N N N 48  
ASN OXT  O N N 49  
ASN H    H N N 50  
ASN H2   H N N 51  
ASN HA   H N N 52  
ASN HB2  H N N 53  
ASN HB3  H N N 54  
ASN HD21 H N N 55  
ASN HD22 H N N 56  
ASN HXT  H N N 57  
ASP N    N N N 58  
ASP CA   C N S 59  
ASP C    C N N 60  
ASP O    O N N 61  
ASP CB   C N N 62  
ASP CG   C N N 63  
ASP OD1  O N N 64  
ASP OD2  O N N 65  
ASP OXT  O N N 66  
ASP H    H N N 67  
ASP H2   H N N 68  
ASP HA   H N N 69  
ASP HB2  H N N 70  
ASP HB3  H N N 71  
ASP HD2  H N N 72  
ASP HXT  H N N 73  
CYS N    N N N 74  
CYS CA   C N R 75  
CYS C    C N N 76  
CYS O    O N N 77  
CYS CB   C N N 78  
CYS SG   S N N 79  
CYS OXT  O N N 80  
CYS H    H N N 81  
CYS H2   H N N 82  
CYS HA   H N N 83  
CYS HB2  H N N 84  
CYS HB3  H N N 85  
CYS HG   H N N 86  
CYS HXT  H N N 87  
GLN N    N N N 88  
GLN CA   C N S 89  
GLN C    C N N 90  
GLN O    O N N 91  
GLN CB   C N N 92  
GLN CG   C N N 93  
GLN CD   C N N 94  
GLN OE1  O N N 95  
GLN NE2  N N N 96  
GLN OXT  O N N 97  
GLN H    H N N 98  
GLN H2   H N N 99  
GLN HA   H N N 100 
GLN HB2  H N N 101 
GLN HB3  H N N 102 
GLN HG2  H N N 103 
GLN HG3  H N N 104 
GLN HE21 H N N 105 
GLN HE22 H N N 106 
GLN HXT  H N N 107 
GLU N    N N N 108 
GLU CA   C N S 109 
GLU C    C N N 110 
GLU O    O N N 111 
GLU CB   C N N 112 
GLU CG   C N N 113 
GLU CD   C N N 114 
GLU OE1  O N N 115 
GLU OE2  O N N 116 
GLU OXT  O N N 117 
GLU H    H N N 118 
GLU H2   H N N 119 
GLU HA   H N N 120 
GLU HB2  H N N 121 
GLU HB3  H N N 122 
GLU HG2  H N N 123 
GLU HG3  H N N 124 
GLU HE2  H N N 125 
GLU HXT  H N N 126 
GLY N    N N N 127 
GLY CA   C N N 128 
GLY C    C N N 129 
GLY O    O N N 130 
GLY OXT  O N N 131 
GLY H    H N N 132 
GLY H2   H N N 133 
GLY HA2  H N N 134 
GLY HA3  H N N 135 
GLY HXT  H N N 136 
HIS N    N N N 137 
HIS CA   C N S 138 
HIS C    C N N 139 
HIS O    O N N 140 
HIS CB   C N N 141 
HIS CG   C Y N 142 
HIS ND1  N Y N 143 
HIS CD2  C Y N 144 
HIS CE1  C Y N 145 
HIS NE2  N Y N 146 
HIS OXT  O N N 147 
HIS H    H N N 148 
HIS H2   H N N 149 
HIS HA   H N N 150 
HIS HB2  H N N 151 
HIS HB3  H N N 152 
HIS HD1  H N N 153 
HIS HD2  H N N 154 
HIS HE1  H N N 155 
HIS HE2  H N N 156 
HIS HXT  H N N 157 
ILE N    N N N 158 
ILE CA   C N S 159 
ILE C    C N N 160 
ILE O    O N N 161 
ILE CB   C N S 162 
ILE CG1  C N N 163 
ILE CG2  C N N 164 
ILE CD1  C N N 165 
ILE OXT  O N N 166 
ILE H    H N N 167 
ILE H2   H N N 168 
ILE HA   H N N 169 
ILE HB   H N N 170 
ILE HG12 H N N 171 
ILE HG13 H N N 172 
ILE HG21 H N N 173 
ILE HG22 H N N 174 
ILE HG23 H N N 175 
ILE HD11 H N N 176 
ILE HD12 H N N 177 
ILE HD13 H N N 178 
ILE HXT  H N N 179 
LEU N    N N N 180 
LEU CA   C N S 181 
LEU C    C N N 182 
LEU O    O N N 183 
LEU CB   C N N 184 
LEU CG   C N N 185 
LEU CD1  C N N 186 
LEU CD2  C N N 187 
LEU OXT  O N N 188 
LEU H    H N N 189 
LEU H2   H N N 190 
LEU HA   H N N 191 
LEU HB2  H N N 192 
LEU HB3  H N N 193 
LEU HG   H N N 194 
LEU HD11 H N N 195 
LEU HD12 H N N 196 
LEU HD13 H N N 197 
LEU HD21 H N N 198 
LEU HD22 H N N 199 
LEU HD23 H N N 200 
LEU HXT  H N N 201 
LYS N    N N N 202 
LYS CA   C N S 203 
LYS C    C N N 204 
LYS O    O N N 205 
LYS CB   C N N 206 
LYS CG   C N N 207 
LYS CD   C N N 208 
LYS CE   C N N 209 
LYS NZ   N N N 210 
LYS OXT  O N N 211 
LYS H    H N N 212 
LYS H2   H N N 213 
LYS HA   H N N 214 
LYS HB2  H N N 215 
LYS HB3  H N N 216 
LYS HG2  H N N 217 
LYS HG3  H N N 218 
LYS HD2  H N N 219 
LYS HD3  H N N 220 
LYS HE2  H N N 221 
LYS HE3  H N N 222 
LYS HZ1  H N N 223 
LYS HZ2  H N N 224 
LYS HZ3  H N N 225 
LYS HXT  H N N 226 
MET N    N N N 227 
MET CA   C N S 228 
MET C    C N N 229 
MET O    O N N 230 
MET CB   C N N 231 
MET CG   C N N 232 
MET SD   S N N 233 
MET CE   C N N 234 
MET OXT  O N N 235 
MET H    H N N 236 
MET H2   H N N 237 
MET HA   H N N 238 
MET HB2  H N N 239 
MET HB3  H N N 240 
MET HG2  H N N 241 
MET HG3  H N N 242 
MET HE1  H N N 243 
MET HE2  H N N 244 
MET HE3  H N N 245 
MET HXT  H N N 246 
PHE N    N N N 247 
PHE CA   C N S 248 
PHE C    C N N 249 
PHE O    O N N 250 
PHE CB   C N N 251 
PHE CG   C Y N 252 
PHE CD1  C Y N 253 
PHE CD2  C Y N 254 
PHE CE1  C Y N 255 
PHE CE2  C Y N 256 
PHE CZ   C Y N 257 
PHE OXT  O N N 258 
PHE H    H N N 259 
PHE H2   H N N 260 
PHE HA   H N N 261 
PHE HB2  H N N 262 
PHE HB3  H N N 263 
PHE HD1  H N N 264 
PHE HD2  H N N 265 
PHE HE1  H N N 266 
PHE HE2  H N N 267 
PHE HZ   H N N 268 
PHE HXT  H N N 269 
PRO N    N N N 270 
PRO CA   C N S 271 
PRO C    C N N 272 
PRO O    O N N 273 
PRO CB   C N N 274 
PRO CG   C N N 275 
PRO CD   C N N 276 
PRO OXT  O N N 277 
PRO H    H N N 278 
PRO HA   H N N 279 
PRO HB2  H N N 280 
PRO HB3  H N N 281 
PRO HG2  H N N 282 
PRO HG3  H N N 283 
PRO HD2  H N N 284 
PRO HD3  H N N 285 
PRO HXT  H N N 286 
SER N    N N N 287 
SER CA   C N S 288 
SER C    C N N 289 
SER O    O N N 290 
SER CB   C N N 291 
SER OG   O N N 292 
SER OXT  O N N 293 
SER H    H N N 294 
SER H2   H N N 295 
SER HA   H N N 296 
SER HB2  H N N 297 
SER HB3  H N N 298 
SER HG   H N N 299 
SER HXT  H N N 300 
THR N    N N N 301 
THR CA   C N S 302 
THR C    C N N 303 
THR O    O N N 304 
THR CB   C N R 305 
THR OG1  O N N 306 
THR CG2  C N N 307 
THR OXT  O N N 308 
THR H    H N N 309 
THR H2   H N N 310 
THR HA   H N N 311 
THR HB   H N N 312 
THR HG1  H N N 313 
THR HG21 H N N 314 
THR HG22 H N N 315 
THR HG23 H N N 316 
THR HXT  H N N 317 
TRP N    N N N 318 
TRP CA   C N S 319 
TRP C    C N N 320 
TRP O    O N N 321 
TRP CB   C N N 322 
TRP CG   C Y N 323 
TRP CD1  C Y N 324 
TRP CD2  C Y N 325 
TRP NE1  N Y N 326 
TRP CE2  C Y N 327 
TRP CE3  C Y N 328 
TRP CZ2  C Y N 329 
TRP CZ3  C Y N 330 
TRP CH2  C Y N 331 
TRP OXT  O N N 332 
TRP H    H N N 333 
TRP H2   H N N 334 
TRP HA   H N N 335 
TRP HB2  H N N 336 
TRP HB3  H N N 337 
TRP HD1  H N N 338 
TRP HE1  H N N 339 
TRP HE3  H N N 340 
TRP HZ2  H N N 341 
TRP HZ3  H N N 342 
TRP HH2  H N N 343 
TRP HXT  H N N 344 
TYR N    N N N 345 
TYR CA   C N S 346 
TYR C    C N N 347 
TYR O    O N N 348 
TYR CB   C N N 349 
TYR CG   C Y N 350 
TYR CD1  C Y N 351 
TYR CD2  C Y N 352 
TYR CE1  C Y N 353 
TYR CE2  C Y N 354 
TYR CZ   C Y N 355 
TYR OH   O N N 356 
TYR OXT  O N N 357 
TYR H    H N N 358 
TYR H2   H N N 359 
TYR HA   H N N 360 
TYR HB2  H N N 361 
TYR HB3  H N N 362 
TYR HD1  H N N 363 
TYR HD2  H N N 364 
TYR HE1  H N N 365 
TYR HE2  H N N 366 
TYR HH   H N N 367 
TYR HXT  H N N 368 
VAL N    N N N 369 
VAL CA   C N S 370 
VAL C    C N N 371 
VAL O    O N N 372 
VAL CB   C N N 373 
VAL CG1  C N N 374 
VAL CG2  C N N 375 
VAL OXT  O N N 376 
VAL H    H N N 377 
VAL H2   H N N 378 
VAL HA   H N N 379 
VAL HB   H N N 380 
VAL HG11 H N N 381 
VAL HG12 H N N 382 
VAL HG13 H N N 383 
VAL HG21 H N N 384 
VAL HG22 H N N 385 
VAL HG23 H N N 386 
VAL HXT  H N N 387 
# 
loop_
_chem_comp_bond.comp_id 
_chem_comp_bond.atom_id_1 
_chem_comp_bond.atom_id_2 
_chem_comp_bond.value_order 
_chem_comp_bond.pdbx_aromatic_flag 
_chem_comp_bond.pdbx_stereo_config 
_chem_comp_bond.pdbx_ordinal 
ALA N   CA   sing N N 1   
ALA N   H    sing N N 2   
ALA N   H2   sing N N 3   
ALA CA  C    sing N N 4   
ALA CA  CB   sing N N 5   
ALA CA  HA   sing N N 6   
ALA C   O    doub N N 7   
ALA C   OXT  sing N N 8   
ALA CB  HB1  sing N N 9   
ALA CB  HB2  sing N N 10  
ALA CB  HB3  sing N N 11  
ALA OXT HXT  sing N N 12  
ARG N   CA   sing N N 13  
ARG N   H    sing N N 14  
ARG N   H2   sing N N 15  
ARG CA  C    sing N N 16  
ARG CA  CB   sing N N 17  
ARG CA  HA   sing N N 18  
ARG C   O    doub N N 19  
ARG C   OXT  sing N N 20  
ARG CB  CG   sing N N 21  
ARG CB  HB2  sing N N 22  
ARG CB  HB3  sing N N 23  
ARG CG  CD   sing N N 24  
ARG CG  HG2  sing N N 25  
ARG CG  HG3  sing N N 26  
ARG CD  NE   sing N N 27  
ARG CD  HD2  sing N N 28  
ARG CD  HD3  sing N N 29  
ARG NE  CZ   sing N N 30  
ARG NE  HE   sing N N 31  
ARG CZ  NH1  sing N N 32  
ARG CZ  NH2  doub N N 33  
ARG NH1 HH11 sing N N 34  
ARG NH1 HH12 sing N N 35  
ARG NH2 HH21 sing N N 36  
ARG NH2 HH22 sing N N 37  
ARG OXT HXT  sing N N 38  
ASN N   CA   sing N N 39  
ASN N   H    sing N N 40  
ASN N   H2   sing N N 41  
ASN CA  C    sing N N 42  
ASN CA  CB   sing N N 43  
ASN CA  HA   sing N N 44  
ASN C   O    doub N N 45  
ASN C   OXT  sing N N 46  
ASN CB  CG   sing N N 47  
ASN CB  HB2  sing N N 48  
ASN CB  HB3  sing N N 49  
ASN CG  OD1  doub N N 50  
ASN CG  ND2  sing N N 51  
ASN ND2 HD21 sing N N 52  
ASN ND2 HD22 sing N N 53  
ASN OXT HXT  sing N N 54  
ASP N   CA   sing N N 55  
ASP N   H    sing N N 56  
ASP N   H2   sing N N 57  
ASP CA  C    sing N N 58  
ASP CA  CB   sing N N 59  
ASP CA  HA   sing N N 60  
ASP C   O    doub N N 61  
ASP C   OXT  sing N N 62  
ASP CB  CG   sing N N 63  
ASP CB  HB2  sing N N 64  
ASP CB  HB3  sing N N 65  
ASP CG  OD1  doub N N 66  
ASP CG  OD2  sing N N 67  
ASP OD2 HD2  sing N N 68  
ASP OXT HXT  sing N N 69  
CYS N   CA   sing N N 70  
CYS N   H    sing N N 71  
CYS N   H2   sing N N 72  
CYS CA  C    sing N N 73  
CYS CA  CB   sing N N 74  
CYS CA  HA   sing N N 75  
CYS C   O    doub N N 76  
CYS C   OXT  sing N N 77  
CYS CB  SG   sing N N 78  
CYS CB  HB2  sing N N 79  
CYS CB  HB3  sing N N 80  
CYS SG  HG   sing N N 81  
CYS OXT HXT  sing N N 82  
GLN N   CA   sing N N 83  
GLN N   H    sing N N 84  
GLN N   H2   sing N N 85  
GLN CA  C    sing N N 86  
GLN CA  CB   sing N N 87  
GLN CA  HA   sing N N 88  
GLN C   O    doub N N 89  
GLN C   OXT  sing N N 90  
GLN CB  CG   sing N N 91  
GLN CB  HB2  sing N N 92  
GLN CB  HB3  sing N N 93  
GLN CG  CD   sing N N 94  
GLN CG  HG2  sing N N 95  
GLN CG  HG3  sing N N 96  
GLN CD  OE1  doub N N 97  
GLN CD  NE2  sing N N 98  
GLN NE2 HE21 sing N N 99  
GLN NE2 HE22 sing N N 100 
GLN OXT HXT  sing N N 101 
GLU N   CA   sing N N 102 
GLU N   H    sing N N 103 
GLU N   H2   sing N N 104 
GLU CA  C    sing N N 105 
GLU CA  CB   sing N N 106 
GLU CA  HA   sing N N 107 
GLU C   O    doub N N 108 
GLU C   OXT  sing N N 109 
GLU CB  CG   sing N N 110 
GLU CB  HB2  sing N N 111 
GLU CB  HB3  sing N N 112 
GLU CG  CD   sing N N 113 
GLU CG  HG2  sing N N 114 
GLU CG  HG3  sing N N 115 
GLU CD  OE1  doub N N 116 
GLU CD  OE2  sing N N 117 
GLU OE2 HE2  sing N N 118 
GLU OXT HXT  sing N N 119 
GLY N   CA   sing N N 120 
GLY N   H    sing N N 121 
GLY N   H2   sing N N 122 
GLY CA  C    sing N N 123 
GLY CA  HA2  sing N N 124 
GLY CA  HA3  sing N N 125 
GLY C   O    doub N N 126 
GLY C   OXT  sing N N 127 
GLY OXT HXT  sing N N 128 
HIS N   CA   sing N N 129 
HIS N   H    sing N N 130 
HIS N   H2   sing N N 131 
HIS CA  C    sing N N 132 
HIS CA  CB   sing N N 133 
HIS CA  HA   sing N N 134 
HIS C   O    doub N N 135 
HIS C   OXT  sing N N 136 
HIS CB  CG   sing N N 137 
HIS CB  HB2  sing N N 138 
HIS CB  HB3  sing N N 139 
HIS CG  ND1  sing Y N 140 
HIS CG  CD2  doub Y N 141 
HIS ND1 CE1  doub Y N 142 
HIS ND1 HD1  sing N N 143 
HIS CD2 NE2  sing Y N 144 
HIS CD2 HD2  sing N N 145 
HIS CE1 NE2  sing Y N 146 
HIS CE1 HE1  sing N N 147 
HIS NE2 HE2  sing N N 148 
HIS OXT HXT  sing N N 149 
ILE N   CA   sing N N 150 
ILE N   H    sing N N 151 
ILE N   H2   sing N N 152 
ILE CA  C    sing N N 153 
ILE CA  CB   sing N N 154 
ILE CA  HA   sing N N 155 
ILE C   O    doub N N 156 
ILE C   OXT  sing N N 157 
ILE CB  CG1  sing N N 158 
ILE CB  CG2  sing N N 159 
ILE CB  HB   sing N N 160 
ILE CG1 CD1  sing N N 161 
ILE CG1 HG12 sing N N 162 
ILE CG1 HG13 sing N N 163 
ILE CG2 HG21 sing N N 164 
ILE CG2 HG22 sing N N 165 
ILE CG2 HG23 sing N N 166 
ILE CD1 HD11 sing N N 167 
ILE CD1 HD12 sing N N 168 
ILE CD1 HD13 sing N N 169 
ILE OXT HXT  sing N N 170 
LEU N   CA   sing N N 171 
LEU N   H    sing N N 172 
LEU N   H2   sing N N 173 
LEU CA  C    sing N N 174 
LEU CA  CB   sing N N 175 
LEU CA  HA   sing N N 176 
LEU C   O    doub N N 177 
LEU C   OXT  sing N N 178 
LEU CB  CG   sing N N 179 
LEU CB  HB2  sing N N 180 
LEU CB  HB3  sing N N 181 
LEU CG  CD1  sing N N 182 
LEU CG  CD2  sing N N 183 
LEU CG  HG   sing N N 184 
LEU CD1 HD11 sing N N 185 
LEU CD1 HD12 sing N N 186 
LEU CD1 HD13 sing N N 187 
LEU CD2 HD21 sing N N 188 
LEU CD2 HD22 sing N N 189 
LEU CD2 HD23 sing N N 190 
LEU OXT HXT  sing N N 191 
LYS N   CA   sing N N 192 
LYS N   H    sing N N 193 
LYS N   H2   sing N N 194 
LYS CA  C    sing N N 195 
LYS CA  CB   sing N N 196 
LYS CA  HA   sing N N 197 
LYS C   O    doub N N 198 
LYS C   OXT  sing N N 199 
LYS CB  CG   sing N N 200 
LYS CB  HB2  sing N N 201 
LYS CB  HB3  sing N N 202 
LYS CG  CD   sing N N 203 
LYS CG  HG2  sing N N 204 
LYS CG  HG3  sing N N 205 
LYS CD  CE   sing N N 206 
LYS CD  HD2  sing N N 207 
LYS CD  HD3  sing N N 208 
LYS CE  NZ   sing N N 209 
LYS CE  HE2  sing N N 210 
LYS CE  HE3  sing N N 211 
LYS NZ  HZ1  sing N N 212 
LYS NZ  HZ2  sing N N 213 
LYS NZ  HZ3  sing N N 214 
LYS OXT HXT  sing N N 215 
MET N   CA   sing N N 216 
MET N   H    sing N N 217 
MET N   H2   sing N N 218 
MET CA  C    sing N N 219 
MET CA  CB   sing N N 220 
MET CA  HA   sing N N 221 
MET C   O    doub N N 222 
MET C   OXT  sing N N 223 
MET CB  CG   sing N N 224 
MET CB  HB2  sing N N 225 
MET CB  HB3  sing N N 226 
MET CG  SD   sing N N 227 
MET CG  HG2  sing N N 228 
MET CG  HG3  sing N N 229 
MET SD  CE   sing N N 230 
MET CE  HE1  sing N N 231 
MET CE  HE2  sing N N 232 
MET CE  HE3  sing N N 233 
MET OXT HXT  sing N N 234 
PHE N   CA   sing N N 235 
PHE N   H    sing N N 236 
PHE N   H2   sing N N 237 
PHE CA  C    sing N N 238 
PHE CA  CB   sing N N 239 
PHE CA  HA   sing N N 240 
PHE C   O    doub N N 241 
PHE C   OXT  sing N N 242 
PHE CB  CG   sing N N 243 
PHE CB  HB2  sing N N 244 
PHE CB  HB3  sing N N 245 
PHE CG  CD1  doub Y N 246 
PHE CG  CD2  sing Y N 247 
PHE CD1 CE1  sing Y N 248 
PHE CD1 HD1  sing N N 249 
PHE CD2 CE2  doub Y N 250 
PHE CD2 HD2  sing N N 251 
PHE CE1 CZ   doub Y N 252 
PHE CE1 HE1  sing N N 253 
PHE CE2 CZ   sing Y N 254 
PHE CE2 HE2  sing N N 255 
PHE CZ  HZ   sing N N 256 
PHE OXT HXT  sing N N 257 
PRO N   CA   sing N N 258 
PRO N   CD   sing N N 259 
PRO N   H    sing N N 260 
PRO CA  C    sing N N 261 
PRO CA  CB   sing N N 262 
PRO CA  HA   sing N N 263 
PRO C   O    doub N N 264 
PRO C   OXT  sing N N 265 
PRO CB  CG   sing N N 266 
PRO CB  HB2  sing N N 267 
PRO CB  HB3  sing N N 268 
PRO CG  CD   sing N N 269 
PRO CG  HG2  sing N N 270 
PRO CG  HG3  sing N N 271 
PRO CD  HD2  sing N N 272 
PRO CD  HD3  sing N N 273 
PRO OXT HXT  sing N N 274 
SER N   CA   sing N N 275 
SER N   H    sing N N 276 
SER N   H2   sing N N 277 
SER CA  C    sing N N 278 
SER CA  CB   sing N N 279 
SER CA  HA   sing N N 280 
SER C   O    doub N N 281 
SER C   OXT  sing N N 282 
SER CB  OG   sing N N 283 
SER CB  HB2  sing N N 284 
SER CB  HB3  sing N N 285 
SER OG  HG   sing N N 286 
SER OXT HXT  sing N N 287 
THR N   CA   sing N N 288 
THR N   H    sing N N 289 
THR N   H2   sing N N 290 
THR CA  C    sing N N 291 
THR CA  CB   sing N N 292 
THR CA  HA   sing N N 293 
THR C   O    doub N N 294 
THR C   OXT  sing N N 295 
THR CB  OG1  sing N N 296 
THR CB  CG2  sing N N 297 
THR CB  HB   sing N N 298 
THR OG1 HG1  sing N N 299 
THR CG2 HG21 sing N N 300 
THR CG2 HG22 sing N N 301 
THR CG2 HG23 sing N N 302 
THR OXT HXT  sing N N 303 
TRP N   CA   sing N N 304 
TRP N   H    sing N N 305 
TRP N   H2   sing N N 306 
TRP CA  C    sing N N 307 
TRP CA  CB   sing N N 308 
TRP CA  HA   sing N N 309 
TRP C   O    doub N N 310 
TRP C   OXT  sing N N 311 
TRP CB  CG   sing N N 312 
TRP CB  HB2  sing N N 313 
TRP CB  HB3  sing N N 314 
TRP CG  CD1  doub Y N 315 
TRP CG  CD2  sing Y N 316 
TRP CD1 NE1  sing Y N 317 
TRP CD1 HD1  sing N N 318 
TRP CD2 CE2  doub Y N 319 
TRP CD2 CE3  sing Y N 320 
TRP NE1 CE2  sing Y N 321 
TRP NE1 HE1  sing N N 322 
TRP CE2 CZ2  sing Y N 323 
TRP CE3 CZ3  doub Y N 324 
TRP CE3 HE3  sing N N 325 
TRP CZ2 CH2  doub Y N 326 
TRP CZ2 HZ2  sing N N 327 
TRP CZ3 CH2  sing Y N 328 
TRP CZ3 HZ3  sing N N 329 
TRP CH2 HH2  sing N N 330 
TRP OXT HXT  sing N N 331 
TYR N   CA   sing N N 332 
TYR N   H    sing N N 333 
TYR N   H2   sing N N 334 
TYR CA  C    sing N N 335 
TYR CA  CB   sing N N 336 
TYR CA  HA   sing N N 337 
TYR C   O    doub N N 338 
TYR C   OXT  sing N N 339 
TYR CB  CG   sing N N 340 
TYR CB  HB2  sing N N 341 
TYR CB  HB3  sing N N 342 
TYR CG  CD1  doub Y N 343 
TYR CG  CD2  sing Y N 344 
TYR CD1 CE1  sing Y N 345 
TYR CD1 HD1  sing N N 346 
TYR CD2 CE2  doub Y N 347 
TYR CD2 HD2  sing N N 348 
TYR CE1 CZ   doub Y N 349 
TYR CE1 HE1  sing N N 350 
TYR CE2 CZ   sing Y N 351 
TYR CE2 HE2  sing N N 352 
TYR CZ  OH   sing N N 353 
TYR OH  HH   sing N N 354 
TYR OXT HXT  sing N N 355 
VAL N   CA   sing N N 356 
VAL N   H    sing N N 357 
VAL N   H2   sing N N 358 
VAL CA  C    sing N N 359 
VAL CA  CB   sing N N 360 
VAL CA  HA   sing N N 361 
VAL C   O    doub N N 362 
VAL C   OXT  sing N N 363 
VAL CB  CG1  sing N N 364 
VAL CB  CG2  sing N N 365 
VAL CB  HB   sing N N 366 
VAL CG1 HG11 sing N N 367 
VAL CG1 HG12 sing N N 368 
VAL CG1 HG13 sing N N 369 
VAL CG2 HG21 sing N N 370 
VAL CG2 HG22 sing N N 371 
VAL CG2 HG23 sing N N 372 
VAL OXT HXT  sing N N 373 
# 
_atom_sites.entry_id                    1ZP2 
_atom_sites.fract_transf_matrix[1][1]   0.01166212 
_atom_sites.fract_transf_matrix[1][2]   0.00409013 
_atom_sites.fract_transf_matrix[1][3]   0.00241340 
_atom_sites.fract_transf_matrix[2][1]   0.00769601 
_atom_sites.fract_transf_matrix[2][2]   -0.00683846 
_atom_sites.fract_transf_matrix[2][3]   0.00725020 
_atom_sites.fract_transf_matrix[3][1]   0.00368988 
_atom_sites.fract_transf_matrix[3][2]   -0.00527436 
_atom_sites.fract_transf_matrix[3][3]   -0.00889159 
_atom_sites.fract_transf_vector[1]      0.786788 
_atom_sites.fract_transf_vector[2]      0.344359 
_atom_sites.fract_transf_vector[3]      0.269653 
# 
loop_
_atom_type.symbol 
C 
N 
O 
S 
# 
loop_
_atom_site.group_PDB 
_atom_site.id 
_atom_site.type_symbol 
_atom_site.label_atom_id 
_atom_site.label_alt_id 
_atom_site.label_comp_id 
_atom_site.label_asym_id 
_atom_site.label_entity_id 
_atom_site.label_seq_id 
_atom_site.pdbx_PDB_ins_code 
_atom_site.Cartn_x 
_atom_site.Cartn_y 
_atom_site.Cartn_z 
_atom_site.occupancy 
_atom_site.B_iso_or_equiv 
_atom_site.pdbx_formal_charge 
_atom_site.auth_seq_id 
_atom_site.auth_comp_id 
_atom_site.auth_asym_id 
_atom_site.auth_atom_id 
_atom_site.pdbx_PDB_model_num 
ATOM 1    N N   . TRP A 1 2   ? 24.037  21.075  9.681   1.00 120.30 ? 6   TRP A N   1 
ATOM 2    C CA  . TRP A 1 2   ? 25.306  21.576  9.071   1.00 121.14 ? 6   TRP A CA  1 
ATOM 3    C C   . TRP A 1 2   ? 26.174  20.420  8.595   1.00 120.18 ? 6   TRP A C   1 
ATOM 4    O O   . TRP A 1 2   ? 26.408  20.251  7.399   1.00 119.48 ? 6   TRP A O   1 
ATOM 5    C CB  . TRP A 1 2   ? 26.105  22.417  10.090  1.00 124.00 ? 6   TRP A CB  1 
ATOM 6    C CG  . TRP A 1 2   ? 27.488  22.847  9.594   1.00 127.38 ? 6   TRP A CG  1 
ATOM 7    C CD1 . TRP A 1 2   ? 27.764  23.831  8.682   1.00 128.05 ? 6   TRP A CD1 1 
ATOM 8    C CD2 . TRP A 1 2   ? 28.757  22.231  9.908   1.00 129.05 ? 6   TRP A CD2 1 
ATOM 9    N NE1 . TRP A 1 2   ? 29.114  23.862  8.405   1.00 129.15 ? 6   TRP A NE1 1 
ATOM 10   C CE2 . TRP A 1 2   ? 29.746  22.894  9.142   1.00 129.05 ? 6   TRP A CE2 1 
ATOM 11   C CE3 . TRP A 1 2   ? 29.152  21.183  10.762  1.00 129.71 ? 6   TRP A CE3 1 
ATOM 12   C CZ2 . TRP A 1 2   ? 31.106  22.537  9.196   1.00 128.80 ? 6   TRP A CZ2 1 
ATOM 13   C CZ3 . TRP A 1 2   ? 30.506  20.829  10.815  1.00 129.05 ? 6   TRP A CZ3 1 
ATOM 14   C CH2 . TRP A 1 2   ? 31.464  21.510  10.036  1.00 129.04 ? 6   TRP A CH2 1 
ATOM 15   N N   . ALA A 1 3   ? 26.651  19.622  9.544   1.00 119.82 ? 7   ALA A N   1 
ATOM 16   C CA  . ALA A 1 3   ? 27.523  18.498  9.236   1.00 119.24 ? 7   ALA A CA  1 
ATOM 17   C C   . ALA A 1 3   ? 26.980  17.563  8.157   1.00 119.27 ? 7   ALA A C   1 
ATOM 18   O O   . ALA A 1 3   ? 27.720  17.205  7.239   1.00 119.53 ? 7   ALA A O   1 
ATOM 19   C CB  . ALA A 1 3   ? 27.840  17.720  10.514  1.00 118.77 ? 7   ALA A CB  1 
ATOM 20   N N   . SER A 1 4   ? 25.705  17.170  8.251   1.00 119.08 ? 8   SER A N   1 
ATOM 21   C CA  . SER A 1 4   ? 25.126  16.268  7.244   1.00 118.49 ? 8   SER A CA  1 
ATOM 22   C C   . SER A 1 4   ? 23.636  16.375  6.877   1.00 118.09 ? 8   SER A C   1 
ATOM 23   O O   . SER A 1 4   ? 22.797  15.666  7.431   1.00 117.74 ? 8   SER A O   1 
ATOM 24   C CB  . SER A 1 4   ? 25.429  14.804  7.606   1.00 117.25 ? 8   SER A CB  1 
ATOM 25   O OG  . SER A 1 4   ? 24.932  14.469  8.888   1.00 115.38 ? 8   SER A OG  1 
ATOM 26   N N   . SER A 1 5   ? 23.309  17.249  5.929   1.00 117.74 ? 9   SER A N   1 
ATOM 27   C CA  . SER A 1 5   ? 21.929  17.366  5.469   1.00 117.12 ? 9   SER A CA  1 
ATOM 28   C C   . SER A 1 5   ? 21.705  16.146  4.587   1.00 116.76 ? 9   SER A C   1 
ATOM 29   O O   . SER A 1 5   ? 20.618  15.943  4.055   1.00 116.36 ? 9   SER A O   1 
ATOM 30   C CB  . SER A 1 5   ? 21.732  18.621  4.623   1.00 118.34 ? 9   SER A CB  1 
ATOM 31   O OG  . SER A 1 5   ? 20.532  18.532  3.873   1.00 118.41 ? 9   SER A OG  1 
ATOM 32   N N   . GLN A 1 6   ? 22.769  15.353  4.439   1.00 116.76 ? 10  GLN A N   1 
ATOM 33   C CA  . GLN A 1 6   ? 22.789  14.124  3.644   1.00 115.52 ? 10  GLN A CA  1 
ATOM 34   C C   . GLN A 1 6   ? 21.701  13.168  4.117   1.00 113.82 ? 10  GLN A C   1 
ATOM 35   O O   . GLN A 1 6   ? 21.431  12.145  3.468   1.00 113.05 ? 10  GLN A O   1 
ATOM 36   C CB  . GLN A 1 6   ? 24.147  13.423  3.786   1.00 117.80 ? 10  GLN A CB  1 
ATOM 37   C CG  . GLN A 1 6   ? 25.363  14.321  3.589   1.00 121.20 ? 10  GLN A CG  1 
ATOM 38   C CD  . GLN A 1 6   ? 26.660  13.663  4.056   1.00 123.01 ? 10  GLN A CD  1 
ATOM 39   O OE1 . GLN A 1 6   ? 26.792  13.293  5.224   1.00 124.03 ? 10  GLN A OE1 1 
ATOM 40   N NE2 . GLN A 1 6   ? 27.622  13.517  3.143   1.00 123.22 ? 10  GLN A NE2 1 
ATOM 41   N N   . LEU A 1 7   ? 21.104  13.488  5.266   1.00 109.95 ? 11  LEU A N   1 
ATOM 42   C CA  . LEU A 1 7   ? 20.033  12.681  5.818   1.00 106.07 ? 11  LEU A CA  1 
ATOM 43   C C   . LEU A 1 7   ? 18.893  12.775  4.820   1.00 106.62 ? 11  LEU A C   1 
ATOM 44   O O   . LEU A 1 7   ? 17.953  11.984  4.832   1.00 107.48 ? 11  LEU A O   1 
ATOM 45   C CB  . LEU A 1 7   ? 19.594  13.227  7.161   1.00 102.91 ? 11  LEU A CB  1 
ATOM 46   C CG  . LEU A 1 7   ? 18.734  12.211  7.901   1.00 100.94 ? 11  LEU A CG  1 
ATOM 47   C CD1 . LEU A 1 7   ? 19.233  12.112  9.318   1.00 100.55 ? 11  LEU A CD1 1 
ATOM 48   C CD2 . LEU A 1 7   ? 17.265  12.590  7.845   1.00 98.56  ? 11  LEU A CD2 1 
ATOM 49   N N   . THR A 1 8   ? 18.978  13.776  3.956   1.00 105.98 ? 12  THR A N   1 
ATOM 50   C CA  . THR A 1 8   ? 17.989  13.936  2.917   1.00 104.40 ? 12  THR A CA  1 
ATOM 51   C C   . THR A 1 8   ? 18.281  12.799  1.950   1.00 106.59 ? 12  THR A C   1 
ATOM 52   O O   . THR A 1 8   ? 17.394  12.029  1.599   1.00 106.93 ? 12  THR A O   1 
ATOM 53   C CB  . THR A 1 8   ? 18.153  15.275  2.201   1.00 103.19 ? 12  THR A CB  1 
ATOM 54   O OG1 . THR A 1 8   ? 17.648  16.325  3.032   1.00 102.28 ? 12  THR A OG1 1 
ATOM 55   C CG2 . THR A 1 8   ? 17.407  15.268  0.892   1.00 102.81 ? 12  THR A CG2 1 
ATOM 56   N N   . GLN A 1 9   ? 19.541  12.680  1.542   1.00 108.33 ? 13  GLN A N   1 
ATOM 57   C CA  . GLN A 1 9   ? 19.926  11.621  0.622   1.00 110.62 ? 13  GLN A CA  1 
ATOM 58   C C   . GLN A 1 9   ? 19.710  10.271  1.307   1.00 111.47 ? 13  GLN A C   1 
ATOM 59   O O   . GLN A 1 9   ? 19.449  9.262   0.637   1.00 112.47 ? 13  GLN A O   1 
ATOM 60   C CB  . GLN A 1 9   ? 21.393  11.769  0.202   1.00 112.50 ? 13  GLN A CB  1 
ATOM 61   C CG  . GLN A 1 9   ? 21.727  11.110  -1.145  1.00 114.35 ? 13  GLN A CG  1 
ATOM 62   C CD  . GLN A 1 9   ? 23.220  10.845  -1.328  1.00 115.78 ? 13  GLN A CD  1 
ATOM 63   O OE1 . GLN A 1 9   ? 24.053  11.748  -1.187  1.00 116.27 ? 13  GLN A OE1 1 
ATOM 64   N NE2 . GLN A 1 9   ? 23.563  9.600   -1.647  1.00 115.55 ? 13  GLN A NE2 1 
ATOM 65   N N   . LEU A 1 10  ? 19.813  10.260  2.639   1.00 111.20 ? 14  LEU A N   1 
ATOM 66   C CA  . LEU A 1 10  ? 19.609  9.040   3.424   1.00 111.01 ? 14  LEU A CA  1 
ATOM 67   C C   . LEU A 1 10  ? 18.183  8.545   3.224   1.00 113.06 ? 14  LEU A C   1 
ATOM 68   O O   . LEU A 1 10  ? 17.771  7.534   3.791   1.00 113.29 ? 14  LEU A O   1 
ATOM 69   C CB  . LEU A 1 10  ? 19.854  9.295   4.913   1.00 107.44 ? 14  LEU A CB  1 
ATOM 70   C CG  . LEU A 1 10  ? 19.564  8.130   5.866   1.00 103.49 ? 14  LEU A CG  1 
ATOM 71   C CD1 . LEU A 1 10  ? 20.533  6.992   5.634   1.00 102.07 ? 14  LEU A CD1 1 
ATOM 72   C CD2 . LEU A 1 10  ? 19.663  8.621   7.287   1.00 102.53 ? 14  LEU A CD2 1 
ATOM 73   N N   . PHE A 1 11  ? 17.430  9.277   2.417   1.00 115.33 ? 15  PHE A N   1 
ATOM 74   C CA  . PHE A 1 11  ? 16.068  8.900   2.108   1.00 118.77 ? 15  PHE A CA  1 
ATOM 75   C C   . PHE A 1 11  ? 15.956  8.575   0.612   1.00 123.37 ? 15  PHE A C   1 
ATOM 76   O O   . PHE A 1 11  ? 14.980  8.936   -0.054  1.00 124.16 ? 15  PHE A O   1 
ATOM 77   C CB  . PHE A 1 11  ? 15.121  10.024  2.514   1.00 115.37 ? 15  PHE A CB  1 
ATOM 78   C CG  . PHE A 1 11  ? 14.736  9.986   3.960   1.00 112.73 ? 15  PHE A CG  1 
ATOM 79   C CD1 . PHE A 1 11  ? 14.633  11.160  4.695   1.00 111.02 ? 15  PHE A CD1 1 
ATOM 80   C CD2 . PHE A 1 11  ? 14.435  8.771   4.583   1.00 111.62 ? 15  PHE A CD2 1 
ATOM 81   C CE1 . PHE A 1 11  ? 14.232  11.134  6.034   1.00 110.30 ? 15  PHE A CE1 1 
ATOM 82   C CE2 . PHE A 1 11  ? 14.029  8.732   5.919   1.00 110.51 ? 15  PHE A CE2 1 
ATOM 83   C CZ  . PHE A 1 11  ? 13.928  9.918   6.647   1.00 110.75 ? 15  PHE A CZ  1 
ATOM 84   N N   . LEU A 1 12  ? 16.977  7.883   0.104   1.00 127.99 ? 16  LEU A N   1 
ATOM 85   C CA  . LEU A 1 12  ? 17.028  7.471   -1.295  1.00 132.65 ? 16  LEU A CA  1 
ATOM 86   C C   . LEU A 1 12  ? 17.808  6.158   -1.402  1.00 136.67 ? 16  LEU A C   1 
ATOM 87   O O   . LEU A 1 12  ? 18.708  5.898   -0.596  1.00 136.87 ? 16  LEU A O   1 
ATOM 88   C CB  . LEU A 1 12  ? 17.702  8.557   -2.136  1.00 132.14 ? 16  LEU A CB  1 
ATOM 89   C CG  . LEU A 1 12  ? 17.506  8.491   -3.653  1.00 132.09 ? 16  LEU A CG  1 
ATOM 90   C CD1 . LEU A 1 12  ? 17.809  9.853   -4.243  1.00 132.38 ? 16  LEU A CD1 1 
ATOM 91   C CD2 . LEU A 1 12  ? 18.393  7.426   -4.279  1.00 131.59 ? 16  LEU A CD2 1 
ATOM 92   N N   . SER A 1 13  ? 17.454  5.337   -2.391  1.00 141.09 ? 17  SER A N   1 
ATOM 93   C CA  . SER A 1 13  ? 18.101  4.041   -2.616  1.00 145.85 ? 17  SER A CA  1 
ATOM 94   C C   . SER A 1 13  ? 19.608  4.072   -2.348  1.00 149.40 ? 17  SER A C   1 
ATOM 95   O O   . SER A 1 13  ? 20.164  3.142   -1.760  1.00 149.67 ? 17  SER A O   1 
ATOM 96   C CB  . SER A 1 13  ? 17.853  3.566   -4.053  1.00 145.43 ? 17  SER A CB  1 
ATOM 97   O OG  . SER A 1 13  ? 18.454  4.436   -5.000  1.00 144.49 ? 17  SER A OG  1 
ATOM 98   N N   . THR A 1 14  ? 20.256  5.145   -2.797  1.00 153.18 ? 18  THR A N   1 
ATOM 99   C CA  . THR A 1 14  ? 21.695  5.336   -2.626  1.00 156.40 ? 18  THR A CA  1 
ATOM 100  C C   . THR A 1 14  ? 22.526  4.347   -3.458  1.00 158.43 ? 18  THR A C   1 
ATOM 101  O O   . THR A 1 14  ? 23.743  4.496   -3.583  1.00 158.60 ? 18  THR A O   1 
ATOM 102  C CB  . THR A 1 14  ? 22.091  5.244   -1.126  1.00 156.34 ? 18  THR A CB  1 
ATOM 103  O OG1 . THR A 1 14  ? 21.263  6.132   -0.360  1.00 155.40 ? 18  THR A OG1 1 
ATOM 104  C CG2 . THR A 1 14  ? 23.552  5.646   -0.929  1.00 156.59 ? 18  THR A CG2 1 
ATOM 105  N N   . ASP A 1 15  ? 21.860  3.348   -4.031  1.00 160.99 ? 19  ASP A N   1 
ATOM 106  C CA  . ASP A 1 15  ? 22.525  2.355   -4.871  1.00 163.71 ? 19  ASP A CA  1 
ATOM 107  C C   . ASP A 1 15  ? 21.843  2.276   -6.231  1.00 165.11 ? 19  ASP A C   1 
ATOM 108  O O   . ASP A 1 15  ? 21.843  1.229   -6.886  1.00 165.61 ? 19  ASP A O   1 
ATOM 109  C CB  . ASP A 1 15  ? 22.508  0.977   -4.200  1.00 164.32 ? 19  ASP A CB  1 
ATOM 110  C CG  . ASP A 1 15  ? 23.828  0.638   -3.539  1.00 164.88 ? 19  ASP A CG  1 
ATOM 111  O OD1 . ASP A 1 15  ? 24.863  0.663   -4.240  1.00 165.24 ? 19  ASP A OD1 1 
ATOM 112  O OD2 . ASP A 1 15  ? 23.833  0.346   -2.324  1.00 165.04 ? 19  ASP A OD2 1 
ATOM 113  N N   . LEU A 1 16  ? 21.265  3.401   -6.645  1.00 166.54 ? 20  LEU A N   1 
ATOM 114  C CA  . LEU A 1 16  ? 20.564  3.511   -7.920  1.00 167.80 ? 20  LEU A CA  1 
ATOM 115  C C   . LEU A 1 16  ? 19.420  2.497   -8.014  1.00 168.70 ? 20  LEU A C   1 
ATOM 116  O O   . LEU A 1 16  ? 19.087  1.819   -7.036  1.00 168.73 ? 20  LEU A O   1 
ATOM 117  C CB  . LEU A 1 16  ? 21.542  3.315   -9.088  1.00 167.48 ? 20  LEU A CB  1 
ATOM 118  C CG  . LEU A 1 16  ? 21.093  3.840   -10.457 1.00 167.43 ? 20  LEU A CG  1 
ATOM 119  C CD1 . LEU A 1 16  ? 21.003  5.361   -10.412 1.00 167.07 ? 20  LEU A CD1 1 
ATOM 120  C CD2 . LEU A 1 16  ? 22.073  3.397   -11.536 1.00 167.32 ? 20  LEU A CD2 1 
ATOM 121  N N   . GLU A 1 17  ? 18.827  2.403   -9.201  1.00 169.34 ? 21  GLU A N   1 
ATOM 122  C CA  . GLU A 1 17  ? 17.703  1.504   -9.456  1.00 169.49 ? 21  GLU A CA  1 
ATOM 123  C C   . GLU A 1 17  ? 18.153  0.123   -9.927  1.00 169.51 ? 21  GLU A C   1 
ATOM 124  O O   . GLU A 1 17  ? 17.329  -0.767  -10.149 1.00 169.28 ? 21  GLU A O   1 
ATOM 125  C CB  . GLU A 1 17  ? 16.787  2.127   -10.511 1.00 169.42 ? 21  GLU A CB  1 
ATOM 126  C CG  . GLU A 1 17  ? 16.351  3.545   -10.172 1.00 169.13 ? 21  GLU A CG  1 
ATOM 127  C CD  . GLU A 1 17  ? 15.925  4.325   -11.397 1.00 168.84 ? 21  GLU A CD  1 
ATOM 128  O OE1 . GLU A 1 17  ? 14.953  3.905   -12.060 1.00 168.70 ? 21  GLU A OE1 1 
ATOM 129  O OE2 . GLU A 1 17  ? 16.560  5.361   -11.690 1.00 168.41 ? 21  GLU A OE2 1 
ATOM 130  N N   . SER A 1 18  ? 19.465  -0.046  -10.077 1.00 169.52 ? 22  SER A N   1 
ATOM 131  C CA  . SER A 1 18  ? 20.038  -1.310  -10.534 1.00 169.13 ? 22  SER A CA  1 
ATOM 132  C C   . SER A 1 18  ? 20.183  -2.344  -9.413  1.00 168.29 ? 22  SER A C   1 
ATOM 133  O O   . SER A 1 18  ? 20.640  -3.465  -9.650  1.00 168.26 ? 22  SER A O   1 
ATOM 134  C CB  . SER A 1 18  ? 21.401  -1.057  -11.194 1.00 169.40 ? 22  SER A CB  1 
ATOM 135  O OG  . SER A 1 18  ? 22.278  -0.364  -10.321 1.00 169.76 ? 22  SER A OG  1 
ATOM 136  N N   . LEU A 1 19  ? 19.789  -1.963  -8.200  1.00 167.11 ? 23  LEU A N   1 
ATOM 137  C CA  . LEU A 1 19  ? 19.871  -2.860  -7.049  1.00 165.60 ? 23  LEU A CA  1 
ATOM 138  C C   . LEU A 1 19  ? 18.720  -2.646  -6.073  1.00 164.29 ? 23  LEU A C   1 
ATOM 139  O O   . LEU A 1 19  ? 18.539  -1.551  -5.536  1.00 164.73 ? 23  LEU A O   1 
ATOM 140  C CB  . LEU A 1 19  ? 21.205  -2.671  -6.317  1.00 165.96 ? 23  LEU A CB  1 
ATOM 141  C CG  . LEU A 1 19  ? 22.474  -3.080  -7.073  1.00 165.89 ? 23  LEU A CG  1 
ATOM 142  C CD1 . LEU A 1 19  ? 23.704  -2.744  -6.244  1.00 165.07 ? 23  LEU A CD1 1 
ATOM 143  C CD2 . LEU A 1 19  ? 22.424  -4.570  -7.380  1.00 165.75 ? 23  LEU A CD2 1 
ATOM 144  N N   . GLU A 1 20  ? 17.946  -3.706  -5.855  1.00 162.31 ? 24  GLU A N   1 
ATOM 145  C CA  . GLU A 1 20  ? 16.807  -3.685  -4.942  1.00 160.16 ? 24  GLU A CA  1 
ATOM 146  C C   . GLU A 1 20  ? 15.794  -2.559  -5.227  1.00 157.80 ? 24  GLU A C   1 
ATOM 147  O O   . GLU A 1 20  ? 16.114  -1.369  -5.143  1.00 158.09 ? 24  GLU A O   1 
ATOM 148  C CB  . GLU A 1 20  ? 17.328  -3.656  -3.498  1.00 160.75 ? 24  GLU A CB  1 
ATOM 149  C CG  . GLU A 1 20  ? 18.261  -4.846  -3.238  1.00 161.38 ? 24  GLU A CG  1 
ATOM 150  C CD  . GLU A 1 20  ? 18.806  -4.919  -1.824  1.00 161.39 ? 24  GLU A CD  1 
ATOM 151  O OE1 . GLU A 1 20  ? 18.011  -5.119  -0.883  1.00 161.52 ? 24  GLU A OE1 1 
ATOM 152  O OE2 . GLU A 1 20  ? 20.037  -4.787  -1.658  1.00 161.34 ? 24  GLU A OE2 1 
ATOM 153  N N   . PRO A 1 21  ? 14.539  -2.953  -5.524  1.00 155.46 ? 25  PRO A N   1 
ATOM 154  C CA  . PRO A 1 21  ? 13.298  -2.238  -5.868  1.00 152.57 ? 25  PRO A CA  1 
ATOM 155  C C   . PRO A 1 21  ? 13.230  -0.712  -5.920  1.00 148.61 ? 25  PRO A C   1 
ATOM 156  O O   . PRO A 1 21  ? 14.021  0.001   -5.300  1.00 148.73 ? 25  PRO A O   1 
ATOM 157  C CB  . PRO A 1 21  ? 12.266  -2.827  -4.887  1.00 153.48 ? 25  PRO A CB  1 
ATOM 158  C CG  . PRO A 1 21  ? 13.096  -3.629  -3.887  1.00 154.85 ? 25  PRO A CG  1 
ATOM 159  C CD  . PRO A 1 21  ? 14.178  -4.163  -4.772  1.00 155.32 ? 25  PRO A CD  1 
ATOM 160  N N   . THR A 1 22  ? 12.254  -0.234  -6.689  1.00 144.24 ? 26  THR A N   1 
ATOM 161  C CA  . THR A 1 22  ? 11.995  1.191   -6.865  1.00 139.06 ? 26  THR A CA  1 
ATOM 162  C C   . THR A 1 22  ? 10.783  1.503   -5.981  1.00 135.01 ? 26  THR A C   1 
ATOM 163  O O   . THR A 1 22  ? 9.731   1.914   -6.477  1.00 134.46 ? 26  THR A O   1 
ATOM 164  C CB  . THR A 1 22  ? 11.648  1.510   -8.346  1.00 139.13 ? 26  THR A CB  1 
ATOM 165  O OG1 . THR A 1 22  ? 12.588  0.858   -9.215  1.00 138.27 ? 26  THR A OG1 1 
ATOM 166  C CG2 . THR A 1 22  ? 11.695  3.014   -8.599  1.00 138.46 ? 26  THR A CG2 1 
ATOM 167  N N   . CYS A 1 23  ? 10.938  1.291   -4.672  1.00 129.99 ? 27  CYS A N   1 
ATOM 168  C CA  . CYS A 1 23  ? 9.854   1.527   -3.720  1.00 125.04 ? 27  CYS A CA  1 
ATOM 169  C C   . CYS A 1 23  ? 9.675   2.998   -3.369  1.00 121.00 ? 27  CYS A C   1 
ATOM 170  O O   . CYS A 1 23  ? 10.643  3.746   -3.239  1.00 121.44 ? 27  CYS A O   1 
ATOM 171  C CB  . CYS A 1 23  ? 10.071  0.715   -2.434  1.00 125.09 ? 27  CYS A CB  1 
ATOM 172  S SG  . CYS A 1 23  ? 11.405  1.282   -1.351  1.00 125.44 ? 27  CYS A SG  1 
ATOM 173  N N   . LEU A 1 24  ? 8.421   3.406   -3.221  1.00 116.08 ? 28  LEU A N   1 
ATOM 174  C CA  . LEU A 1 24  ? 8.081   4.785   -2.890  1.00 111.63 ? 28  LEU A CA  1 
ATOM 175  C C   . LEU A 1 24  ? 8.637   5.796   -3.882  1.00 108.71 ? 28  LEU A C   1 
ATOM 176  O O   . LEU A 1 24  ? 9.545   6.566   -3.572  1.00 108.00 ? 28  LEU A O   1 
ATOM 177  C CB  . LEU A 1 24  ? 8.560   5.136   -1.483  1.00 110.42 ? 28  LEU A CB  1 
ATOM 178  C CG  . LEU A 1 24  ? 8.148   6.532   -1.009  1.00 108.40 ? 28  LEU A CG  1 
ATOM 179  C CD1 . LEU A 1 24  ? 6.638   6.671   -1.022  1.00 106.18 ? 28  LEU A CD1 1 
ATOM 180  C CD2 . LEU A 1 24  ? 8.691   6.761   0.382   1.00 109.07 ? 28  LEU A CD2 1 
ATOM 181  N N   . SER A 1 25  ? 8.082   5.782   -5.085  1.00 105.69 ? 29  SER A N   1 
ATOM 182  C CA  . SER A 1 25  ? 8.487   6.704   -6.125  1.00 102.91 ? 29  SER A CA  1 
ATOM 183  C C   . SER A 1 25  ? 7.267   7.562   -6.367  1.00 101.58 ? 29  SER A C   1 
ATOM 184  O O   . SER A 1 25  ? 6.217   7.340   -5.776  1.00 102.26 ? 29  SER A O   1 
ATOM 185  C CB  . SER A 1 25  ? 8.828   5.956   -7.403  1.00 102.23 ? 29  SER A CB  1 
ATOM 186  O OG  . SER A 1 25  ? 7.652   5.436   -7.992  1.00 101.02 ? 29  SER A OG  1 
ATOM 187  N N   . LYS A 1 26  ? 7.402   8.537   -7.248  1.00 100.12 ? 30  LYS A N   1 
ATOM 188  C CA  . LYS A 1 26  ? 6.292   9.415   -7.555  1.00 97.82  ? 30  LYS A CA  1 
ATOM 189  C C   . LYS A 1 26  ? 5.165   8.605   -8.194  1.00 94.83  ? 30  LYS A C   1 
ATOM 190  O O   . LYS A 1 26  ? 3.994   8.972   -8.090  1.00 93.90  ? 30  LYS A O   1 
ATOM 191  C CB  . LYS A 1 26  ? 6.787   10.524  -8.482  1.00 99.29  ? 30  LYS A CB  1 
ATOM 192  C CG  . LYS A 1 26  ? 8.058   11.186  -7.953  1.00 100.50 ? 30  LYS A CG  1 
ATOM 193  C CD  . LYS A 1 26  ? 8.828   11.878  -9.063  1.00 102.06 ? 30  LYS A CD  1 
ATOM 194  C CE  . LYS A 1 26  ? 10.188  12.370  -8.580  1.00 103.39 ? 30  LYS A CE  1 
ATOM 195  N NZ  . LYS A 1 26  ? 10.935  13.098  -9.653  1.00 103.38 ? 30  LYS A NZ  1 
ATOM 196  N N   . ASP A 1 27  ? 5.524   7.495   -8.840  1.00 92.89  ? 31  ASP A N   1 
ATOM 197  C CA  . ASP A 1 27  ? 4.545   6.607   -9.482  1.00 91.06  ? 31  ASP A CA  1 
ATOM 198  C C   . ASP A 1 27  ? 3.826   5.791   -8.419  1.00 87.77  ? 31  ASP A C   1 
ATOM 199  O O   . ASP A 1 27  ? 2.601   5.653   -8.439  1.00 87.02  ? 31  ASP A O   1 
ATOM 200  C CB  . ASP A 1 27  ? 5.234   5.646   -10.456 1.00 93.43  ? 31  ASP A CB  1 
ATOM 201  C CG  . ASP A 1 27  ? 5.590   6.302   -11.777 1.00 96.17  ? 31  ASP A CG  1 
ATOM 202  O OD1 . ASP A 1 27  ? 4.648   6.736   -12.486 1.00 97.61  ? 31  ASP A OD1 1 
ATOM 203  O OD2 . ASP A 1 27  ? 6.802   6.377   -12.098 1.00 96.06  ? 31  ASP A OD2 1 
ATOM 204  N N   . THR A 1 28  ? 4.609   5.242   -7.499  1.00 84.15  ? 32  THR A N   1 
ATOM 205  C CA  . THR A 1 28  ? 4.075   4.453   -6.399  1.00 80.55  ? 32  THR A CA  1 
ATOM 206  C C   . THR A 1 28  ? 2.989   5.302   -5.756  1.00 78.87  ? 32  THR A C   1 
ATOM 207  O O   . THR A 1 28  ? 1.827   4.909   -5.668  1.00 79.16  ? 32  THR A O   1 
ATOM 208  C CB  . THR A 1 28  ? 5.172   4.177   -5.354  1.00 79.88  ? 32  THR A CB  1 
ATOM 209  O OG1 . THR A 1 28  ? 6.336   3.673   -6.010  1.00 81.27  ? 32  THR A OG1 1 
ATOM 210  C CG2 . THR A 1 28  ? 4.716   3.149   -4.356  1.00 80.22  ? 32  THR A CG2 1 
ATOM 211  N N   . ILE A 1 29  ? 3.392   6.486   -5.324  1.00 76.20  ? 33  ILE A N   1 
ATOM 212  C CA  . ILE A 1 29  ? 2.502   7.432   -4.683  1.00 72.32  ? 33  ILE A CA  1 
ATOM 213  C C   . ILE A 1 29  ? 1.294   7.733   -5.561  1.00 72.75  ? 33  ILE A C   1 
ATOM 214  O O   . ILE A 1 29  ? 0.163   7.798   -5.071  1.00 73.32  ? 33  ILE A O   1 
ATOM 215  C CB  . ILE A 1 29  ? 3.271   8.727   -4.376  1.00 70.15  ? 33  ILE A CB  1 
ATOM 216  C CG1 . ILE A 1 29  ? 4.442   8.397   -3.457  1.00 67.43  ? 33  ILE A CG1 1 
ATOM 217  C CG2 . ILE A 1 29  ? 2.367   9.743   -3.734  1.00 66.36  ? 33  ILE A CG2 1 
ATOM 218  C CD1 . ILE A 1 29  ? 5.437   9.491   -3.342  1.00 67.97  ? 33  ILE A CD1 1 
ATOM 219  N N   . TYR A 1 30  ? 1.527   7.904   -6.857  1.00 71.43  ? 34  TYR A N   1 
ATOM 220  C CA  . TYR A 1 30  ? 0.426   8.202   -7.761  1.00 69.55  ? 34  TYR A CA  1 
ATOM 221  C C   . TYR A 1 30  ? -0.548  7.037   -7.806  1.00 68.42  ? 34  TYR A C   1 
ATOM 222  O O   . TYR A 1 30  ? -1.724  7.204   -7.471  1.00 68.49  ? 34  TYR A O   1 
ATOM 223  C CB  . TYR A 1 30  ? 0.942   8.519   -9.175  1.00 70.47  ? 34  TYR A CB  1 
ATOM 224  C CG  . TYR A 1 30  ? -0.156  8.812   -10.182 1.00 70.85  ? 34  TYR A CG  1 
ATOM 225  C CD1 . TYR A 1 30  ? -1.027  9.893   -10.003 1.00 70.72  ? 34  TYR A CD1 1 
ATOM 226  C CD2 . TYR A 1 30  ? -0.363  7.974   -11.289 1.00 71.24  ? 34  TYR A CD2 1 
ATOM 227  C CE1 . TYR A 1 30  ? -2.088  10.132  -10.897 1.00 70.69  ? 34  TYR A CE1 1 
ATOM 228  C CE2 . TYR A 1 30  ? -1.418  8.203   -12.194 1.00 70.95  ? 34  TYR A CE2 1 
ATOM 229  C CZ  . TYR A 1 30  ? -2.279  9.282   -11.988 1.00 71.00  ? 34  TYR A CZ  1 
ATOM 230  O OH  . TYR A 1 30  ? -3.335  9.505   -12.847 1.00 69.08  ? 34  TYR A OH  1 
ATOM 231  N N   . GLN A 1 31  ? -0.054  5.860   -8.196  1.00 66.48  ? 35  GLN A N   1 
ATOM 232  C CA  . GLN A 1 31  ? -0.884  4.657   -8.307  1.00 64.86  ? 35  GLN A CA  1 
ATOM 233  C C   . GLN A 1 31  ? -1.774  4.397   -7.106  1.00 63.69  ? 35  GLN A C   1 
ATOM 234  O O   . GLN A 1 31  ? -2.943  4.027   -7.245  1.00 62.01  ? 35  GLN A O   1 
ATOM 235  C CB  . GLN A 1 31  ? -0.009  3.444   -8.551  1.00 64.66  ? 35  GLN A CB  1 
ATOM 236  C CG  . GLN A 1 31  ? 0.817   3.590   -9.784  1.00 67.92  ? 35  GLN A CG  1 
ATOM 237  C CD  . GLN A 1 31  ? 2.004   2.680   -9.771  1.00 70.88  ? 35  GLN A CD  1 
ATOM 238  O OE1 . GLN A 1 31  ? 2.565   2.398   -8.703  1.00 73.42  ? 35  GLN A OE1 1 
ATOM 239  N NE2 . GLN A 1 31  ? 2.420   2.219   -10.952 1.00 70.47  ? 35  GLN A NE2 1 
ATOM 240  N N   . TRP A 1 32  ? -1.220  4.585   -5.921  1.00 62.83  ? 36  TRP A N   1 
ATOM 241  C CA  . TRP A 1 32  ? -1.999  4.376   -4.723  1.00 63.66  ? 36  TRP A CA  1 
ATOM 242  C C   . TRP A 1 32  ? -3.162  5.353   -4.760  1.00 65.12  ? 36  TRP A C   1 
ATOM 243  O O   . TRP A 1 32  ? -4.298  4.990   -4.457  1.00 64.07  ? 36  TRP A O   1 
ATOM 244  C CB  . TRP A 1 32  ? -1.138  4.626   -3.488  1.00 63.33  ? 36  TRP A CB  1 
ATOM 245  C CG  . TRP A 1 32  ? -1.920  4.704   -2.222  1.00 64.14  ? 36  TRP A CG  1 
ATOM 246  C CD1 . TRP A 1 32  ? -1.798  5.652   -1.247  1.00 64.71  ? 36  TRP A CD1 1 
ATOM 247  C CD2 . TRP A 1 32  ? -2.929  3.787   -1.771  1.00 64.87  ? 36  TRP A CD2 1 
ATOM 248  N NE1 . TRP A 1 32  ? -2.668  5.386   -0.214  1.00 65.26  ? 36  TRP A NE1 1 
ATOM 249  C CE2 . TRP A 1 32  ? -3.373  4.250   -0.506  1.00 65.14  ? 36  TRP A CE2 1 
ATOM 250  C CE3 . TRP A 1 32  ? -3.497  2.620   -2.308  1.00 64.36  ? 36  TRP A CE3 1 
ATOM 251  C CZ2 . TRP A 1 32  ? -4.363  3.583   0.235   1.00 63.46  ? 36  TRP A CZ2 1 
ATOM 252  C CZ3 . TRP A 1 32  ? -4.478  1.953   -1.571  1.00 64.19  ? 36  TRP A CZ3 1 
ATOM 253  C CH2 . TRP A 1 32  ? -4.901  2.441   -0.311  1.00 64.66  ? 36  TRP A CH2 1 
ATOM 254  N N   . LYS A 1 33  ? -2.867  6.591   -5.156  1.00 67.84  ? 37  LYS A N   1 
ATOM 255  C CA  . LYS A 1 33  ? -3.881  7.635   -5.213  1.00 69.75  ? 37  LYS A CA  1 
ATOM 256  C C   . LYS A 1 33  ? -4.987  7.306   -6.213  1.00 68.76  ? 37  LYS A C   1 
ATOM 257  O O   . LYS A 1 33  ? -6.169  7.511   -5.940  1.00 67.32  ? 37  LYS A O   1 
ATOM 258  C CB  . LYS A 1 33  ? -3.230  8.982   -5.544  1.00 72.73  ? 37  LYS A CB  1 
ATOM 259  C CG  . LYS A 1 33  ? -4.159  10.181  -5.344  1.00 78.39  ? 37  LYS A CG  1 
ATOM 260  C CD  . LYS A 1 33  ? -3.408  11.403  -4.792  1.00 83.47  ? 37  LYS A CD  1 
ATOM 261  C CE  . LYS A 1 33  ? -2.995  11.197  -3.318  1.00 87.23  ? 37  LYS A CE  1 
ATOM 262  N NZ  . LYS A 1 33  ? -2.194  12.314  -2.689  1.00 87.62  ? 37  LYS A NZ  1 
ATOM 263  N N   . VAL A 1 34  ? -4.597  6.781   -7.363  1.00 68.28  ? 38  VAL A N   1 
ATOM 264  C CA  . VAL A 1 34  ? -5.562  6.412   -8.385  1.00 68.68  ? 38  VAL A CA  1 
ATOM 265  C C   . VAL A 1 34  ? -6.536  5.370   -7.835  1.00 71.56  ? 38  VAL A C   1 
ATOM 266  O O   . VAL A 1 34  ? -7.749  5.456   -8.074  1.00 72.40  ? 38  VAL A O   1 
ATOM 267  C CB  . VAL A 1 34  ? -4.853  5.819   -9.612  1.00 67.75  ? 38  VAL A CB  1 
ATOM 268  C CG1 . VAL A 1 34  ? -5.860  5.579   -10.735 1.00 65.01  ? 38  VAL A CG1 1 
ATOM 269  C CG2 . VAL A 1 34  ? -3.735  6.742   -10.048 1.00 65.12  ? 38  VAL A CG2 1 
ATOM 270  N N   . VAL A 1 35  ? -5.998  4.384   -7.109  1.00 72.52  ? 39  VAL A N   1 
ATOM 271  C CA  . VAL A 1 35  ? -6.814  3.320   -6.526  1.00 71.59  ? 39  VAL A CA  1 
ATOM 272  C C   . VAL A 1 35  ? -7.768  3.927   -5.509  1.00 71.97  ? 39  VAL A C   1 
ATOM 273  O O   . VAL A 1 35  ? -8.944  3.574   -5.460  1.00 71.74  ? 39  VAL A O   1 
ATOM 274  C CB  . VAL A 1 35  ? -5.953  2.248   -5.798  1.00 72.12  ? 39  VAL A CB  1 
ATOM 275  C CG1 . VAL A 1 35  ? -6.849  1.164   -5.220  1.00 71.46  ? 39  VAL A CG1 1 
ATOM 276  C CG2 . VAL A 1 35  ? -4.941  1.635   -6.753  1.00 71.36  ? 39  VAL A CG2 1 
ATOM 277  N N   . GLN A 1 36  ? -7.253  4.840   -4.693  1.00 72.43  ? 40  GLN A N   1 
ATOM 278  C CA  . GLN A 1 36  ? -8.071  5.493   -3.683  1.00 73.05  ? 40  GLN A CA  1 
ATOM 279  C C   . GLN A 1 36  ? -9.218  6.236   -4.349  1.00 74.69  ? 40  GLN A C   1 
ATOM 280  O O   . GLN A 1 36  ? -10.367 6.138   -3.915  1.00 75.03  ? 40  GLN A O   1 
ATOM 281  C CB  . GLN A 1 36  ? -7.225  6.468   -2.877  1.00 72.67  ? 40  GLN A CB  1 
ATOM 282  C CG  . GLN A 1 36  ? -6.200  5.790   -2.026  1.00 74.94  ? 40  GLN A CG  1 
ATOM 283  C CD  . GLN A 1 36  ? -5.286  6.769   -1.330  1.00 78.08  ? 40  GLN A CD  1 
ATOM 284  O OE1 . GLN A 1 36  ? -4.439  7.410   -1.965  1.00 80.98  ? 40  GLN A OE1 1 
ATOM 285  N NE2 . GLN A 1 36  ? -5.445  6.894   -0.017  1.00 79.60  ? 40  GLN A NE2 1 
ATOM 286  N N   . THR A 1 37  ? -8.900  6.973   -5.408  1.00 75.79  ? 41  THR A N   1 
ATOM 287  C CA  . THR A 1 37  ? -9.907  7.736   -6.132  1.00 75.85  ? 41  THR A CA  1 
ATOM 288  C C   . THR A 1 37  ? -11.045 6.823   -6.541  1.00 76.01  ? 41  THR A C   1 
ATOM 289  O O   . THR A 1 37  ? -12.134 6.891   -5.983  1.00 75.51  ? 41  THR A O   1 
ATOM 290  C CB  . THR A 1 37  ? -9.321  8.396   -7.407  1.00 76.31  ? 41  THR A CB  1 
ATOM 291  O OG1 . THR A 1 37  ? -8.307  9.336   -7.044  1.00 77.58  ? 41  THR A OG1 1 
ATOM 292  C CG2 . THR A 1 37  ? -10.407 9.119   -8.182  1.00 75.20  ? 41  THR A CG2 1 
ATOM 293  N N   . PHE A 1 38  ? -10.779 5.955   -7.505  1.00 76.41  ? 42  PHE A N   1 
ATOM 294  C CA  . PHE A 1 38  ? -11.798 5.053   -7.993  1.00 78.32  ? 42  PHE A CA  1 
ATOM 295  C C   . PHE A 1 38  ? -12.475 4.248   -6.889  1.00 80.00  ? 42  PHE A C   1 
ATOM 296  O O   . PHE A 1 38  ? -13.598 3.777   -7.051  1.00 80.55  ? 42  PHE A O   1 
ATOM 297  C CB  . PHE A 1 38  ? -11.198 4.111   -9.026  1.00 78.61  ? 42  PHE A CB  1 
ATOM 298  C CG  . PHE A 1 38  ? -12.192 3.157   -9.619  1.00 80.51  ? 42  PHE A CG  1 
ATOM 299  C CD1 . PHE A 1 38  ? -13.407 3.615   -10.117 1.00 80.90  ? 42  PHE A CD1 1 
ATOM 300  C CD2 . PHE A 1 38  ? -11.908 1.802   -9.701  1.00 80.58  ? 42  PHE A CD2 1 
ATOM 301  C CE1 . PHE A 1 38  ? -14.319 2.739   -10.687 1.00 81.18  ? 42  PHE A CE1 1 
ATOM 302  C CE2 . PHE A 1 38  ? -12.819 0.920   -10.273 1.00 81.71  ? 42  PHE A CE2 1 
ATOM 303  C CZ  . PHE A 1 38  ? -14.024 1.388   -10.767 1.00 81.06  ? 42  PHE A CZ  1 
ATOM 304  N N   . GLY A 1 39  ? -11.789 4.087   -5.767  1.00 81.07  ? 43  GLY A N   1 
ATOM 305  C CA  . GLY A 1 39  ? -12.366 3.326   -4.680  1.00 82.46  ? 43  GLY A CA  1 
ATOM 306  C C   . GLY A 1 39  ? -13.381 4.119   -3.885  1.00 84.18  ? 43  GLY A C   1 
ATOM 307  O O   . GLY A 1 39  ? -14.456 3.615   -3.565  1.00 83.43  ? 43  GLY A O   1 
ATOM 308  N N   . ASP A 1 40  ? -13.036 5.363   -3.562  1.00 86.73  ? 44  ASP A N   1 
ATOM 309  C CA  . ASP A 1 40  ? -13.913 6.236   -2.791  1.00 88.75  ? 44  ASP A CA  1 
ATOM 310  C C   . ASP A 1 40  ? -15.190 6.508   -3.568  1.00 88.89  ? 44  ASP A C   1 
ATOM 311  O O   . ASP A 1 40  ? -16.182 6.985   -3.015  1.00 89.99  ? 44  ASP A O   1 
ATOM 312  C CB  . ASP A 1 40  ? -13.217 7.568   -2.476  1.00 90.92  ? 44  ASP A CB  1 
ATOM 313  C CG  . ASP A 1 40  ? -11.863 7.379   -1.801  1.00 93.51  ? 44  ASP A CG  1 
ATOM 314  O OD1 . ASP A 1 40  ? -11.761 6.548   -0.871  1.00 94.56  ? 44  ASP A OD1 1 
ATOM 315  O OD2 . ASP A 1 40  ? -10.900 8.072   -2.202  1.00 94.58  ? 44  ASP A OD2 1 
ATOM 316  N N   . ARG A 1 41  ? -15.159 6.198   -4.857  1.00 88.27  ? 45  ARG A N   1 
ATOM 317  C CA  . ARG A 1 41  ? -16.308 6.409   -5.710  1.00 86.85  ? 45  ARG A CA  1 
ATOM 318  C C   . ARG A 1 41  ? -17.318 5.329   -5.403  1.00 86.27  ? 45  ARG A C   1 
ATOM 319  O O   . ARG A 1 41  ? -18.471 5.615   -5.119  1.00 86.08  ? 45  ARG A O   1 
ATOM 320  C CB  . ARG A 1 41  ? -15.897 6.340   -7.173  1.00 88.41  ? 45  ARG A CB  1 
ATOM 321  C CG  . ARG A 1 41  ? -16.810 7.111   -8.083  1.00 91.42  ? 45  ARG A CG  1 
ATOM 322  C CD  . ARG A 1 41  ? -16.104 8.312   -8.686  1.00 94.08  ? 45  ARG A CD  1 
ATOM 323  N NE  . ARG A 1 41  ? -17.020 9.142   -9.464  1.00 96.91  ? 45  ARG A NE  1 
ATOM 324  C CZ  . ARG A 1 41  ? -17.722 8.716   -10.512 1.00 97.63  ? 45  ARG A CZ  1 
ATOM 325  N NH1 . ARG A 1 41  ? -17.618 7.457   -10.924 1.00 98.32  ? 45  ARG A NH1 1 
ATOM 326  N NH2 . ARG A 1 41  ? -18.540 9.547   -11.148 1.00 98.35  ? 45  ARG A NH2 1 
ATOM 327  N N   . LEU A 1 42  ? -16.885 4.077   -5.449  1.00 86.48  ? 46  LEU A N   1 
ATOM 328  C CA  . LEU A 1 42  ? -17.785 2.972   -5.147  1.00 86.22  ? 46  LEU A CA  1 
ATOM 329  C C   . LEU A 1 42  ? -17.873 2.763   -3.647  1.00 86.99  ? 46  LEU A C   1 
ATOM 330  O O   . LEU A 1 42  ? -18.239 1.680   -3.188  1.00 87.23  ? 46  LEU A O   1 
ATOM 331  C CB  . LEU A 1 42  ? -17.312 1.682   -5.804  1.00 85.99  ? 46  LEU A CB  1 
ATOM 332  C CG  . LEU A 1 42  ? -17.351 1.661   -7.329  1.00 87.27  ? 46  LEU A CG  1 
ATOM 333  C CD1 . LEU A 1 42  ? -16.014 2.128   -7.889  1.00 87.85  ? 46  LEU A CD1 1 
ATOM 334  C CD2 . LEU A 1 42  ? -17.656 0.251   -7.793  1.00 87.91  ? 46  LEU A CD2 1 
ATOM 335  N N   . ARG A 1 43  ? -17.541 3.808   -2.894  1.00 87.56  ? 47  ARG A N   1 
ATOM 336  C CA  . ARG A 1 43  ? -17.576 3.777   -1.433  1.00 87.33  ? 47  ARG A CA  1 
ATOM 337  C C   . ARG A 1 43  ? -17.179 2.412   -0.897  1.00 85.88  ? 47  ARG A C   1 
ATOM 338  O O   . ARG A 1 43  ? -17.957 1.744   -0.206  1.00 85.16  ? 47  ARG A O   1 
ATOM 339  C CB  . ARG A 1 43  ? -18.972 4.148   -0.928  1.00 90.57  ? 47  ARG A CB  1 
ATOM 340  C CG  . ARG A 1 43  ? -19.563 5.359   -1.623  1.00 94.39  ? 47  ARG A CG  1 
ATOM 341  C CD  . ARG A 1 43  ? -20.894 5.749   -1.018  1.00 98.06  ? 47  ARG A CD  1 
ATOM 342  N NE  . ARG A 1 43  ? -21.770 6.350   -2.018  1.00 102.82 ? 47  ARG A NE  1 
ATOM 343  C CZ  . ARG A 1 43  ? -22.865 7.054   -1.738  1.00 104.59 ? 47  ARG A CZ  1 
ATOM 344  N NH1 . ARG A 1 43  ? -23.224 7.256   -0.473  1.00 105.08 ? 47  ARG A NH1 1 
ATOM 345  N NH2 . ARG A 1 43  ? -23.604 7.551   -2.726  1.00 104.77 ? 47  ARG A NH2 1 
ATOM 346  N N   . LEU A 1 44  ? -15.957 2.011   -1.247  1.00 83.79  ? 48  LEU A N   1 
ATOM 347  C CA  . LEU A 1 44  ? -15.366 0.746   -0.834  1.00 79.43  ? 48  LEU A CA  1 
ATOM 348  C C   . LEU A 1 44  ? -14.553 1.007   0.426   1.00 77.83  ? 48  LEU A C   1 
ATOM 349  O O   . LEU A 1 44  ? -14.080 2.123   0.637   1.00 76.66  ? 48  LEU A O   1 
ATOM 350  C CB  . LEU A 1 44  ? -14.453 0.226   -1.938  1.00 78.26  ? 48  LEU A CB  1 
ATOM 351  C CG  . LEU A 1 44  ? -15.146 -0.218  -3.225  1.00 77.75  ? 48  LEU A CG  1 
ATOM 352  C CD1 . LEU A 1 44  ? -14.114 -0.559  -4.297  1.00 77.15  ? 48  LEU A CD1 1 
ATOM 353  C CD2 . LEU A 1 44  ? -16.022 -1.423  -2.916  1.00 77.60  ? 48  LEU A CD2 1 
ATOM 354  N N   . ARG A 1 45  ? -14.398 -0.019  1.260   1.00 76.42  ? 49  ARG A N   1 
ATOM 355  C CA  . ARG A 1 45  ? -13.640 0.106   2.506   1.00 74.84  ? 49  ARG A CA  1 
ATOM 356  C C   . ARG A 1 45  ? -12.118 0.118   2.278   1.00 73.57  ? 49  ARG A C   1 
ATOM 357  O O   . ARG A 1 45  ? -11.624 -0.304  1.222   1.00 73.26  ? 49  ARG A O   1 
ATOM 358  C CB  . ARG A 1 45  ? -14.015 -1.034  3.461   1.00 75.13  ? 49  ARG A CB  1 
ATOM 359  C CG  . ARG A 1 45  ? -13.790 -2.428  2.889   1.00 78.02  ? 49  ARG A CG  1 
ATOM 360  C CD  . ARG A 1 45  ? -13.805 -3.491  3.974   1.00 79.79  ? 49  ARG A CD  1 
ATOM 361  N NE  . ARG A 1 45  ? -15.138 -3.755  4.505   1.00 81.55  ? 49  ARG A NE  1 
ATOM 362  C CZ  . ARG A 1 45  ? -15.372 -4.129  5.760   1.00 82.49  ? 49  ARG A CZ  1 
ATOM 363  N NH1 . ARG A 1 45  ? -14.361 -4.274  6.614   1.00 82.16  ? 49  ARG A NH1 1 
ATOM 364  N NH2 . ARG A 1 45  ? -16.615 -4.367  6.161   1.00 82.21  ? 49  ARG A NH2 1 
ATOM 365  N N   . GLN A 1 46  ? -11.377 0.597   3.273   1.00 71.00  ? 50  GLN A N   1 
ATOM 366  C CA  . GLN A 1 46  ? -9.922  0.657   3.167   1.00 69.54  ? 50  GLN A CA  1 
ATOM 367  C C   . GLN A 1 46  ? -9.292  -0.710  2.917   1.00 69.07  ? 50  GLN A C   1 
ATOM 368  O O   . GLN A 1 46  ? -8.277  -0.805  2.236   1.00 69.14  ? 50  GLN A O   1 
ATOM 369  C CB  . GLN A 1 46  ? -9.322  1.282   4.432   1.00 69.33  ? 50  GLN A CB  1 
ATOM 370  C CG  . GLN A 1 46  ? -7.815  1.103   4.605   1.00 70.20  ? 50  GLN A CG  1 
ATOM 371  C CD  . GLN A 1 46  ? -6.986  1.712   3.482   1.00 71.20  ? 50  GLN A CD  1 
ATOM 372  O OE1 . GLN A 1 46  ? -7.525  2.290   2.539   1.00 73.94  ? 50  GLN A OE1 1 
ATOM 373  N NE2 . GLN A 1 46  ? -5.662  1.576   3.580   1.00 70.05  ? 50  GLN A NE2 1 
ATOM 374  N N   . ARG A 1 47  ? -9.900  -1.765  3.454   1.00 68.90  ? 51  ARG A N   1 
ATOM 375  C CA  . ARG A 1 47  ? -9.370  -3.118  3.290   1.00 67.66  ? 51  ARG A CA  1 
ATOM 376  C C   . ARG A 1 47  ? -9.352  -3.560  1.833   1.00 64.34  ? 51  ARG A C   1 
ATOM 377  O O   . ARG A 1 47  ? -8.421  -4.244  1.394   1.00 61.72  ? 51  ARG A O   1 
ATOM 378  C CB  . ARG A 1 47  ? -10.192 -4.112  4.119   1.00 70.75  ? 51  ARG A CB  1 
ATOM 379  C CG  . ARG A 1 47  ? -9.483  -5.441  4.432   1.00 73.43  ? 51  ARG A CG  1 
ATOM 380  C CD  . ARG A 1 47  ? -10.407 -6.370  5.236   1.00 78.36  ? 51  ARG A CD  1 
ATOM 381  N NE  . ARG A 1 47  ? -11.452 -6.966  4.403   1.00 82.03  ? 51  ARG A NE  1 
ATOM 382  C CZ  . ARG A 1 47  ? -12.727 -7.110  4.765   1.00 82.26  ? 51  ARG A CZ  1 
ATOM 383  N NH1 . ARG A 1 47  ? -13.135 -6.699  5.963   1.00 81.35  ? 51  ARG A NH1 1 
ATOM 384  N NH2 . ARG A 1 47  ? -13.598 -7.657  3.918   1.00 81.45  ? 51  ARG A NH2 1 
ATOM 385  N N   . VAL A 1 48  ? -10.384 -3.171  1.087   1.00 62.16  ? 52  VAL A N   1 
ATOM 386  C CA  . VAL A 1 48  ? -10.448 -3.548  -0.319  1.00 60.92  ? 52  VAL A CA  1 
ATOM 387  C C   . VAL A 1 48  ? -9.437  -2.756  -1.126  1.00 58.23  ? 52  VAL A C   1 
ATOM 388  O O   . VAL A 1 48  ? -8.782  -3.293  -2.010  1.00 57.87  ? 52  VAL A O   1 
ATOM 389  C CB  . VAL A 1 48  ? -11.841 -3.327  -0.912  1.00 59.39  ? 52  VAL A CB  1 
ATOM 390  C CG1 . VAL A 1 48  ? -11.854 -3.755  -2.365  1.00 57.78  ? 52  VAL A CG1 1 
ATOM 391  C CG2 . VAL A 1 48  ? -12.850 -4.138  -0.133  1.00 60.08  ? 52  VAL A CG2 1 
ATOM 392  N N   . LEU A 1 49  ? -9.307  -1.476  -0.819  1.00 57.84  ? 53  LEU A N   1 
ATOM 393  C CA  . LEU A 1 49  ? -8.343  -0.657  -1.533  1.00 57.76  ? 53  LEU A CA  1 
ATOM 394  C C   . LEU A 1 49  ? -6.968  -1.275  -1.334  1.00 54.47  ? 53  LEU A C   1 
ATOM 395  O O   . LEU A 1 49  ? -6.262  -1.553  -2.307  1.00 53.21  ? 53  LEU A O   1 
ATOM 396  C CB  . LEU A 1 49  ? -8.380  0.780   -1.011  1.00 59.37  ? 53  LEU A CB  1 
ATOM 397  C CG  . LEU A 1 49  ? -9.774  1.420   -1.064  1.00 59.84  ? 53  LEU A CG  1 
ATOM 398  C CD1 . LEU A 1 49  ? -9.655  2.850   -0.590  1.00 61.12  ? 53  LEU A CD1 1 
ATOM 399  C CD2 . LEU A 1 49  ? -10.353 1.373   -2.471  1.00 59.17  ? 53  LEU A CD2 1 
ATOM 400  N N   . ALA A 1 50  ? -6.618  -1.506  -0.069  1.00 53.63  ? 54  ALA A N   1 
ATOM 401  C CA  . ALA A 1 50  ? -5.345  -2.117  0.332   1.00 52.25  ? 54  ALA A CA  1 
ATOM 402  C C   . ALA A 1 50  ? -5.061  -3.389  -0.459  1.00 51.86  ? 54  ALA A C   1 
ATOM 403  O O   . ALA A 1 50  ? -3.963  -3.574  -1.004  1.00 53.85  ? 54  ALA A O   1 
ATOM 404  C CB  . ALA A 1 50  ? -5.367  -2.443  1.815   1.00 50.03  ? 54  ALA A CB  1 
ATOM 405  N N   . THR A 1 51  ? -6.040  -4.282  -0.522  1.00 49.60  ? 55  THR A N   1 
ATOM 406  C CA  . THR A 1 51  ? -5.824  -5.501  -1.270  1.00 47.14  ? 55  THR A CA  1 
ATOM 407  C C   . THR A 1 51  ? -5.629  -5.185  -2.744  1.00 46.59  ? 55  THR A C   1 
ATOM 408  O O   . THR A 1 51  ? -4.773  -5.777  -3.414  1.00 46.30  ? 55  THR A O   1 
ATOM 409  C CB  . THR A 1 51  ? -6.996  -6.455  -1.143  1.00 47.43  ? 55  THR A CB  1 
ATOM 410  O OG1 . THR A 1 51  ? -7.116  -6.881  0.215   1.00 46.67  ? 55  THR A OG1 1 
ATOM 411  C CG2 . THR A 1 51  ? -6.780  -7.656  -2.040  1.00 47.28  ? 55  THR A CG2 1 
ATOM 412  N N   . ALA A 1 52  ? -6.414  -4.237  -3.244  1.00 44.95  ? 56  ALA A N   1 
ATOM 413  C CA  . ALA A 1 52  ? -6.344  -3.873  -4.649  1.00 42.47  ? 56  ALA A CA  1 
ATOM 414  C C   . ALA A 1 52  ? -5.013  -3.236  -5.045  1.00 42.41  ? 56  ALA A C   1 
ATOM 415  O O   . ALA A 1 52  ? -4.463  -3.558  -6.109  1.00 39.89  ? 56  ALA A O   1 
ATOM 416  C CB  . ALA A 1 52  ? -7.510  -2.968  -5.003  1.00 41.95  ? 56  ALA A CB  1 
ATOM 417  N N   . ILE A 1 53  ? -4.487  -2.347  -4.208  1.00 40.95  ? 57  ILE A N   1 
ATOM 418  C CA  . ILE A 1 53  ? -3.212  -1.730  -4.535  1.00 40.93  ? 57  ILE A CA  1 
ATOM 419  C C   . ILE A 1 53  ? -2.116  -2.791  -4.454  1.00 45.02  ? 57  ILE A C   1 
ATOM 420  O O   . ILE A 1 53  ? -1.190  -2.798  -5.282  1.00 44.74  ? 57  ILE A O   1 
ATOM 421  C CB  . ILE A 1 53  ? -2.874  -0.502  -3.601  1.00 42.93  ? 57  ILE A CB  1 
ATOM 422  C CG1 . ILE A 1 53  ? -1.574  0.177   -4.054  1.00 41.20  ? 57  ILE A CG1 1 
ATOM 423  C CG2 . ILE A 1 53  ? -2.746  -0.932  -2.153  1.00 42.68  ? 57  ILE A CG2 1 
ATOM 424  C CD1 . ILE A 1 53  ? -1.614  0.704   -5.466  1.00 35.93  ? 57  ILE A CD1 1 
ATOM 425  N N   . VAL A 1 54  ? -2.219  -3.712  -3.491  1.00 45.29  ? 58  VAL A N   1 
ATOM 426  C CA  . VAL A 1 54  ? -1.191  -4.740  -3.393  1.00 43.81  ? 58  VAL A CA  1 
ATOM 427  C C   . VAL A 1 54  ? -1.190  -5.700  -4.586  1.00 45.93  ? 58  VAL A C   1 
ATOM 428  O O   . VAL A 1 54  ? -0.119  -6.061  -5.091  1.00 45.00  ? 58  VAL A O   1 
ATOM 429  C CB  . VAL A 1 54  ? -1.291  -5.521  -2.087  1.00 43.95  ? 58  VAL A CB  1 
ATOM 430  C CG1 . VAL A 1 54  ? -0.275  -6.648  -2.092  1.00 43.07  ? 58  VAL A CG1 1 
ATOM 431  C CG2 . VAL A 1 54  ? -1.007  -4.582  -0.911  1.00 40.44  ? 58  VAL A CG2 1 
ATOM 432  N N   . LEU A 1 55  ? -2.377  -6.100  -5.048  1.00 47.46  ? 59  LEU A N   1 
ATOM 433  C CA  . LEU A 1 55  ? -2.478  -6.988  -6.212  1.00 48.75  ? 59  LEU A CA  1 
ATOM 434  C C   . LEU A 1 55  ? -1.872  -6.316  -7.436  1.00 49.99  ? 59  LEU A C   1 
ATOM 435  O O   . LEU A 1 55  ? -1.272  -6.979  -8.289  1.00 49.35  ? 59  LEU A O   1 
ATOM 436  C CB  . LEU A 1 55  ? -3.936  -7.334  -6.517  1.00 48.78  ? 59  LEU A CB  1 
ATOM 437  C CG  . LEU A 1 55  ? -4.549  -8.466  -5.698  1.00 49.18  ? 59  LEU A CG  1 
ATOM 438  C CD1 . LEU A 1 55  ? -6.017  -8.586  -6.009  1.00 49.50  ? 59  LEU A CD1 1 
ATOM 439  C CD2 . LEU A 1 55  ? -3.834  -9.754  -6.017  1.00 49.49  ? 59  LEU A CD2 1 
ATOM 440  N N   . LEU A 1 56  ? -2.044  -4.995  -7.513  1.00 51.83  ? 60  LEU A N   1 
ATOM 441  C CA  . LEU A 1 56  ? -1.510  -4.199  -8.613  1.00 52.67  ? 60  LEU A CA  1 
ATOM 442  C C   . LEU A 1 56  ? 0.006   -4.126  -8.502  1.00 52.68  ? 60  LEU A C   1 
ATOM 443  O O   . LEU A 1 56  ? 0.715   -4.364  -9.478  1.00 50.98  ? 60  LEU A O   1 
ATOM 444  C CB  . LEU A 1 56  ? -2.097  -2.790  -8.575  1.00 54.82  ? 60  LEU A CB  1 
ATOM 445  C CG  . LEU A 1 56  ? -1.756  -1.851  -9.737  1.00 55.98  ? 60  LEU A CG  1 
ATOM 446  C CD1 . LEU A 1 56  ? -2.196  -2.453  -11.068 1.00 56.25  ? 60  LEU A CD1 1 
ATOM 447  C CD2 . LEU A 1 56  ? -2.449  -0.525  -9.504  1.00 55.89  ? 60  LEU A CD2 1 
ATOM 448  N N   . ARG A 1 57  ? 0.492   -3.801  -7.305  1.00 53.94  ? 61  ARG A N   1 
ATOM 449  C CA  . ARG A 1 57  ? 1.925   -3.714  -7.043  1.00 55.33  ? 61  ARG A CA  1 
ATOM 450  C C   . ARG A 1 57  ? 2.589   -5.021  -7.462  1.00 55.94  ? 61  ARG A C   1 
ATOM 451  O O   . ARG A 1 57  ? 3.581   -5.012  -8.201  1.00 56.24  ? 61  ARG A O   1 
ATOM 452  C CB  . ARG A 1 57  ? 2.180   -3.455  -5.554  1.00 59.02  ? 61  ARG A CB  1 
ATOM 453  C CG  . ARG A 1 57  ? 1.947   -2.015  -5.084  1.00 62.57  ? 61  ARG A CG  1 
ATOM 454  C CD  . ARG A 1 57  ? 3.127   -1.095  -5.429  1.00 65.98  ? 61  ARG A CD  1 
ATOM 455  N NE  . ARG A 1 57  ? 2.706   0.299   -5.576  1.00 70.18  ? 61  ARG A NE  1 
ATOM 456  C CZ  . ARG A 1 57  ? 2.157   1.037   -4.611  1.00 71.27  ? 61  ARG A CZ  1 
ATOM 457  N NH1 . ARG A 1 57  ? 1.961   0.522   -3.401  1.00 71.63  ? 61  ARG A NH1 1 
ATOM 458  N NH2 . ARG A 1 57  ? 1.783   2.288   -4.859  1.00 70.40  ? 61  ARG A NH2 1 
ATOM 459  N N   . ARG A 1 58  ? 2.039   -6.137  -6.979  1.00 56.99  ? 62  ARG A N   1 
ATOM 460  C CA  . ARG A 1 58  ? 2.548   -7.472  -7.304  1.00 58.16  ? 62  ARG A CA  1 
ATOM 461  C C   . ARG A 1 58  ? 2.523   -7.712  -8.808  1.00 60.43  ? 62  ARG A C   1 
ATOM 462  O O   . ARG A 1 58  ? 3.467   -8.261  -9.386  1.00 60.88  ? 62  ARG A O   1 
ATOM 463  C CB  . ARG A 1 58  ? 1.695   -8.556  -6.649  1.00 55.64  ? 62  ARG A CB  1 
ATOM 464  C CG  . ARG A 1 58  ? 1.792   -8.651  -5.158  1.00 55.64  ? 62  ARG A CG  1 
ATOM 465  C CD  . ARG A 1 58  ? 0.933   -9.788  -4.648  1.00 54.72  ? 62  ARG A CD  1 
ATOM 466  N NE  . ARG A 1 58  ? 0.890   -9.812  -3.191  1.00 56.40  ? 62  ARG A NE  1 
ATOM 467  C CZ  . ARG A 1 58  ? 0.037   -10.544 -2.482  1.00 57.68  ? 62  ARG A CZ  1 
ATOM 468  N NH1 . ARG A 1 58  ? -0.855  -11.326 -3.094  1.00 57.00  ? 62  ARG A NH1 1 
ATOM 469  N NH2 . ARG A 1 58  ? 0.060   -10.474 -1.158  1.00 56.78  ? 62  ARG A NH2 1 
ATOM 470  N N   . TYR A 1 59  ? 1.421   -7.324  -9.439  1.00 61.58  ? 63  TYR A N   1 
ATOM 471  C CA  . TYR A 1 59  ? 1.291   -7.512  -10.864 1.00 62.87  ? 63  TYR A CA  1 
ATOM 472  C C   . TYR A 1 59  ? 2.398   -6.801  -11.603 1.00 63.80  ? 63  TYR A C   1 
ATOM 473  O O   . TYR A 1 59  ? 3.071   -7.411  -12.416 1.00 62.96  ? 63  TYR A O   1 
ATOM 474  C CB  . TYR A 1 59  ? -0.033  -6.971  -11.364 1.00 65.48  ? 63  TYR A CB  1 
ATOM 475  C CG  . TYR A 1 59  ? -0.148  -7.056  -12.867 1.00 68.24  ? 63  TYR A CG  1 
ATOM 476  C CD1 . TYR A 1 59  ? -0.318  -8.288  -13.505 1.00 69.19  ? 63  TYR A CD1 1 
ATOM 477  C CD2 . TYR A 1 59  ? -0.072  -5.908  -13.654 1.00 68.30  ? 63  TYR A CD2 1 
ATOM 478  C CE1 . TYR A 1 59  ? -0.411  -8.369  -14.890 1.00 71.59  ? 63  TYR A CE1 1 
ATOM 479  C CE2 . TYR A 1 59  ? -0.163  -5.973  -15.038 1.00 70.01  ? 63  TYR A CE2 1 
ATOM 480  C CZ  . TYR A 1 59  ? -0.333  -7.206  -15.653 1.00 72.04  ? 63  TYR A CZ  1 
ATOM 481  O OH  . TYR A 1 59  ? -0.426  -7.274  -17.029 1.00 73.59  ? 63  TYR A OH  1 
ATOM 482  N N   . MET A 1 60  ? 2.563   -5.507  -11.325 1.00 65.83  ? 64  MET A N   1 
ATOM 483  C CA  . MET A 1 60  ? 3.592   -4.674  -11.963 1.00 66.89  ? 64  MET A CA  1 
ATOM 484  C C   . MET A 1 60  ? 4.962   -5.322  -11.898 1.00 67.64  ? 64  MET A C   1 
ATOM 485  O O   . MET A 1 60  ? 5.680   -5.403  -12.903 1.00 68.46  ? 64  MET A O   1 
ATOM 486  C CB  . MET A 1 60  ? 3.677   -3.309  -11.285 1.00 69.92  ? 64  MET A CB  1 
ATOM 487  C CG  . MET A 1 60  ? 2.462   -2.425  -11.486 1.00 74.39  ? 64  MET A CG  1 
ATOM 488  S SD  . MET A 1 60  ? 2.349   -1.805  -13.161 1.00 79.48  ? 64  MET A SD  1 
ATOM 489  C CE  . MET A 1 60  ? 1.417   -3.068  -13.980 1.00 77.95  ? 64  MET A CE  1 
ATOM 490  N N   . LEU A 1 61  ? 5.320   -5.770  -10.699 1.00 67.03  ? 65  LEU A N   1 
ATOM 491  C CA  . LEU A 1 61  ? 6.591   -6.424  -10.455 1.00 66.15  ? 65  LEU A CA  1 
ATOM 492  C C   . LEU A 1 61  ? 6.720   -7.652  -11.350 1.00 67.50  ? 65  LEU A C   1 
ATOM 493  O O   . LEU A 1 61  ? 7.613   -7.729  -12.192 1.00 66.75  ? 65  LEU A O   1 
ATOM 494  C CB  . LEU A 1 61  ? 6.683   -6.817  -8.977  1.00 64.17  ? 65  LEU A CB  1 
ATOM 495  C CG  . LEU A 1 61  ? 7.969   -7.490  -8.506  1.00 61.41  ? 65  LEU A CG  1 
ATOM 496  C CD1 . LEU A 1 61  ? 9.132   -6.717  -9.053  1.00 61.78  ? 65  LEU A CD1 1 
ATOM 497  C CD2 . LEU A 1 61  ? 8.023   -7.556  -6.990  1.00 58.69  ? 65  LEU A CD2 1 
ATOM 498  N N   . LYS A 1 62  ? 5.813   -8.608  -11.169 1.00 69.49  ? 66  LYS A N   1 
ATOM 499  C CA  . LYS A 1 62  ? 5.805   -9.829  -11.957 1.00 72.99  ? 66  LYS A CA  1 
ATOM 500  C C   . LYS A 1 62  ? 5.723   -9.486  -13.436 1.00 76.14  ? 66  LYS A C   1 
ATOM 501  O O   . LYS A 1 62  ? 6.554   -9.936  -14.217 1.00 75.67  ? 66  LYS A O   1 
ATOM 502  C CB  . LYS A 1 62  ? 4.617   -10.702 -11.557 1.00 75.45  ? 66  LYS A CB  1 
ATOM 503  C CG  . LYS A 1 62  ? 4.787   -11.460 -10.241 1.00 77.88  ? 66  LYS A CG  1 
ATOM 504  C CD  . LYS A 1 62  ? 5.650   -12.689 -10.458 1.00 80.19  ? 66  LYS A CD  1 
ATOM 505  C CE  . LYS A 1 62  ? 5.756   -13.542 -9.202  1.00 82.15  ? 66  LYS A CE  1 
ATOM 506  N NZ  . LYS A 1 62  ? 6.567   -14.777 -9.480  1.00 83.85  ? 66  LYS A NZ  1 
ATOM 507  N N   . LYS A 1 63  ? 4.719   -8.695  -13.814 1.00 79.97  ? 67  LYS A N   1 
ATOM 508  C CA  . LYS A 1 63  ? 4.538   -8.275  -15.207 1.00 82.82  ? 67  LYS A CA  1 
ATOM 509  C C   . LYS A 1 63  ? 5.895   -7.905  -15.774 1.00 85.90  ? 67  LYS A C   1 
ATOM 510  O O   . LYS A 1 63  ? 6.632   -7.106  -15.180 1.00 85.00  ? 67  LYS A O   1 
ATOM 511  C CB  . LYS A 1 63  ? 3.606   -7.063  -15.295 1.00 84.78  ? 67  LYS A CB  1 
ATOM 512  C CG  . LYS A 1 63  ? 3.645   -6.320  -16.632 1.00 87.20  ? 67  LYS A CG  1 
ATOM 513  C CD  . LYS A 1 63  ? 3.798   -4.807  -16.409 1.00 88.50  ? 67  LYS A CD  1 
ATOM 514  C CE  . LYS A 1 63  ? 3.635   -4.015  -17.709 1.00 89.55  ? 67  LYS A CE  1 
ATOM 515  N NZ  . LYS A 1 63  ? 3.800   -2.540  -17.514 1.00 90.83  ? 67  LYS A NZ  1 
ATOM 516  N N   . ASN A 1 64  ? 6.207   -8.490  -16.929 1.00 89.80  ? 68  ASN A N   1 
ATOM 517  C CA  . ASN A 1 64  ? 7.489   -8.278  -17.596 1.00 90.46  ? 68  ASN A CA  1 
ATOM 518  C C   . ASN A 1 64  ? 7.381   -7.806  -19.044 1.00 93.13  ? 68  ASN A C   1 
ATOM 519  O O   . ASN A 1 64  ? 8.394   -7.547  -19.687 1.00 93.29  ? 68  ASN A O   1 
ATOM 520  C CB  . ASN A 1 64  ? 8.304   -9.578  -17.533 1.00 90.07  ? 68  ASN A CB  1 
ATOM 521  C CG  . ASN A 1 64  ? 9.610   -9.489  -18.287 1.00 90.32  ? 68  ASN A CG  1 
ATOM 522  O OD1 . ASN A 1 64  ? 10.330  -8.488  -18.195 1.00 90.81  ? 68  ASN A OD1 1 
ATOM 523  N ND2 . ASN A 1 64  ? 9.935   -10.545 -19.037 1.00 90.48  ? 68  ASN A ND2 1 
ATOM 524  N N   . GLU A 1 65  ? 6.165   -7.689  -19.566 1.00 95.08  ? 69  GLU A N   1 
ATOM 525  C CA  . GLU A 1 65  ? 6.002   -7.254  -20.953 1.00 100.69 ? 69  GLU A CA  1 
ATOM 526  C C   . GLU A 1 65  ? 4.774   -6.367  -21.109 1.00 101.79 ? 69  GLU A C   1 
ATOM 527  O O   . GLU A 1 65  ? 3.703   -6.869  -21.449 1.00 104.51 ? 69  GLU A O   1 
ATOM 528  C CB  . GLU A 1 65  ? 5.853   -8.467  -21.891 1.00 102.24 ? 69  GLU A CB  1 
ATOM 529  C CG  . GLU A 1 65  ? 6.765   -9.663  -21.607 1.00 103.15 ? 69  GLU A CG  1 
ATOM 530  C CD  . GLU A 1 65  ? 6.085   -10.725 -20.745 1.00 104.76 ? 69  GLU A CD  1 
ATOM 531  O OE1 . GLU A 1 65  ? 5.694   -10.411 -19.595 1.00 105.81 ? 69  GLU A OE1 1 
ATOM 532  O OE2 . GLU A 1 65  ? 5.941   -11.873 -21.218 1.00 105.33 ? 69  GLU A OE2 1 
ATOM 533  N N   . GLU A 1 66  ? 4.928   -5.061  -20.888 1.00 104.90 ? 70  GLU A N   1 
ATOM 534  C CA  . GLU A 1 66  ? 3.801   -4.129  -20.997 1.00 107.31 ? 70  GLU A CA  1 
ATOM 535  C C   . GLU A 1 66  ? 2.773   -4.571  -22.044 1.00 105.79 ? 70  GLU A C   1 
ATOM 536  O O   . GLU A 1 66  ? 3.116   -4.808  -23.201 1.00 105.82 ? 70  GLU A O   1 
ATOM 537  C CB  . GLU A 1 66  ? 4.299   -2.709  -21.307 1.00 109.51 ? 70  GLU A CB  1 
ATOM 538  C CG  . GLU A 1 66  ? 5.179   -2.108  -20.203 1.00 112.95 ? 70  GLU A CG  1 
ATOM 539  C CD  . GLU A 1 66  ? 5.394   -0.601  -20.347 1.00 115.32 ? 70  GLU A CD  1 
ATOM 540  O OE1 . GLU A 1 66  ? 5.876   -0.159  -21.417 1.00 117.09 ? 70  GLU A OE1 1 
ATOM 541  O OE2 . GLU A 1 66  ? 5.085   0.141   -19.385 1.00 115.69 ? 70  GLU A OE2 1 
ATOM 542  N N   . LYS A 1 67  ? 1.515   -4.701  -21.621 1.00 107.06 ? 71  LYS A N   1 
ATOM 543  C CA  . LYS A 1 67  ? 0.441   -5.130  -22.512 1.00 107.34 ? 71  LYS A CA  1 
ATOM 544  C C   . LYS A 1 67  ? -0.448  -3.949  -22.907 1.00 106.55 ? 71  LYS A C   1 
ATOM 545  O O   . LYS A 1 67  ? -1.594  -4.135  -23.325 1.00 106.29 ? 71  LYS A O   1 
ATOM 546  C CB  . LYS A 1 67  ? -0.427  -6.215  -21.850 1.00 108.76 ? 71  LYS A CB  1 
ATOM 547  C CG  . LYS A 1 67  ? 0.328   -7.364  -21.170 1.00 111.24 ? 71  LYS A CG  1 
ATOM 548  C CD  . LYS A 1 67  ? 1.180   -8.204  -22.125 1.00 112.80 ? 71  LYS A CD  1 
ATOM 549  C CE  . LYS A 1 67  ? 1.939   -9.296  -21.352 1.00 113.76 ? 71  LYS A CE  1 
ATOM 550  N NZ  . LYS A 1 67  ? 2.709   -10.253 -22.205 1.00 114.45 ? 71  LYS A NZ  1 
ATOM 551  N N   . GLY A 1 68  ? 0.079   -2.738  -22.763 1.00 104.95 ? 72  GLY A N   1 
ATOM 552  C CA  . GLY A 1 68  ? -0.672  -1.552  -23.138 1.00 103.35 ? 72  GLY A CA  1 
ATOM 553  C C   . GLY A 1 68  ? -1.985  -1.343  -22.404 1.00 102.46 ? 72  GLY A C   1 
ATOM 554  O O   . GLY A 1 68  ? -2.927  -0.776  -22.965 1.00 103.90 ? 72  GLY A O   1 
ATOM 555  N N   . PHE A 1 69  ? -2.055  -1.809  -21.159 1.00 99.82  ? 73  PHE A N   1 
ATOM 556  C CA  . PHE A 1 69  ? -3.252  -1.640  -20.342 1.00 95.68  ? 73  PHE A CA  1 
ATOM 557  C C   . PHE A 1 69  ? -3.157  -0.322  -19.596 1.00 92.89  ? 73  PHE A C   1 
ATOM 558  O O   . PHE A 1 69  ? -2.123  -0.014  -19.001 1.00 92.84  ? 73  PHE A O   1 
ATOM 559  C CB  . PHE A 1 69  ? -3.379  -2.761  -19.314 1.00 96.41  ? 73  PHE A CB  1 
ATOM 560  C CG  . PHE A 1 69  ? -3.854  -4.042  -19.886 1.00 97.01  ? 73  PHE A CG  1 
ATOM 561  C CD1 . PHE A 1 69  ? -2.972  -5.093  -20.099 1.00 98.48  ? 73  PHE A CD1 1 
ATOM 562  C CD2 . PHE A 1 69  ? -5.188  -4.197  -20.237 1.00 97.27  ? 73  PHE A CD2 1 
ATOM 563  C CE1 . PHE A 1 69  ? -3.416  -6.292  -20.658 1.00 100.19 ? 73  PHE A CE1 1 
ATOM 564  C CE2 . PHE A 1 69  ? -5.644  -5.385  -20.795 1.00 98.71  ? 73  PHE A CE2 1 
ATOM 565  C CZ  . PHE A 1 69  ? -4.761  -6.438  -21.009 1.00 99.89  ? 73  PHE A CZ  1 
ATOM 566  N N   . SER A 1 70  ? -4.236  0.450   -19.613 1.00 89.89  ? 74  SER A N   1 
ATOM 567  C CA  . SER A 1 70  ? -4.251  1.732   -18.918 1.00 87.28  ? 74  SER A CA  1 
ATOM 568  C C   . SER A 1 70  ? -4.218  1.523   -17.410 1.00 85.97  ? 74  SER A C   1 
ATOM 569  O O   . SER A 1 70  ? -4.976  0.708   -16.872 1.00 85.22  ? 74  SER A O   1 
ATOM 570  C CB  . SER A 1 70  ? -5.514  2.519   -19.262 1.00 87.30  ? 74  SER A CB  1 
ATOM 571  O OG  . SER A 1 70  ? -6.626  2.031   -18.529 1.00 85.54  ? 74  SER A OG  1 
ATOM 572  N N   . LEU A 1 71  ? -3.345  2.266   -16.733 1.00 83.98  ? 75  LEU A N   1 
ATOM 573  C CA  . LEU A 1 71  ? -3.239  2.177   -15.284 1.00 81.33  ? 75  LEU A CA  1 
ATOM 574  C C   . LEU A 1 71  ? -4.647  2.221   -14.723 1.00 80.74  ? 75  LEU A C   1 
ATOM 575  O O   . LEU A 1 71  ? -4.933  1.592   -13.709 1.00 82.32  ? 75  LEU A O   1 
ATOM 576  C CB  . LEU A 1 71  ? -2.439  3.355   -14.726 1.00 79.04  ? 75  LEU A CB  1 
ATOM 577  C CG  . LEU A 1 71  ? -2.557  3.547   -13.209 1.00 77.89  ? 75  LEU A CG  1 
ATOM 578  C CD1 . LEU A 1 71  ? -1.856  2.401   -12.530 1.00 77.83  ? 75  LEU A CD1 1 
ATOM 579  C CD2 . LEU A 1 71  ? -1.949  4.872   -12.764 1.00 77.84  ? 75  LEU A CD2 1 
ATOM 580  N N   . GLU A 1 72  ? -5.524  2.963   -15.393 1.00 79.23  ? 76  GLU A N   1 
ATOM 581  C CA  . GLU A 1 72  ? -6.906  3.078   -14.949 1.00 77.92  ? 76  GLU A CA  1 
ATOM 582  C C   . GLU A 1 72  ? -7.597  1.719   -15.077 1.00 75.55  ? 76  GLU A C   1 
ATOM 583  O O   . GLU A 1 72  ? -8.227  1.246   -14.129 1.00 74.89  ? 76  GLU A O   1 
ATOM 584  C CB  . GLU A 1 72  ? -7.657  4.133   -15.773 1.00 79.91  ? 76  GLU A CB  1 
ATOM 585  C CG  . GLU A 1 72  ? -7.109  5.568   -15.674 1.00 81.27  ? 76  GLU A CG  1 
ATOM 586  C CD  . GLU A 1 72  ? -5.734  5.737   -16.321 1.00 83.17  ? 76  GLU A CD  1 
ATOM 587  O OE1 . GLU A 1 72  ? -5.472  5.088   -17.360 1.00 83.82  ? 76  GLU A OE1 1 
ATOM 588  O OE2 . GLU A 1 72  ? -4.916  6.533   -15.800 1.00 83.46  ? 76  GLU A OE2 1 
ATOM 589  N N   . ALA A 1 73  ? -7.460  1.093   -16.245 1.00 73.42  ? 77  ALA A N   1 
ATOM 590  C CA  . ALA A 1 73  ? -8.061  -0.217  -16.506 1.00 71.58  ? 77  ALA A CA  1 
ATOM 591  C C   . ALA A 1 73  ? -7.592  -1.237  -15.477 1.00 69.79  ? 77  ALA A C   1 
ATOM 592  O O   . ALA A 1 73  ? -8.373  -2.053  -14.972 1.00 67.42  ? 77  ALA A O   1 
ATOM 593  C CB  . ALA A 1 73  ? -7.697  -0.693  -17.905 1.00 71.50  ? 77  ALA A CB  1 
ATOM 594  N N   . LEU A 1 74  ? -6.301  -1.194  -15.185 1.00 68.56  ? 78  LEU A N   1 
ATOM 595  C CA  . LEU A 1 74  ? -5.721  -2.086  -14.201 1.00 67.33  ? 78  LEU A CA  1 
ATOM 596  C C   . LEU A 1 74  ? -6.398  -1.775  -12.876 1.00 65.88  ? 78  LEU A C   1 
ATOM 597  O O   . LEU A 1 74  ? -7.093  -2.618  -12.316 1.00 67.09  ? 78  LEU A O   1 
ATOM 598  C CB  . LEU A 1 74  ? -4.228  -1.828  -14.099 1.00 69.51  ? 78  LEU A CB  1 
ATOM 599  C CG  . LEU A 1 74  ? -3.319  -3.053  -14.236 1.00 71.89  ? 78  LEU A CG  1 
ATOM 600  C CD1 . LEU A 1 74  ? -3.747  -3.972  -15.394 1.00 71.40  ? 78  LEU A CD1 1 
ATOM 601  C CD2 . LEU A 1 74  ? -1.910  -2.532  -14.442 1.00 72.22  ? 78  LEU A CD2 1 
ATOM 602  N N   . VAL A 1 75  ? -6.207  -0.557  -12.378 1.00 62.78  ? 79  VAL A N   1 
ATOM 603  C CA  . VAL A 1 75  ? -6.845  -0.168  -11.132 1.00 58.85  ? 79  VAL A CA  1 
ATOM 604  C C   . VAL A 1 75  ? -8.301  -0.614  -11.104 1.00 59.17  ? 79  VAL A C   1 
ATOM 605  O O   . VAL A 1 75  ? -8.786  -1.090  -10.082 1.00 61.13  ? 79  VAL A O   1 
ATOM 606  C CB  . VAL A 1 75  ? -6.811  1.346   -10.920 1.00 55.65  ? 79  VAL A CB  1 
ATOM 607  C CG1 . VAL A 1 75  ? -7.635  1.716   -9.681  1.00 54.19  ? 79  VAL A CG1 1 
ATOM 608  C CG2 . VAL A 1 75  ? -5.389  1.801   -10.752 1.00 53.56  ? 79  VAL A CG2 1 
ATOM 609  N N   . ALA A 1 76  ? -9.003  -0.467  -12.220 1.00 59.29  ? 80  ALA A N   1 
ATOM 610  C CA  . ALA A 1 76  ? -10.406 -0.866  -12.252 1.00 59.81  ? 80  ALA A CA  1 
ATOM 611  C C   . ALA A 1 76  ? -10.578 -2.360  -11.989 1.00 58.57  ? 80  ALA A C   1 
ATOM 612  O O   . ALA A 1 76  ? -11.451 -2.768  -11.214 1.00 56.61  ? 80  ALA A O   1 
ATOM 613  C CB  . ALA A 1 76  ? -11.040 -0.484  -13.587 1.00 59.90  ? 80  ALA A CB  1 
ATOM 614  N N   . THR A 1 77  ? -9.732  -3.161  -12.632 1.00 58.90  ? 81  THR A N   1 
ATOM 615  C CA  . THR A 1 77  ? -9.754  -4.616  -12.506 1.00 60.99  ? 81  THR A CA  1 
ATOM 616  C C   . THR A 1 77  ? -9.268  -5.044  -11.116 1.00 59.07  ? 81  THR A C   1 
ATOM 617  O O   . THR A 1 77  ? -9.842  -5.949  -10.502 1.00 59.75  ? 81  THR A O   1 
ATOM 618  C CB  . THR A 1 77  ? -8.860  -5.265  -13.605 1.00 62.82  ? 81  THR A CB  1 
ATOM 619  O OG1 . THR A 1 77  ? -9.033  -4.540  -14.834 1.00 63.82  ? 81  THR A OG1 1 
ATOM 620  C CG2 . THR A 1 77  ? -9.246  -6.735  -13.842 1.00 63.76  ? 81  THR A CG2 1 
ATOM 621  N N   . CYS A 1 78  ? -8.214  -4.399  -10.622 1.00 58.14  ? 82  CYS A N   1 
ATOM 622  C CA  . CYS A 1 78  ? -7.680  -4.704  -9.294  1.00 58.57  ? 82  CYS A CA  1 
ATOM 623  C C   . CYS A 1 78  ? -8.704  -4.389  -8.212  1.00 58.36  ? 82  CYS A C   1 
ATOM 624  O O   . CYS A 1 78  ? -8.643  -4.922  -7.105  1.00 59.21  ? 82  CYS A O   1 
ATOM 625  C CB  . CYS A 1 78  ? -6.395  -3.915  -9.030  1.00 56.78  ? 82  CYS A CB  1 
ATOM 626  S SG  . CYS A 1 78  ? -4.905  -4.639  -9.781  1.00 53.67  ? 82  CYS A SG  1 
ATOM 627  N N   . ILE A 1 79  ? -9.639  -3.507  -8.526  1.00 59.66  ? 83  ILE A N   1 
ATOM 628  C CA  . ILE A 1 79  ? -10.674 -3.187  -7.564  1.00 61.52  ? 83  ILE A CA  1 
ATOM 629  C C   . ILE A 1 79  ? -11.727 -4.293  -7.653  1.00 61.42  ? 83  ILE A C   1 
ATOM 630  O O   . ILE A 1 79  ? -12.182 -4.829  -6.637  1.00 60.37  ? 83  ILE A O   1 
ATOM 631  C CB  . ILE A 1 79  ? -11.310 -1.838  -7.871  1.00 58.78  ? 83  ILE A CB  1 
ATOM 632  C CG1 . ILE A 1 79  ? -10.337 -0.724  -7.503  1.00 58.30  ? 83  ILE A CG1 1 
ATOM 633  C CG2 . ILE A 1 79  ? -12.591 -1.677  -7.073  1.00 59.71  ? 83  ILE A CG2 1 
ATOM 634  C CD1 . ILE A 1 79  ? -10.118 -0.600  -6.001  1.00 58.93  ? 83  ILE A CD1 1 
ATOM 635  N N   . TYR A 1 80  ? -12.091 -4.635  -8.887  1.00 62.57  ? 84  TYR A N   1 
ATOM 636  C CA  . TYR A 1 80  ? -13.074 -5.675  -9.158  1.00 63.34  ? 84  TYR A CA  1 
ATOM 637  C C   . TYR A 1 80  ? -12.642 -6.989  -8.526  1.00 64.33  ? 84  TYR A C   1 
ATOM 638  O O   . TYR A 1 80  ? -13.434 -7.663  -7.847  1.00 64.20  ? 84  TYR A O   1 
ATOM 639  C CB  . TYR A 1 80  ? -13.218 -5.858  -10.668 1.00 63.48  ? 84  TYR A CB  1 
ATOM 640  C CG  . TYR A 1 80  ? -14.142 -6.984  -11.066 1.00 65.61  ? 84  TYR A CG  1 
ATOM 641  C CD1 . TYR A 1 80  ? -15.428 -7.090  -10.534 1.00 65.47  ? 84  TYR A CD1 1 
ATOM 642  C CD2 . TYR A 1 80  ? -13.720 -7.955  -11.965 1.00 68.03  ? 84  TYR A CD2 1 
ATOM 643  C CE1 . TYR A 1 80  ? -16.263 -8.143  -10.892 1.00 68.71  ? 84  TYR A CE1 1 
ATOM 644  C CE2 . TYR A 1 80  ? -14.544 -9.014  -12.335 1.00 69.72  ? 84  TYR A CE2 1 
ATOM 645  C CZ  . TYR A 1 80  ? -15.813 -9.108  -11.796 1.00 70.82  ? 84  TYR A CZ  1 
ATOM 646  O OH  . TYR A 1 80  ? -16.607 -10.183 -12.158 1.00 73.41  ? 84  TYR A OH  1 
ATOM 647  N N   . LEU A 1 81  ? -11.376 -7.341  -8.760  1.00 63.58  ? 85  LEU A N   1 
ATOM 648  C CA  . LEU A 1 81  ? -10.800 -8.568  -8.244  1.00 61.06  ? 85  LEU A CA  1 
ATOM 649  C C   . LEU A 1 81  ? -10.753 -8.529  -6.725  1.00 60.86  ? 85  LEU A C   1 
ATOM 650  O O   . LEU A 1 81  ? -11.142 -9.484  -6.051  1.00 58.67  ? 85  LEU A O   1 
ATOM 651  C CB  . LEU A 1 81  ? -9.405  -8.749  -8.816  1.00 59.02  ? 85  LEU A CB  1 
ATOM 652  C CG  . LEU A 1 81  ? -9.023  -10.196 -9.128  1.00 60.59  ? 85  LEU A CG  1 
ATOM 653  C CD1 . LEU A 1 81  ? -10.208 -10.933 -9.739  1.00 60.18  ? 85  LEU A CD1 1 
ATOM 654  C CD2 . LEU A 1 81  ? -7.844  -10.203 -10.095 1.00 61.14  ? 85  LEU A CD2 1 
ATOM 655  N N   . SER A 1 82  ? -10.301 -7.406  -6.182  1.00 62.39  ? 86  SER A N   1 
ATOM 656  C CA  . SER A 1 82  ? -10.211 -7.277  -4.732  1.00 65.13  ? 86  SER A CA  1 
ATOM 657  C C   . SER A 1 82  ? -11.573 -7.404  -4.030  1.00 66.76  ? 86  SER A C   1 
ATOM 658  O O   . SER A 1 82  ? -11.646 -7.873  -2.891  1.00 66.92  ? 86  SER A O   1 
ATOM 659  C CB  . SER A 1 82  ? -9.541  -5.953  -4.357  1.00 62.97  ? 86  SER A CB  1 
ATOM 660  O OG  . SER A 1 82  ? -9.459  -5.834  -2.951  1.00 59.12  ? 86  SER A OG  1 
ATOM 661  N N   . CYS A 1 83  ? -12.642 -6.981  -4.706  1.00 68.82  ? 87  CYS A N   1 
ATOM 662  C CA  . CYS A 1 83  ? -13.993 -7.065  -4.147  1.00 68.93  ? 87  CYS A CA  1 
ATOM 663  C C   . CYS A 1 83  ? -14.442 -8.512  -4.153  1.00 69.94  ? 87  CYS A C   1 
ATOM 664  O O   . CYS A 1 83  ? -15.071 -8.987  -3.210  1.00 68.82  ? 87  CYS A O   1 
ATOM 665  C CB  . CYS A 1 83  ? -14.981 -6.234  -4.975  1.00 67.93  ? 87  CYS A CB  1 
ATOM 666  S SG  . CYS A 1 83  ? -14.911 -4.450  -4.692  1.00 66.97  ? 87  CYS A SG  1 
ATOM 667  N N   . LYS A 1 84  ? -14.121 -9.217  -5.229  1.00 71.71  ? 88  LYS A N   1 
ATOM 668  C CA  . LYS A 1 84  ? -14.503 -10.612 -5.314  1.00 73.83  ? 88  LYS A CA  1 
ATOM 669  C C   . LYS A 1 84  ? -13.808 -11.373 -4.183  1.00 75.43  ? 88  LYS A C   1 
ATOM 670  O O   . LYS A 1 84  ? -14.462 -12.086 -3.421  1.00 75.99  ? 88  LYS A O   1 
ATOM 671  C CB  . LYS A 1 84  ? -14.115 -11.187 -6.679  1.00 74.58  ? 88  LYS A CB  1 
ATOM 672  C CG  . LYS A 1 84  ? -14.679 -12.584 -6.934  1.00 77.40  ? 88  LYS A CG  1 
ATOM 673  C CD  . LYS A 1 84  ? -14.427 -13.092 -8.367  1.00 81.26  ? 88  LYS A CD  1 
ATOM 674  C CE  . LYS A 1 84  ? -15.055 -12.184 -9.447  1.00 83.04  ? 88  LYS A CE  1 
ATOM 675  N NZ  . LYS A 1 84  ? -14.913 -12.730 -10.843 1.00 83.80  ? 88  LYS A NZ  1 
ATOM 676  N N   . VAL A 1 85  ? -12.493 -11.186 -4.056  1.00 76.50  ? 89  VAL A N   1 
ATOM 677  C CA  . VAL A 1 85  ? -11.699 -11.866 -3.030  1.00 76.19  ? 89  VAL A CA  1 
ATOM 678  C C   . VAL A 1 85  ? -12.082 -11.482 -1.602  1.00 75.19  ? 89  VAL A C   1 
ATOM 679  O O   . VAL A 1 85  ? -12.433 -12.336 -0.797  1.00 75.69  ? 89  VAL A O   1 
ATOM 680  C CB  . VAL A 1 85  ? -10.182 -11.598 -3.242  1.00 76.01  ? 89  VAL A CB  1 
ATOM 681  C CG1 . VAL A 1 85  ? -9.340  -12.417 -2.268  1.00 75.91  ? 89  VAL A CG1 1 
ATOM 682  C CG2 . VAL A 1 85  ? -9.803  -11.956 -4.660  1.00 76.81  ? 89  VAL A CG2 1 
ATOM 683  N N   . GLU A 1 86  ? -12.021 -10.196 -1.288  1.00 75.44  ? 90  GLU A N   1 
ATOM 684  C CA  . GLU A 1 86  ? -12.347 -9.715  0.047   1.00 76.14  ? 90  GLU A CA  1 
ATOM 685  C C   . GLU A 1 86  ? -13.816 -9.872  0.428   1.00 78.64  ? 90  GLU A C   1 
ATOM 686  O O   . GLU A 1 86  ? -14.265 -9.270  1.408   1.00 78.46  ? 90  GLU A O   1 
ATOM 687  C CB  . GLU A 1 86  ? -11.954 -8.248  0.162   1.00 74.57  ? 90  GLU A CB  1 
ATOM 688  C CG  . GLU A 1 86  ? -10.465 -8.011  0.119   1.00 70.98  ? 90  GLU A CG  1 
ATOM 689  C CD  . GLU A 1 86  ? -9.782  -8.547  1.349   1.00 69.00  ? 90  GLU A CD  1 
ATOM 690  O OE1 . GLU A 1 86  ? -10.387 -8.410  2.434   1.00 67.66  ? 90  GLU A OE1 1 
ATOM 691  O OE2 . GLU A 1 86  ? -8.657  -9.089  1.236   1.00 66.85  ? 90  GLU A OE2 1 
ATOM 692  N N   . GLU A 1 87  ? -14.556 -10.664 -0.348  1.00 81.93  ? 91  GLU A N   1 
ATOM 693  C CA  . GLU A 1 87  ? -15.985 -10.921 -0.111  1.00 84.70  ? 91  GLU A CA  1 
ATOM 694  C C   . GLU A 1 87  ? -16.902 -9.687  -0.115  1.00 85.64  ? 91  GLU A C   1 
ATOM 695  O O   . GLU A 1 87  ? -17.898 -9.644  0.594   1.00 85.68  ? 91  GLU A O   1 
ATOM 696  C CB  . GLU A 1 87  ? -16.173 -11.674 1.206   1.00 86.44  ? 91  GLU A CB  1 
ATOM 697  C CG  . GLU A 1 87  ? -15.139 -12.752 1.439   1.00 89.59  ? 91  GLU A CG  1 
ATOM 698  C CD  . GLU A 1 87  ? -15.755 -14.110 1.695   1.00 92.37  ? 91  GLU A CD  1 
ATOM 699  O OE1 . GLU A 1 87  ? -16.410 -14.271 2.751   1.00 94.26  ? 91  GLU A OE1 1 
ATOM 700  O OE2 . GLU A 1 87  ? -15.580 -15.007 0.838   1.00 93.29  ? 91  GLU A OE2 1 
ATOM 701  N N   . CYS A 1 88  ? -16.553 -8.680  -0.904  1.00 87.20  ? 92  CYS A N   1 
ATOM 702  C CA  . CYS A 1 88  ? -17.348 -7.458  -1.031  1.00 88.79  ? 92  CYS A CA  1 
ATOM 703  C C   . CYS A 1 88  ? -17.566 -7.293  -2.526  1.00 89.30  ? 92  CYS A C   1 
ATOM 704  O O   . CYS A 1 88  ? -17.270 -6.233  -3.095  1.00 89.83  ? 92  CYS A O   1 
ATOM 705  C CB  . CYS A 1 88  ? -16.574 -6.235  -0.527  1.00 90.89  ? 92  CYS A CB  1 
ATOM 706  S SG  . CYS A 1 88  ? -16.138 -6.225  1.221   1.00 98.11  ? 92  CYS A SG  1 
ATOM 707  N N   . PRO A 1 89  ? -18.083 -8.341  -3.187  1.00 88.32  ? 93  PRO A N   1 
ATOM 708  C CA  . PRO A 1 89  ? -18.317 -8.288  -4.630  1.00 87.11  ? 93  PRO A CA  1 
ATOM 709  C C   . PRO A 1 89  ? -19.110 -7.072  -5.102  1.00 87.00  ? 93  PRO A C   1 
ATOM 710  O O   . PRO A 1 89  ? -20.016 -6.593  -4.409  1.00 86.59  ? 93  PRO A O   1 
ATOM 711  C CB  . PRO A 1 89  ? -19.017 -9.620  -4.913  1.00 85.64  ? 93  PRO A CB  1 
ATOM 712  C CG  . PRO A 1 89  ? -19.718 -9.893  -3.643  1.00 86.22  ? 93  PRO A CG  1 
ATOM 713  C CD  . PRO A 1 89  ? -18.693 -9.549  -2.613  1.00 86.73  ? 93  PRO A CD  1 
ATOM 714  N N   . VAL A 1 90  ? -18.720 -6.576  -6.276  1.00 86.62  ? 94  VAL A N   1 
ATOM 715  C CA  . VAL A 1 90  ? -19.331 -5.426  -6.940  1.00 86.34  ? 94  VAL A CA  1 
ATOM 716  C C   . VAL A 1 90  ? -19.526 -5.820  -8.401  1.00 88.42  ? 94  VAL A C   1 
ATOM 717  O O   . VAL A 1 90  ? -18.569 -5.848  -9.172  1.00 89.31  ? 94  VAL A O   1 
ATOM 718  C CB  . VAL A 1 90  ? -18.411 -4.185  -6.877  1.00 83.93  ? 94  VAL A CB  1 
ATOM 719  C CG1 . VAL A 1 90  ? -18.925 -3.099  -7.790  1.00 82.04  ? 94  VAL A CG1 1 
ATOM 720  C CG2 . VAL A 1 90  ? -18.339 -3.673  -5.460  1.00 83.56  ? 94  VAL A CG2 1 
ATOM 721  N N   . HIS A 1 91  ? -20.765 -6.129  -8.772  1.00 90.64  ? 95  HIS A N   1 
ATOM 722  C CA  . HIS A 1 91  ? -21.094 -6.556  -10.130 1.00 91.78  ? 95  HIS A CA  1 
ATOM 723  C C   . HIS A 1 91  ? -20.227 -5.972  -11.249 1.00 91.18  ? 95  HIS A C   1 
ATOM 724  O O   . HIS A 1 91  ? -19.998 -4.763  -11.314 1.00 89.70  ? 95  HIS A O   1 
ATOM 725  C CB  . HIS A 1 91  ? -22.560 -6.255  -10.442 1.00 93.58  ? 95  HIS A CB  1 
ATOM 726  C CG  . HIS A 1 91  ? -23.060 -6.963  -11.659 1.00 95.41  ? 95  HIS A CG  1 
ATOM 727  N ND1 . HIS A 1 91  ? -23.536 -8.257  -11.621 1.00 96.73  ? 95  HIS A ND1 1 
ATOM 728  C CD2 . HIS A 1 91  ? -23.068 -6.596  -12.962 1.00 95.84  ? 95  HIS A CD2 1 
ATOM 729  C CE1 . HIS A 1 91  ? -23.812 -8.658  -12.850 1.00 97.48  ? 95  HIS A CE1 1 
ATOM 730  N NE2 . HIS A 1 91  ? -23.535 -7.669  -13.682 1.00 97.65  ? 95  HIS A NE2 1 
ATOM 731  N N   . ILE A 1 92  ? -19.767 -6.854  -12.130 1.00 91.48  ? 96  ILE A N   1 
ATOM 732  C CA  . ILE A 1 92  ? -18.929 -6.485  -13.267 1.00 92.95  ? 96  ILE A CA  1 
ATOM 733  C C   . ILE A 1 92  ? -19.328 -5.144  -13.872 1.00 93.79  ? 96  ILE A C   1 
ATOM 734  O O   . ILE A 1 92  ? -18.486 -4.262  -14.075 1.00 92.07  ? 96  ILE A O   1 
ATOM 735  C CB  . ILE A 1 92  ? -19.039 -7.543  -14.375 1.00 93.91  ? 96  ILE A CB  1 
ATOM 736  C CG1 . ILE A 1 92  ? -19.123 -8.935  -13.740 1.00 95.12  ? 96  ILE A CG1 1 
ATOM 737  C CG2 . ILE A 1 92  ? -17.858 -7.412  -15.342 1.00 91.48  ? 96  ILE A CG2 1 
ATOM 738  C CD1 . ILE A 1 92  ? -19.586 -10.034 -14.681 1.00 96.95  ? 96  ILE A CD1 1 
ATOM 739  N N   . ARG A 1 93  ? -20.626 -5.024  -14.159 1.00 95.67  ? 97  ARG A N   1 
ATOM 740  C CA  . ARG A 1 93  ? -21.229 -3.835  -14.765 1.00 96.12  ? 97  ARG A CA  1 
ATOM 741  C C   . ARG A 1 93  ? -21.002 -2.548  -13.981 1.00 95.23  ? 97  ARG A C   1 
ATOM 742  O O   . ARG A 1 93  ? -20.512 -1.553  -14.528 1.00 94.93  ? 97  ARG A O   1 
ATOM 743  C CB  . ARG A 1 93  ? -22.739 -4.056  -14.939 1.00 97.79  ? 97  ARG A CB  1 
ATOM 744  C CG  . ARG A 1 93  ? -23.489 -2.898  -15.604 1.00 100.41 ? 97  ARG A CG  1 
ATOM 745  C CD  . ARG A 1 93  ? -24.982 -3.201  -15.734 1.00 102.33 ? 97  ARG A CD  1 
ATOM 746  N NE  . ARG A 1 93  ? -25.207 -4.497  -16.369 1.00 104.78 ? 97  ARG A NE  1 
ATOM 747  C CZ  . ARG A 1 93  ? -25.716 -5.560  -15.751 1.00 105.24 ? 97  ARG A CZ  1 
ATOM 748  N NH1 . ARG A 1 93  ? -26.065 -5.485  -14.471 1.00 105.11 ? 97  ARG A NH1 1 
ATOM 749  N NH2 . ARG A 1 93  ? -25.847 -6.710  -16.404 1.00 105.37 ? 97  ARG A NH2 1 
ATOM 750  N N   . THR A 1 94  ? -21.365 -2.575  -12.704 1.00 93.51  ? 98  THR A N   1 
ATOM 751  C CA  . THR A 1 94  ? -21.229 -1.416  -11.832 1.00 92.01  ? 98  THR A CA  1 
ATOM 752  C C   . THR A 1 94  ? -19.874 -0.734  -11.935 1.00 91.71  ? 98  THR A C   1 
ATOM 753  O O   . THR A 1 94  ? -19.785 0.494   -11.868 1.00 91.00  ? 98  THR A O   1 
ATOM 754  C CB  . THR A 1 94  ? -21.407 -1.799  -10.370 1.00 92.17  ? 98  THR A CB  1 
ATOM 755  O OG1 . THR A 1 94  ? -22.552 -2.645  -10.225 1.00 92.23  ? 98  THR A OG1 1 
ATOM 756  C CG2 . THR A 1 94  ? -21.579 -0.551  -9.533  1.00 91.89  ? 98  THR A CG2 1 
ATOM 757  N N   . ILE A 1 95  ? -18.829 -1.547  -12.077 1.00 91.92  ? 99  ILE A N   1 
ATOM 758  C CA  . ILE A 1 95  ? -17.453 -1.068  -12.161 1.00 91.83  ? 99  ILE A CA  1 
ATOM 759  C C   . ILE A 1 95  ? -17.112 -0.413  -13.487 1.00 91.20  ? 99  ILE A C   1 
ATOM 760  O O   . ILE A 1 95  ? -16.387 0.581   -13.529 1.00 90.69  ? 99  ILE A O   1 
ATOM 761  C CB  . ILE A 1 95  ? -16.459 -2.222  -11.882 1.00 91.34  ? 99  ILE A CB  1 
ATOM 762  C CG1 . ILE A 1 95  ? -16.598 -2.659  -10.425 1.00 91.00  ? 99  ILE A CG1 1 
ATOM 763  C CG2 . ILE A 1 95  ? -15.022 -1.776  -12.147 1.00 91.50  ? 99  ILE A CG2 1 
ATOM 764  C CD1 . ILE A 1 95  ? -15.682 -3.775  -10.035 1.00 92.13  ? 99  ILE A CD1 1 
ATOM 765  N N   . CYS A 1 96  ? -17.634 -0.969  -14.571 1.00 91.51  ? 100 CYS A N   1 
ATOM 766  C CA  . CYS A 1 96  ? -17.383 -0.418  -15.896 1.00 92.41  ? 100 CYS A CA  1 
ATOM 767  C C   . CYS A 1 96  ? -17.991 0.966   -16.004 1.00 91.31  ? 100 CYS A C   1 
ATOM 768  O O   . CYS A 1 96  ? -17.386 1.905   -16.535 1.00 89.22  ? 100 CYS A O   1 
ATOM 769  C CB  . CYS A 1 96  ? -17.987 -1.336  -16.943 1.00 93.17  ? 100 CYS A CB  1 
ATOM 770  S SG  . CYS A 1 96  ? -17.193 -2.934  -16.919 1.00 98.57  ? 100 CYS A SG  1 
ATOM 771  N N   . ASN A 1 97  ? -19.203 1.078   -15.486 1.00 91.29  ? 101 ASN A N   1 
ATOM 772  C CA  . ASN A 1 97  ? -19.909 2.334   -15.500 1.00 91.04  ? 101 ASN A CA  1 
ATOM 773  C C   . ASN A 1 97  ? -19.072 3.364   -14.766 1.00 91.21  ? 101 ASN A C   1 
ATOM 774  O O   . ASN A 1 97  ? -18.458 4.215   -15.402 1.00 92.98  ? 101 ASN A O   1 
ATOM 775  C CB  . ASN A 1 97  ? -21.281 2.159   -14.853 1.00 90.45  ? 101 ASN A CB  1 
ATOM 776  C CG  . ASN A 1 97  ? -22.098 1.067   -15.532 1.00 91.35  ? 101 ASN A CG  1 
ATOM 777  O OD1 . ASN A 1 97  ? -21.818 0.682   -16.672 1.00 91.39  ? 101 ASN A OD1 1 
ATOM 778  N ND2 . ASN A 1 97  ? -23.118 0.571   -14.843 1.00 91.35  ? 101 ASN A ND2 1 
ATOM 779  N N   . GLU A 1 98  ? -19.013 3.273   -13.440 1.00 90.90  ? 102 GLU A N   1 
ATOM 780  C CA  . GLU A 1 98  ? -18.236 4.234   -12.665 1.00 90.59  ? 102 GLU A CA  1 
ATOM 781  C C   . GLU A 1 98  ? -16.836 4.491   -13.216 1.00 89.98  ? 102 GLU A C   1 
ATOM 782  O O   . GLU A 1 98  ? -16.304 5.590   -13.084 1.00 88.25  ? 102 GLU A O   1 
ATOM 783  C CB  . GLU A 1 98  ? -18.158 3.794   -11.206 1.00 91.51  ? 102 GLU A CB  1 
ATOM 784  C CG  . GLU A 1 98  ? -19.450 4.070   -10.447 1.00 93.66  ? 102 GLU A CG  1 
ATOM 785  C CD  . GLU A 1 98  ? -19.706 5.563   -10.255 1.00 94.82  ? 102 GLU A CD  1 
ATOM 786  O OE1 . GLU A 1 98  ? -19.327 6.096   -9.192  1.00 94.77  ? 102 GLU A OE1 1 
ATOM 787  O OE2 . GLU A 1 98  ? -20.276 6.209   -11.166 1.00 96.59  ? 102 GLU A OE2 1 
ATOM 788  N N   . ALA A 1 99  ? -16.253 3.479   -13.850 1.00 91.11  ? 103 ALA A N   1 
ATOM 789  C CA  . ALA A 1 99  ? -14.919 3.599   -14.430 1.00 92.23  ? 103 ALA A CA  1 
ATOM 790  C C   . ALA A 1 99  ? -14.928 4.645   -15.534 1.00 93.23  ? 103 ALA A C   1 
ATOM 791  O O   . ALA A 1 99  ? -14.082 5.542   -15.569 1.00 91.22  ? 103 ALA A O   1 
ATOM 792  C CB  . ALA A 1 99  ? -14.472 2.258   -14.993 1.00 91.79  ? 103 ALA A CB  1 
ATOM 793  N N   . ASN A 1 100 ? -15.897 4.507   -16.436 1.00 95.91  ? 104 ASN A N   1 
ATOM 794  C CA  . ASN A 1 100 ? -16.058 5.428   -17.554 1.00 98.15  ? 104 ASN A CA  1 
ATOM 795  C C   . ASN A 1 100 ? -16.669 6.744   -17.072 1.00 99.68  ? 104 ASN A C   1 
ATOM 796  O O   . ASN A 1 100 ? -16.237 7.826   -17.473 1.00 99.52  ? 104 ASN A O   1 
ATOM 797  C CB  . ASN A 1 100 ? -16.950 4.795   -18.626 1.00 96.78  ? 104 ASN A CB  1 
ATOM 798  C CG  . ASN A 1 100 ? -16.312 3.572   -19.276 1.00 96.02  ? 104 ASN A CG  1 
ATOM 799  O OD1 . ASN A 1 100 ? -15.287 3.672   -19.955 1.00 95.01  ? 104 ASN A OD1 1 
ATOM 800  N ND2 . ASN A 1 100 ? -16.925 2.411   -19.072 1.00 95.41  ? 104 ASN A ND2 1 
ATOM 801  N N   . ASP A 1 101 ? -17.664 6.647   -16.198 1.00 102.00 ? 105 ASP A N   1 
ATOM 802  C CA  . ASP A 1 101 ? -18.324 7.832   -15.665 1.00 105.45 ? 105 ASP A CA  1 
ATOM 803  C C   . ASP A 1 101 ? -17.388 8.659   -14.779 1.00 106.55 ? 105 ASP A C   1 
ATOM 804  O O   . ASP A 1 101 ? -17.763 9.728   -14.287 1.00 106.62 ? 105 ASP A O   1 
ATOM 805  C CB  . ASP A 1 101 ? -19.587 7.429   -14.885 1.00 107.65 ? 105 ASP A CB  1 
ATOM 806  C CG  . ASP A 1 101 ? -20.638 6.757   -15.777 1.00 110.70 ? 105 ASP A CG  1 
ATOM 807  O OD1 . ASP A 1 101 ? -20.930 7.287   -16.874 1.00 111.63 ? 105 ASP A OD1 1 
ATOM 808  O OD2 . ASP A 1 101 ? -21.175 5.700   -15.378 1.00 112.33 ? 105 ASP A OD2 1 
ATOM 809  N N   . LEU A 1 102 ? -16.168 8.163   -14.593 1.00 107.97 ? 106 LEU A N   1 
ATOM 810  C CA  . LEU A 1 102 ? -15.163 8.847   -13.782 1.00 109.16 ? 106 LEU A CA  1 
ATOM 811  C C   . LEU A 1 102 ? -13.915 9.043   -14.621 1.00 110.15 ? 106 LEU A C   1 
ATOM 812  O O   . LEU A 1 102 ? -13.089 9.911   -14.343 1.00 110.02 ? 106 LEU A O   1 
ATOM 813  C CB  . LEU A 1 102 ? -14.800 8.019   -12.544 1.00 109.03 ? 106 LEU A CB  1 
ATOM 814  C CG  . LEU A 1 102 ? -13.658 8.553   -11.672 1.00 108.41 ? 106 LEU A CG  1 
ATOM 815  C CD1 . LEU A 1 102 ? -14.110 9.834   -11.008 1.00 108.29 ? 106 LEU A CD1 1 
ATOM 816  C CD2 . LEU A 1 102 ? -13.260 7.530   -10.618 1.00 107.96 ? 106 LEU A CD2 1 
ATOM 817  N N   . TRP A 1 103 ? -13.771 8.221   -15.649 1.00 111.27 ? 107 TRP A N   1 
ATOM 818  C CA  . TRP A 1 103 ? -12.606 8.329   -16.502 1.00 113.27 ? 107 TRP A CA  1 
ATOM 819  C C   . TRP A 1 103 ? -12.943 8.530   -17.969 1.00 114.12 ? 107 TRP A C   1 
ATOM 820  O O   . TRP A 1 103 ? -13.739 7.786   -18.554 1.00 114.47 ? 107 TRP A O   1 
ATOM 821  C CB  . TRP A 1 103 ? -11.710 7.088   -16.354 1.00 114.82 ? 107 TRP A CB  1 
ATOM 822  C CG  . TRP A 1 103 ? -10.768 7.108   -15.159 1.00 115.59 ? 107 TRP A CG  1 
ATOM 823  C CD1 . TRP A 1 103 ? -9.880  8.096   -14.824 1.00 115.25 ? 107 TRP A CD1 1 
ATOM 824  C CD2 . TRP A 1 103 ? -10.578 6.062   -14.196 1.00 115.20 ? 107 TRP A CD2 1 
ATOM 825  N NE1 . TRP A 1 103 ? -9.152  7.726   -13.720 1.00 114.54 ? 107 TRP A NE1 1 
ATOM 826  C CE2 . TRP A 1 103 ? -9.560  6.486   -13.315 1.00 114.83 ? 107 TRP A CE2 1 
ATOM 827  C CE3 . TRP A 1 103 ? -11.171 4.809   -13.997 1.00 115.22 ? 107 TRP A CE3 1 
ATOM 828  C CZ2 . TRP A 1 103 ? -9.122  5.697   -12.249 1.00 115.06 ? 107 TRP A CZ2 1 
ATOM 829  C CZ3 . TRP A 1 103 ? -10.736 4.028   -12.938 1.00 115.16 ? 107 TRP A CZ3 1 
ATOM 830  C CH2 . TRP A 1 103 ? -9.718  4.477   -12.077 1.00 115.45 ? 107 TRP A CH2 1 
ATOM 831  N N   . SER A 1 104 ? -12.338 9.561   -18.549 1.00 114.61 ? 108 SER A N   1 
ATOM 832  C CA  . SER A 1 104 ? -12.513 9.862   -19.963 1.00 114.29 ? 108 SER A CA  1 
ATOM 833  C C   . SER A 1 104 ? -11.433 9.033   -20.650 1.00 114.00 ? 108 SER A C   1 
ATOM 834  O O   . SER A 1 104 ? -10.358 9.531   -20.987 1.00 114.24 ? 108 SER A O   1 
ATOM 835  C CB  . SER A 1 104 ? -12.315 11.362  -20.220 1.00 114.40 ? 108 SER A CB  1 
ATOM 836  O OG  . SER A 1 104 ? -11.177 11.870  -19.544 1.00 114.48 ? 108 SER A OG  1 
ATOM 837  N N   . LEU A 1 105 ? -11.726 7.752   -20.833 1.00 113.50 ? 109 LEU A N   1 
ATOM 838  C CA  . LEU A 1 105 ? -10.778 6.831   -21.435 1.00 113.10 ? 109 LEU A CA  1 
ATOM 839  C C   . LEU A 1 105 ? -10.862 6.749   -22.951 1.00 112.90 ? 109 LEU A C   1 
ATOM 840  O O   . LEU A 1 105 ? -11.950 6.736   -23.529 1.00 112.84 ? 109 LEU A O   1 
ATOM 841  C CB  . LEU A 1 105 ? -10.983 5.432   -20.852 1.00 113.58 ? 109 LEU A CB  1 
ATOM 842  C CG  . LEU A 1 105 ? -10.929 5.279   -19.330 1.00 113.22 ? 109 LEU A CG  1 
ATOM 843  C CD1 . LEU A 1 105 ? -11.442 3.898   -18.963 1.00 113.61 ? 109 LEU A CD1 1 
ATOM 844  C CD2 . LEU A 1 105 ? -9.512  5.497   -18.819 1.00 112.58 ? 109 LEU A CD2 1 
ATOM 845  N N   . LYS A 1 106 ? -9.697  6.680   -23.587 1.00 112.79 ? 110 LYS A N   1 
ATOM 846  C CA  . LYS A 1 106 ? -9.623  6.566   -25.037 1.00 112.73 ? 110 LYS A CA  1 
ATOM 847  C C   . LYS A 1 106 ? -10.159 5.195   -25.431 1.00 112.19 ? 110 LYS A C   1 
ATOM 848  O O   . LYS A 1 106 ? -10.398 4.917   -26.602 1.00 113.24 ? 110 LYS A O   1 
ATOM 849  C CB  . LYS A 1 106 ? -8.173  6.727   -25.506 1.00 112.58 ? 110 LYS A CB  1 
ATOM 850  C CG  . LYS A 1 106 ? -7.519  7.992   -24.976 1.00 113.91 ? 110 LYS A CG  1 
ATOM 851  C CD  . LYS A 1 106 ? -6.360  8.451   -25.848 1.00 114.73 ? 110 LYS A CD  1 
ATOM 852  C CE  . LYS A 1 106 ? -5.834  9.807   -25.377 1.00 114.54 ? 110 LYS A CE  1 
ATOM 853  N NZ  . LYS A 1 106 ? -4.873  10.421  -26.337 1.00 114.19 ? 110 LYS A NZ  1 
ATOM 854  N N   . VAL A 1 107 ? -10.346 4.340   -24.432 1.00 111.43 ? 111 VAL A N   1 
ATOM 855  C CA  . VAL A 1 107 ? -10.865 2.997   -24.645 1.00 110.29 ? 111 VAL A CA  1 
ATOM 856  C C   . VAL A 1 107 ? -11.811 2.681   -23.489 1.00 110.01 ? 111 VAL A C   1 
ATOM 857  O O   . VAL A 1 107 ? -11.380 2.397   -22.371 1.00 109.70 ? 111 VAL A O   1 
ATOM 858  C CB  . VAL A 1 107 ? -9.724  1.956   -24.676 1.00 109.96 ? 111 VAL A CB  1 
ATOM 859  C CG1 . VAL A 1 107 ? -10.280 0.584   -25.025 1.00 109.14 ? 111 VAL A CG1 1 
ATOM 860  C CG2 . VAL A 1 107 ? -8.659  2.380   -25.678 1.00 109.11 ? 111 VAL A CG2 1 
ATOM 861  N N   . LYS A 1 108 ? -13.107 2.756   -23.770 1.00 109.78 ? 112 LYS A N   1 
ATOM 862  C CA  . LYS A 1 108 ? -14.145 2.487   -22.776 1.00 109.47 ? 112 LYS A CA  1 
ATOM 863  C C   . LYS A 1 108 ? -14.027 1.051   -22.244 1.00 109.46 ? 112 LYS A C   1 
ATOM 864  O O   . LYS A 1 108 ? -13.804 0.111   -23.015 1.00 110.01 ? 112 LYS A O   1 
ATOM 865  C CB  . LYS A 1 108 ? -15.521 2.708   -23.415 1.00 107.89 ? 112 LYS A CB  1 
ATOM 866  C CG  . LYS A 1 108 ? -16.701 2.631   -22.476 1.00 104.82 ? 112 LYS A CG  1 
ATOM 867  C CD  . LYS A 1 108 ? -17.991 2.821   -23.253 1.00 103.21 ? 112 LYS A CD  1 
ATOM 868  C CE  . LYS A 1 108 ? -19.198 2.809   -22.339 1.00 102.83 ? 112 LYS A CE  1 
ATOM 869  N NZ  . LYS A 1 108 ? -20.479 2.828   -23.093 1.00 101.81 ? 112 LYS A NZ  1 
ATOM 870  N N   . LEU A 1 109 ? -14.176 0.893   -20.929 1.00 108.66 ? 113 LEU A N   1 
ATOM 871  C CA  . LEU A 1 109 ? -14.081 -0.416  -20.282 1.00 107.43 ? 113 LEU A CA  1 
ATOM 872  C C   . LEU A 1 109 ? -15.377 -1.215  -20.371 1.00 106.81 ? 113 LEU A C   1 
ATOM 873  O O   . LEU A 1 109 ? -16.440 -0.753  -19.950 1.00 105.98 ? 113 LEU A O   1 
ATOM 874  C CB  . LEU A 1 109 ? -13.690 -0.249  -18.810 1.00 107.30 ? 113 LEU A CB  1 
ATOM 875  C CG  . LEU A 1 109 ? -12.289 0.299   -18.532 1.00 106.85 ? 113 LEU A CG  1 
ATOM 876  C CD1 . LEU A 1 109 ? -12.122 0.558   -17.041 1.00 106.07 ? 113 LEU A CD1 1 
ATOM 877  C CD2 . LEU A 1 109 ? -11.248 -0.695  -19.035 1.00 106.50 ? 113 LEU A CD2 1 
ATOM 878  N N   . SER A 1 110 ? -15.275 -2.427  -20.909 1.00 106.05 ? 114 SER A N   1 
ATOM 879  C CA  . SER A 1 110 ? -16.428 -3.301  -21.068 1.00 105.56 ? 114 SER A CA  1 
ATOM 880  C C   . SER A 1 110 ? -16.189 -4.626  -20.366 1.00 105.11 ? 114 SER A C   1 
ATOM 881  O O   . SER A 1 110 ? -15.106 -4.867  -19.840 1.00 105.31 ? 114 SER A O   1 
ATOM 882  C CB  . SER A 1 110 ? -16.677 -3.565  -22.551 1.00 105.53 ? 114 SER A CB  1 
ATOM 883  O OG  . SER A 1 110 ? -15.631 -4.352  -23.096 1.00 104.42 ? 114 SER A OG  1 
ATOM 884  N N   . ARG A 1 111 ? -17.203 -5.487  -20.365 1.00 104.33 ? 115 ARG A N   1 
ATOM 885  C CA  . ARG A 1 111 ? -17.087 -6.794  -19.740 1.00 103.54 ? 115 ARG A CA  1 
ATOM 886  C C   . ARG A 1 111 ? -15.829 -7.508  -20.224 1.00 102.96 ? 115 ARG A C   1 
ATOM 887  O O   . ARG A 1 111 ? -15.004 -7.932  -19.417 1.00 104.05 ? 115 ARG A O   1 
ATOM 888  C CB  . ARG A 1 111 ? -18.307 -7.653  -20.068 1.00 104.31 ? 115 ARG A CB  1 
ATOM 889  C CG  . ARG A 1 111 ? -19.578 -7.248  -19.362 1.00 105.58 ? 115 ARG A CG  1 
ATOM 890  C CD  . ARG A 1 111 ? -20.749 -8.099  -19.842 1.00 107.30 ? 115 ARG A CD  1 
ATOM 891  N NE  . ARG A 1 111 ? -21.953 -7.879  -19.047 1.00 109.29 ? 115 ARG A NE  1 
ATOM 892  C CZ  . ARG A 1 111 ? -22.150 -8.371  -17.824 1.00 109.72 ? 115 ARG A CZ  1 
ATOM 893  N NH1 . ARG A 1 111 ? -21.218 -9.124  -17.248 1.00 109.27 ? 115 ARG A NH1 1 
ATOM 894  N NH2 . ARG A 1 111 ? -23.275 -8.099  -17.172 1.00 109.85 ? 115 ARG A NH2 1 
ATOM 895  N N   . SER A 1 112 ? -15.673 -7.643  -21.536 1.00 101.39 ? 116 SER A N   1 
ATOM 896  C CA  . SER A 1 112 ? -14.496 -8.323  -22.069 1.00 100.44 ? 116 SER A CA  1 
ATOM 897  C C   . SER A 1 112 ? -13.228 -7.577  -21.682 1.00 98.87  ? 116 SER A C   1 
ATOM 898  O O   . SER A 1 112 ? -12.203 -8.187  -21.406 1.00 99.24  ? 116 SER A O   1 
ATOM 899  C CB  . SER A 1 112 ? -14.555 -8.414  -23.590 1.00 101.66 ? 116 SER A CB  1 
ATOM 900  O OG  . SER A 1 112 ? -14.136 -7.192  -24.177 1.00 104.05 ? 116 SER A OG  1 
ATOM 901  N N   . ASN A 1 113 ? -13.296 -6.254  -21.676 1.00 96.97  ? 117 ASN A N   1 
ATOM 902  C CA  . ASN A 1 113 ? -12.139 -5.446  -21.321 1.00 95.82  ? 117 ASN A CA  1 
ATOM 903  C C   . ASN A 1 113 ? -11.501 -5.901  -20.012 1.00 95.15  ? 117 ASN A C   1 
ATOM 904  O O   . ASN A 1 113 ? -10.376 -6.411  -19.995 1.00 94.34  ? 117 ASN A O   1 
ATOM 905  C CB  . ASN A 1 113 ? -12.539 -3.977  -21.189 1.00 96.72  ? 117 ASN A CB  1 
ATOM 906  C CG  . ASN A 1 113 ? -12.407 -3.225  -22.487 1.00 97.24  ? 117 ASN A CG  1 
ATOM 907  O OD1 . ASN A 1 113 ? -11.300 -3.063  -23.010 1.00 97.24  ? 117 ASN A OD1 1 
ATOM 908  N ND2 . ASN A 1 113 ? -13.532 -2.760  -23.019 1.00 96.70  ? 117 ASN A ND2 1 
ATOM 909  N N   . ILE A 1 114 ? -12.230 -5.703  -18.915 1.00 93.84  ? 118 ILE A N   1 
ATOM 910  C CA  . ILE A 1 114 ? -11.744 -6.064  -17.591 1.00 91.26  ? 118 ILE A CA  1 
ATOM 911  C C   . ILE A 1 114 ? -11.525 -7.557  -17.449 1.00 89.43  ? 118 ILE A C   1 
ATOM 912  O O   . ILE A 1 114 ? -10.670 -7.989  -16.678 1.00 90.14  ? 118 ILE A O   1 
ATOM 913  C CB  . ILE A 1 114 ? -12.722 -5.621  -16.476 1.00 90.85  ? 118 ILE A CB  1 
ATOM 914  C CG1 . ILE A 1 114 ? -13.995 -6.466  -16.542 1.00 90.52  ? 118 ILE A CG1 1 
ATOM 915  C CG2 . ILE A 1 114 ? -13.036 -4.128  -16.604 1.00 88.46  ? 118 ILE A CG2 1 
ATOM 916  C CD1 . ILE A 1 114 ? -14.822 -6.426  -15.275 1.00 90.93  ? 118 ILE A CD1 1 
ATOM 917  N N   . SER A 1 115 ? -12.294 -8.348  -18.185 1.00 87.23  ? 119 SER A N   1 
ATOM 918  C CA  . SER A 1 115 ? -12.158 -9.790  -18.100 1.00 86.35  ? 119 SER A CA  1 
ATOM 919  C C   . SER A 1 115 ? -10.815 -10.274 -18.649 1.00 85.23  ? 119 SER A C   1 
ATOM 920  O O   . SER A 1 115 ? -10.216 -11.193 -18.105 1.00 84.79  ? 119 SER A O   1 
ATOM 921  C CB  . SER A 1 115 ? -13.312 -10.470 -18.831 1.00 86.39  ? 119 SER A CB  1 
ATOM 922  O OG  . SER A 1 115 ? -13.456 -11.810 -18.395 1.00 87.75  ? 119 SER A OG  1 
ATOM 923  N N   . GLU A 1 116 ? -10.334 -9.667  -19.724 1.00 85.10  ? 120 GLU A N   1 
ATOM 924  C CA  . GLU A 1 116 ? -9.051  -10.079 -20.274 1.00 86.34  ? 120 GLU A CA  1 
ATOM 925  C C   . GLU A 1 116 ? -7.986  -9.755  -19.238 1.00 85.13  ? 120 GLU A C   1 
ATOM 926  O O   . GLU A 1 116 ? -7.100  -10.569 -18.976 1.00 86.89  ? 120 GLU A O   1 
ATOM 927  C CB  . GLU A 1 116 ? -8.718  -9.309  -21.549 1.00 90.67  ? 120 GLU A CB  1 
ATOM 928  C CG  . GLU A 1 116 ? -9.586  -9.595  -22.756 1.00 96.00  ? 120 GLU A CG  1 
ATOM 929  C CD  . GLU A 1 116 ? -9.454  -8.480  -23.784 1.00 100.23 ? 120 GLU A CD  1 
ATOM 930  O OE1 . GLU A 1 116 ? -8.300  -8.156  -24.153 1.00 101.87 ? 120 GLU A OE1 1 
ATOM 931  O OE2 . GLU A 1 116 ? -10.497 -7.923  -24.203 1.00 101.92 ? 120 GLU A OE2 1 
ATOM 932  N N   . ILE A 1 117 ? -8.084  -8.548  -18.677 1.00 82.51  ? 121 ILE A N   1 
ATOM 933  C CA  . ILE A 1 117 ? -7.166  -8.034  -17.658 1.00 78.38  ? 121 ILE A CA  1 
ATOM 934  C C   . ILE A 1 117 ? -7.197  -8.945  -16.442 1.00 75.76  ? 121 ILE A C   1 
ATOM 935  O O   . ILE A 1 117 ? -6.156  -9.340  -15.922 1.00 73.88  ? 121 ILE A O   1 
ATOM 936  C CB  . ILE A 1 117 ? -7.583  -6.608  -17.204 1.00 78.98  ? 121 ILE A CB  1 
ATOM 937  C CG1 . ILE A 1 117 ? -7.695  -5.680  -18.423 1.00 78.66  ? 121 ILE A CG1 1 
ATOM 938  C CG2 . ILE A 1 117 ? -6.588  -6.068  -16.186 1.00 78.78  ? 121 ILE A CG2 1 
ATOM 939  C CD1 . ILE A 1 117 ? -8.392  -4.347  -18.156 1.00 77.48  ? 121 ILE A CD1 1 
ATOM 940  N N   . GLU A 1 118 ? -8.404  -9.277  -15.993 1.00 74.25  ? 122 GLU A N   1 
ATOM 941  C CA  . GLU A 1 118 ? -8.580  -10.154 -14.843 1.00 72.46  ? 122 GLU A CA  1 
ATOM 942  C C   . GLU A 1 118 ? -7.744  -11.408 -15.047 1.00 70.74  ? 122 GLU A C   1 
ATOM 943  O O   . GLU A 1 118 ? -6.913  -11.756 -14.210 1.00 71.63  ? 122 GLU A O   1 
ATOM 944  C CB  . GLU A 1 118 ? -10.036 -10.544 -14.691 1.00 71.84  ? 122 GLU A CB  1 
ATOM 945  C CG  . GLU A 1 118 ? -10.389 -11.031 -13.319 1.00 75.45  ? 122 GLU A CG  1 
ATOM 946  C CD  . GLU A 1 118 ? -11.800 -11.581 -13.277 1.00 79.41  ? 122 GLU A CD  1 
ATOM 947  O OE1 . GLU A 1 118 ? -12.348 -11.755 -12.164 1.00 79.81  ? 122 GLU A OE1 1 
ATOM 948  O OE2 . GLU A 1 118 ? -12.357 -11.844 -14.371 1.00 80.74  ? 122 GLU A OE2 1 
ATOM 949  N N   . PHE A 1 119 ? -7.956  -12.084 -16.166 1.00 68.44  ? 123 PHE A N   1 
ATOM 950  C CA  . PHE A 1 119 ? -7.195  -13.284 -16.446 1.00 65.23  ? 123 PHE A CA  1 
ATOM 951  C C   . PHE A 1 119 ? -5.696  -12.939 -16.493 1.00 63.33  ? 123 PHE A C   1 
ATOM 952  O O   . PHE A 1 119 ? -4.867  -13.676 -15.962 1.00 62.63  ? 123 PHE A O   1 
ATOM 953  C CB  . PHE A 1 119 ? -7.650  -13.907 -17.765 1.00 65.21  ? 123 PHE A CB  1 
ATOM 954  C CG  . PHE A 1 119 ? -7.040  -15.255 -18.038 1.00 67.40  ? 123 PHE A CG  1 
ATOM 955  C CD1 . PHE A 1 119 ? -7.543  -16.405 -17.417 1.00 67.70  ? 123 PHE A CD1 1 
ATOM 956  C CD2 . PHE A 1 119 ? -5.926  -15.371 -18.876 1.00 66.94  ? 123 PHE A CD2 1 
ATOM 957  C CE1 . PHE A 1 119 ? -6.943  -17.661 -17.620 1.00 66.69  ? 123 PHE A CE1 1 
ATOM 958  C CE2 . PHE A 1 119 ? -5.320  -16.602 -19.087 1.00 67.79  ? 123 PHE A CE2 1 
ATOM 959  C CZ  . PHE A 1 119 ? -5.833  -17.759 -18.454 1.00 68.47  ? 123 PHE A CZ  1 
ATOM 960  N N   . GLU A 1 120 ? -5.364  -11.809 -17.111 1.00 62.31  ? 124 GLU A N   1 
ATOM 961  C CA  . GLU A 1 120 ? -3.978  -11.346 -17.228 1.00 61.38  ? 124 GLU A CA  1 
ATOM 962  C C   . GLU A 1 120 ? -3.294  -11.272 -15.860 1.00 60.64  ? 124 GLU A C   1 
ATOM 963  O O   . GLU A 1 120 ? -2.148  -11.696 -15.689 1.00 58.09  ? 124 GLU A O   1 
ATOM 964  C CB  . GLU A 1 120 ? -3.958  -9.967  -17.907 1.00 62.54  ? 124 GLU A CB  1 
ATOM 965  C CG  . GLU A 1 120 ? -2.620  -9.217  -17.913 1.00 64.18  ? 124 GLU A CG  1 
ATOM 966  C CD  . GLU A 1 120 ? -1.455  -10.079 -18.367 1.00 67.44  ? 124 GLU A CD  1 
ATOM 967  O OE1 . GLU A 1 120 ? -1.696  -11.057 -19.113 1.00 69.32  ? 124 GLU A OE1 1 
ATOM 968  O OE2 . GLU A 1 120 ? -0.303  -9.772  -17.983 1.00 66.99  ? 124 GLU A OE2 1 
ATOM 969  N N   . ILE A 1 121 ? -4.015  -10.723 -14.890 1.00 60.07  ? 125 ILE A N   1 
ATOM 970  C CA  . ILE A 1 121 ? -3.514  -10.588 -13.533 1.00 58.66  ? 125 ILE A CA  1 
ATOM 971  C C   . ILE A 1 121 ? -3.448  -11.966 -12.863 1.00 60.47  ? 125 ILE A C   1 
ATOM 972  O O   . ILE A 1 121 ? -2.374  -12.408 -12.427 1.00 60.72  ? 125 ILE A O   1 
ATOM 973  C CB  . ILE A 1 121 ? -4.444  -9.685  -12.705 1.00 57.88  ? 125 ILE A CB  1 
ATOM 974  C CG1 . ILE A 1 121 ? -4.550  -8.311  -13.356 1.00 57.27  ? 125 ILE A CG1 1 
ATOM 975  C CG2 . ILE A 1 121 ? -3.922  -9.560  -11.294 1.00 56.01  ? 125 ILE A CG2 1 
ATOM 976  C CD1 . ILE A 1 121 ? -5.652  -7.447  -12.773 1.00 57.85  ? 125 ILE A CD1 1 
ATOM 977  N N   . ILE A 1 122 ? -4.597  -12.637 -12.782 1.00 58.81  ? 126 ILE A N   1 
ATOM 978  C CA  . ILE A 1 122 ? -4.672  -13.950 -12.159 1.00 56.69  ? 126 ILE A CA  1 
ATOM 979  C C   . ILE A 1 122 ? -3.625  -14.862 -12.747 1.00 56.65  ? 126 ILE A C   1 
ATOM 980  O O   . ILE A 1 122 ? -2.863  -15.497 -12.029 1.00 54.73  ? 126 ILE A O   1 
ATOM 981  C CB  . ILE A 1 122 ? -6.048  -14.592 -12.376 1.00 57.27  ? 126 ILE A CB  1 
ATOM 982  C CG1 . ILE A 1 122 ? -7.087  -13.890 -11.501 1.00 59.09  ? 126 ILE A CG1 1 
ATOM 983  C CG2 . ILE A 1 122 ? -5.996  -16.073 -12.043 1.00 55.99  ? 126 ILE A CG2 1 
ATOM 984  C CD1 . ILE A 1 122 ? -8.515  -14.157 -11.925 1.00 60.34  ? 126 ILE A CD1 1 
ATOM 985  N N   . SER A 1 123 ? -3.608  -14.919 -14.071 1.00 57.79  ? 127 SER A N   1 
ATOM 986  C CA  . SER A 1 123 ? -2.666  -15.756 -14.790 1.00 58.66  ? 127 SER A CA  1 
ATOM 987  C C   . SER A 1 123 ? -1.229  -15.453 -14.328 1.00 58.94  ? 127 SER A C   1 
ATOM 988  O O   . SER A 1 123 ? -0.517  -16.356 -13.873 1.00 59.18  ? 127 SER A O   1 
ATOM 989  C CB  . SER A 1 123 ? -2.845  -15.522 -16.293 1.00 59.03  ? 127 SER A CB  1 
ATOM 990  O OG  . SER A 1 123 ? -2.278  -16.556 -17.069 1.00 63.71  ? 127 SER A OG  1 
ATOM 991  N N   . VAL A 1 124 ? -0.818  -14.185 -14.426 1.00 59.39  ? 128 VAL A N   1 
ATOM 992  C CA  . VAL A 1 124 ? 0.525   -13.740 -14.023 1.00 58.93  ? 128 VAL A CA  1 
ATOM 993  C C   . VAL A 1 124 ? 0.787   -13.922 -12.524 1.00 58.00  ? 128 VAL A C   1 
ATOM 994  O O   . VAL A 1 124 ? 1.902   -14.245 -12.116 1.00 57.75  ? 128 VAL A O   1 
ATOM 995  C CB  . VAL A 1 124 ? 0.756   -12.235 -14.384 1.00 58.87  ? 128 VAL A CB  1 
ATOM 996  C CG1 . VAL A 1 124 ? 2.052   -11.730 -13.775 1.00 59.01  ? 128 VAL A CG1 1 
ATOM 997  C CG2 . VAL A 1 124 ? 0.796   -12.059 -15.887 1.00 58.04  ? 128 VAL A CG2 1 
ATOM 998  N N   . LEU A 1 125 ? -0.230  -13.704 -11.701 1.00 58.58  ? 129 LEU A N   1 
ATOM 999  C CA  . LEU A 1 125 ? -0.066  -13.862 -10.256 1.00 60.64  ? 129 LEU A CA  1 
ATOM 1000 C C   . LEU A 1 125 ? -0.311  -15.303 -9.790  1.00 62.07  ? 129 LEU A C   1 
ATOM 1001 O O   . LEU A 1 125 ? -0.411  -15.580 -8.586  1.00 60.98  ? 129 LEU A O   1 
ATOM 1002 C CB  . LEU A 1 125 ? -1.013  -12.921 -9.507  1.00 59.02  ? 129 LEU A CB  1 
ATOM 1003 C CG  . LEU A 1 125 ? -0.744  -11.413 -9.522  1.00 57.72  ? 129 LEU A CG  1 
ATOM 1004 C CD1 . LEU A 1 125 ? -1.546  -10.804 -8.382  1.00 55.55  ? 129 LEU A CD1 1 
ATOM 1005 C CD2 . LEU A 1 125 ? 0.749   -11.104 -9.348  1.00 55.05  ? 129 LEU A CD2 1 
ATOM 1006 N N   . ASP A 1 126 ? -0.399  -16.215 -10.754 1.00 64.45  ? 130 ASP A N   1 
ATOM 1007 C CA  . ASP A 1 126 ? -0.644  -17.620 -10.464 1.00 65.28  ? 130 ASP A CA  1 
ATOM 1008 C C   . ASP A 1 126 ? -1.739  -17.803 -9.425  1.00 65.16  ? 130 ASP A C   1 
ATOM 1009 O O   . ASP A 1 126 ? -1.563  -18.501 -8.442  1.00 67.65  ? 130 ASP A O   1 
ATOM 1010 C CB  . ASP A 1 126 ? 0.654   -18.300 -10.023 1.00 64.59  ? 130 ASP A CB  1 
ATOM 1011 C CG  . ASP A 1 126 ? 1.521   -18.718 -11.209 1.00 67.15  ? 130 ASP A CG  1 
ATOM 1012 O OD1 . ASP A 1 126 ? 1.125   -19.641 -11.964 1.00 68.10  ? 130 ASP A OD1 1 
ATOM 1013 O OD2 . ASP A 1 126 ? 2.597   -18.121 -11.404 1.00 70.14  ? 130 ASP A OD2 1 
ATOM 1014 N N   . ALA A 1 127 ? -2.878  -17.163 -9.648  1.00 64.90  ? 131 ALA A N   1 
ATOM 1015 C CA  . ALA A 1 127 ? -4.010  -17.265 -8.734  1.00 64.72  ? 131 ALA A CA  1 
ATOM 1016 C C   . ALA A 1 127 ? -3.710  -16.891 -7.282  1.00 64.50  ? 131 ALA A C   1 
ATOM 1017 O O   . ALA A 1 127 ? -4.562  -17.075 -6.414  1.00 64.96  ? 131 ALA A O   1 
ATOM 1018 C CB  . ALA A 1 127 ? -4.615  -18.675 -8.808  1.00 65.00  ? 131 ALA A CB  1 
ATOM 1019 N N   . PHE A 1 128 ? -2.509  -16.380 -7.014  1.00 65.96  ? 132 PHE A N   1 
ATOM 1020 C CA  . PHE A 1 128 ? -2.147  -15.946 -5.654  1.00 68.12  ? 132 PHE A CA  1 
ATOM 1021 C C   . PHE A 1 128 ? -2.802  -14.573 -5.408  1.00 66.58  ? 132 PHE A C   1 
ATOM 1022 O O   . PHE A 1 128 ? -2.184  -13.517 -5.593  1.00 65.06  ? 132 PHE A O   1 
ATOM 1023 C CB  . PHE A 1 128 ? -0.616  -15.838 -5.506  1.00 72.92  ? 132 PHE A CB  1 
ATOM 1024 C CG  . PHE A 1 128 ? 0.090   -17.173 -5.410  1.00 78.53  ? 132 PHE A CG  1 
ATOM 1025 C CD1 . PHE A 1 128 ? 1.340   -17.370 -6.019  1.00 80.56  ? 132 PHE A CD1 1 
ATOM 1026 C CD2 . PHE A 1 128 ? -0.496  -18.245 -4.726  1.00 80.56  ? 132 PHE A CD2 1 
ATOM 1027 C CE1 . PHE A 1 128 ? 1.988   -18.623 -5.949  1.00 81.97  ? 132 PHE A CE1 1 
ATOM 1028 C CE2 . PHE A 1 128 ? 0.144   -19.499 -4.649  1.00 80.88  ? 132 PHE A CE2 1 
ATOM 1029 C CZ  . PHE A 1 128 ? 1.385   -19.685 -5.263  1.00 82.05  ? 132 PHE A CZ  1 
ATOM 1030 N N   . LEU A 1 129 ? -4.059  -14.589 -4.985  1.00 64.96  ? 133 LEU A N   1 
ATOM 1031 C CA  . LEU A 1 129 ? -4.774  -13.342 -4.782  1.00 64.73  ? 133 LEU A CA  1 
ATOM 1032 C C   . LEU A 1 129 ? -4.943  -12.881 -3.334  1.00 66.08  ? 133 LEU A C   1 
ATOM 1033 O O   . LEU A 1 129 ? -5.217  -11.703 -3.114  1.00 68.18  ? 133 LEU A O   1 
ATOM 1034 C CB  . LEU A 1 129 ? -6.147  -13.432 -5.445  1.00 62.99  ? 133 LEU A CB  1 
ATOM 1035 C CG  . LEU A 1 129 ? -6.210  -14.029 -6.853  1.00 61.18  ? 133 LEU A CG  1 
ATOM 1036 C CD1 . LEU A 1 129 ? -7.643  -13.985 -7.303  1.00 59.71  ? 133 LEU A CD1 1 
ATOM 1037 C CD2 . LEU A 1 129 ? -5.304  -13.271 -7.826  1.00 61.31  ? 133 LEU A CD2 1 
ATOM 1038 N N   . ILE A 1 130 ? -4.803  -13.780 -2.352  1.00 65.09  ? 134 ILE A N   1 
ATOM 1039 C CA  . ILE A 1 130 ? -4.944  -13.367 -0.945  1.00 62.69  ? 134 ILE A CA  1 
ATOM 1040 C C   . ILE A 1 130 ? -3.839  -12.363 -0.603  1.00 61.18  ? 134 ILE A C   1 
ATOM 1041 O O   . ILE A 1 130 ? -2.703  -12.484 -1.084  1.00 60.69  ? 134 ILE A O   1 
ATOM 1042 C CB  . ILE A 1 130 ? -4.826  -14.552 0.059   1.00 62.03  ? 134 ILE A CB  1 
ATOM 1043 C CG1 . ILE A 1 130 ? -3.586  -15.375 -0.255  1.00 63.99  ? 134 ILE A CG1 1 
ATOM 1044 C CG2 . ILE A 1 130 ? -6.071  -15.420 0.026   1.00 61.30  ? 134 ILE A CG2 1 
ATOM 1045 C CD1 . ILE A 1 130 ? -3.326  -16.475 0.768   1.00 67.32  ? 134 ILE A CD1 1 
ATOM 1046 N N   . VAL A 1 131 ? -4.186  -11.371 0.215   1.00 58.58  ? 135 VAL A N   1 
ATOM 1047 C CA  . VAL A 1 131 ? -3.247  -10.334 0.637   1.00 55.99  ? 135 VAL A CA  1 
ATOM 1048 C C   . VAL A 1 131 ? -3.437  -10.121 2.139   1.00 54.38  ? 135 VAL A C   1 
ATOM 1049 O O   . VAL A 1 131 ? -4.554  -9.928  2.614   1.00 51.93  ? 135 VAL A O   1 
ATOM 1050 C CB  . VAL A 1 131 ? -3.499  -8.985  -0.128  1.00 54.51  ? 135 VAL A CB  1 
ATOM 1051 C CG1 . VAL A 1 131 ? -2.589  -7.901  0.386   1.00 51.41  ? 135 VAL A CG1 1 
ATOM 1052 C CG2 . VAL A 1 131 ? -3.253  -9.171  -1.611  1.00 53.63  ? 135 VAL A CG2 1 
ATOM 1053 N N   . HIS A 1 132 ? -2.339  -10.178 2.882   1.00 53.89  ? 136 HIS A N   1 
ATOM 1054 C CA  . HIS A 1 132 ? -2.391  -9.989  4.322   1.00 53.09  ? 136 HIS A CA  1 
ATOM 1055 C C   . HIS A 1 132 ? -1.969  -8.571  4.628   1.00 51.83  ? 136 HIS A C   1 
ATOM 1056 O O   . HIS A 1 132 ? -1.020  -8.066  4.047   1.00 52.09  ? 136 HIS A O   1 
ATOM 1057 C CB  . HIS A 1 132 ? -1.474  -11.003 5.013   1.00 53.55  ? 136 HIS A CB  1 
ATOM 1058 C CG  . HIS A 1 132 ? -1.959  -12.421 4.898   1.00 54.61  ? 136 HIS A CG  1 
ATOM 1059 N ND1 . HIS A 1 132 ? -3.059  -12.889 5.585   1.00 53.43  ? 136 HIS A ND1 1 
ATOM 1060 C CD2 . HIS A 1 132 ? -1.522  -13.452 4.136   1.00 55.11  ? 136 HIS A CD2 1 
ATOM 1061 C CE1 . HIS A 1 132 ? -3.279  -14.149 5.251   1.00 53.15  ? 136 HIS A CE1 1 
ATOM 1062 N NE2 . HIS A 1 132 ? -2.362  -14.514 4.374   1.00 53.52  ? 136 HIS A NE2 1 
ATOM 1063 N N   . HIS A 1 133 ? -2.684  -7.919  5.527   1.00 51.59  ? 137 HIS A N   1 
ATOM 1064 C CA  . HIS A 1 133 ? -2.357  -6.551  5.857   1.00 52.76  ? 137 HIS A CA  1 
ATOM 1065 C C   . HIS A 1 133 ? -1.939  -6.362  7.298   1.00 52.92  ? 137 HIS A C   1 
ATOM 1066 O O   . HIS A 1 133 ? -2.251  -7.174  8.167   1.00 54.82  ? 137 HIS A O   1 
ATOM 1067 C CB  . HIS A 1 133 ? -3.553  -5.667  5.548   1.00 52.25  ? 137 HIS A CB  1 
ATOM 1068 C CG  . HIS A 1 133 ? -4.027  -5.794  4.138   1.00 51.58  ? 137 HIS A CG  1 
ATOM 1069 N ND1 . HIS A 1 133 ? -3.232  -5.476  3.060   1.00 52.73  ? 137 HIS A ND1 1 
ATOM 1070 C CD2 . HIS A 1 133 ? -5.198  -6.239  3.629   1.00 52.36  ? 137 HIS A CD2 1 
ATOM 1071 C CE1 . HIS A 1 133 ? -3.892  -5.721  1.942   1.00 51.76  ? 137 HIS A CE1 1 
ATOM 1072 N NE2 . HIS A 1 133 ? -5.084  -6.185  2.260   1.00 54.34  ? 137 HIS A NE2 1 
ATOM 1073 N N   . PRO A 1 134 ? -1.197  -5.285  7.567   1.00 52.58  ? 138 PRO A N   1 
ATOM 1074 C CA  . PRO A 1 134 ? -0.765  -5.050  8.949   1.00 53.83  ? 138 PRO A CA  1 
ATOM 1075 C C   . PRO A 1 134 ? -1.890  -4.675  9.901   1.00 51.03  ? 138 PRO A C   1 
ATOM 1076 O O   . PRO A 1 134 ? -1.674  -4.506  11.102  1.00 47.34  ? 138 PRO A O   1 
ATOM 1077 C CB  . PRO A 1 134 ? 0.282   -3.942  8.800   1.00 53.74  ? 138 PRO A CB  1 
ATOM 1078 C CG  . PRO A 1 134 ? -0.031  -3.313  7.450   1.00 52.36  ? 138 PRO A CG  1 
ATOM 1079 C CD  . PRO A 1 134 ? -0.420  -4.469  6.611   1.00 51.83  ? 138 PRO A CD  1 
ATOM 1080 N N   . TYR A 1 135 ? -3.102  -4.560  9.377   1.00 52.64  ? 139 TYR A N   1 
ATOM 1081 C CA  . TYR A 1 135 ? -4.212  -4.182  10.228  1.00 55.67  ? 139 TYR A CA  1 
ATOM 1082 C C   . TYR A 1 135 ? -4.462  -5.158  11.356  1.00 58.21  ? 139 TYR A C   1 
ATOM 1083 O O   . TYR A 1 135 ? -4.683  -4.735  12.490  1.00 60.83  ? 139 TYR A O   1 
ATOM 1084 C CB  . TYR A 1 135 ? -5.476  -4.001  9.400   1.00 54.21  ? 139 TYR A CB  1 
ATOM 1085 C CG  . TYR A 1 135 ? -5.356  -2.879  8.409   1.00 53.50  ? 139 TYR A CG  1 
ATOM 1086 C CD1 . TYR A 1 135 ? -5.409  -3.123  7.041   1.00 54.42  ? 139 TYR A CD1 1 
ATOM 1087 C CD2 . TYR A 1 135 ? -5.141  -1.580  8.834   1.00 53.26  ? 139 TYR A CD2 1 
ATOM 1088 C CE1 . TYR A 1 135 ? -5.245  -2.103  6.126   1.00 54.89  ? 139 TYR A CE1 1 
ATOM 1089 C CE2 . TYR A 1 135 ? -4.969  -0.545  7.921   1.00 53.27  ? 139 TYR A CE2 1 
ATOM 1090 C CZ  . TYR A 1 135 ? -5.015  -0.814  6.566   1.00 53.54  ? 139 TYR A CZ  1 
ATOM 1091 O OH  . TYR A 1 135 ? -4.766  0.188   5.651   1.00 52.65  ? 139 TYR A OH  1 
ATOM 1092 N N   . THR A 1 136 ? -4.419  -6.457  11.062  1.00 61.50  ? 140 THR A N   1 
ATOM 1093 C CA  . THR A 1 136 ? -4.664  -7.479  12.087  1.00 62.32  ? 140 THR A CA  1 
ATOM 1094 C C   . THR A 1 136 ? -3.734  -7.281  13.270  1.00 60.85  ? 140 THR A C   1 
ATOM 1095 O O   . THR A 1 136 ? -4.179  -7.212  14.415  1.00 60.93  ? 140 THR A O   1 
ATOM 1096 C CB  . THR A 1 136 ? -4.455  -8.903  11.553  1.00 62.62  ? 140 THR A CB  1 
ATOM 1097 O OG1 . THR A 1 136 ? -4.871  -8.970  10.185  1.00 66.19  ? 140 THR A OG1 1 
ATOM 1098 C CG2 . THR A 1 136 ? -5.284  -9.885  12.357  1.00 63.00  ? 140 THR A CG2 1 
ATOM 1099 N N   . SER A 1 137 ? -2.443  -7.181  12.996  1.00 60.65  ? 141 SER A N   1 
ATOM 1100 C CA  . SER A 1 137 ? -1.476  -6.968  14.059  1.00 62.29  ? 141 SER A CA  1 
ATOM 1101 C C   . SER A 1 137 ? -1.914  -5.786  14.917  1.00 62.26  ? 141 SER A C   1 
ATOM 1102 O O   . SER A 1 137 ? -1.985  -5.894  16.139  1.00 61.42  ? 141 SER A O   1 
ATOM 1103 C CB  . SER A 1 137 ? -0.095  -6.674  13.475  1.00 64.07  ? 141 SER A CB  1 
ATOM 1104 O OG  . SER A 1 137 ? 0.166   -7.501  12.357  1.00 69.49  ? 141 SER A OG  1 
ATOM 1105 N N   . LEU A 1 138 ? -2.207  -4.658  14.266  1.00 63.36  ? 142 LEU A N   1 
ATOM 1106 C CA  . LEU A 1 138 ? -2.626  -3.454  14.975  1.00 63.08  ? 142 LEU A CA  1 
ATOM 1107 C C   . LEU A 1 138 ? -3.771  -3.709  15.937  1.00 66.06  ? 142 LEU A C   1 
ATOM 1108 O O   . LEU A 1 138 ? -3.634  -3.466  17.139  1.00 67.03  ? 142 LEU A O   1 
ATOM 1109 C CB  . LEU A 1 138 ? -3.051  -2.366  13.999  1.00 60.32  ? 142 LEU A CB  1 
ATOM 1110 C CG  . LEU A 1 138 ? -2.022  -1.724  13.075  1.00 58.87  ? 142 LEU A CG  1 
ATOM 1111 C CD1 . LEU A 1 138 ? -2.705  -0.574  12.350  1.00 57.12  ? 142 LEU A CD1 1 
ATOM 1112 C CD2 . LEU A 1 138 ? -0.821  -1.214  13.850  1.00 57.07  ? 142 LEU A CD2 1 
ATOM 1113 N N   . GLU A 1 139 ? -4.904  -4.192  15.418  1.00 68.62  ? 143 GLU A N   1 
ATOM 1114 C CA  . GLU A 1 139 ? -6.058  -4.449  16.270  1.00 70.32  ? 143 GLU A CA  1 
ATOM 1115 C C   . GLU A 1 139 ? -5.670  -5.363  17.418  1.00 70.28  ? 143 GLU A C   1 
ATOM 1116 O O   . GLU A 1 139 ? -6.109  -5.160  18.552  1.00 70.94  ? 143 GLU A O   1 
ATOM 1117 C CB  . GLU A 1 139 ? -7.209  -5.067  15.480  1.00 71.84  ? 143 GLU A CB  1 
ATOM 1118 C CG  . GLU A 1 139 ? -8.578  -4.927  16.182  1.00 76.42  ? 143 GLU A CG  1 
ATOM 1119 C CD  . GLU A 1 139 ? -8.982  -6.142  17.026  1.00 79.09  ? 143 GLU A CD  1 
ATOM 1120 O OE1 . GLU A 1 139 ? -9.379  -7.175  16.433  1.00 79.39  ? 143 GLU A OE1 1 
ATOM 1121 O OE2 . GLU A 1 139 ? -8.915  -6.060  18.278  1.00 79.59  ? 143 GLU A OE2 1 
ATOM 1122 N N   . GLN A 1 140 ? -4.838  -6.357  17.127  1.00 69.43  ? 144 GLN A N   1 
ATOM 1123 C CA  . GLN A 1 140 ? -4.390  -7.287  18.154  1.00 71.18  ? 144 GLN A CA  1 
ATOM 1124 C C   . GLN A 1 140 ? -3.715  -6.562  19.319  1.00 70.36  ? 144 GLN A C   1 
ATOM 1125 O O   . GLN A 1 140 ? -4.115  -6.715  20.470  1.00 69.08  ? 144 GLN A O   1 
ATOM 1126 C CB  . GLN A 1 140 ? -3.419  -8.316  17.560  1.00 74.34  ? 144 GLN A CB  1 
ATOM 1127 C CG  . GLN A 1 140 ? -2.855  -9.306  18.590  1.00 77.80  ? 144 GLN A CG  1 
ATOM 1128 C CD  . GLN A 1 140 ? -3.854  -10.382 19.022  1.00 80.39  ? 144 GLN A CD  1 
ATOM 1129 O OE1 . GLN A 1 140 ? -5.082  -10.206 18.941  1.00 79.78  ? 144 GLN A OE1 1 
ATOM 1130 N NE2 . GLN A 1 140 ? -3.322  -11.505 19.500  1.00 82.12  ? 144 GLN A NE2 1 
ATOM 1131 N N   . ALA A 1 141 ? -2.685  -5.779  19.022  1.00 71.39  ? 145 ALA A N   1 
ATOM 1132 C CA  . ALA A 1 141 ? -1.979  -5.041  20.060  1.00 72.08  ? 145 ALA A CA  1 
ATOM 1133 C C   . ALA A 1 141 ? -2.964  -4.206  20.884  1.00 73.06  ? 145 ALA A C   1 
ATOM 1134 O O   . ALA A 1 141 ? -2.760  -3.982  22.080  1.00 72.38  ? 145 ALA A O   1 
ATOM 1135 C CB  . ALA A 1 141 ? -0.918  -4.143  19.426  1.00 71.52  ? 145 ALA A CB  1 
ATOM 1136 N N   . PHE A 1 142 ? -4.031  -3.742  20.243  1.00 73.61  ? 146 PHE A N   1 
ATOM 1137 C CA  . PHE A 1 142 ? -5.032  -2.947  20.943  1.00 73.89  ? 146 PHE A CA  1 
ATOM 1138 C C   . PHE A 1 142 ? -5.835  -3.862  21.853  1.00 75.69  ? 146 PHE A C   1 
ATOM 1139 O O   . PHE A 1 142 ? -6.114  -3.533  23.008  1.00 75.73  ? 146 PHE A O   1 
ATOM 1140 C CB  . PHE A 1 142 ? -5.974  -2.290  19.941  1.00 72.32  ? 146 PHE A CB  1 
ATOM 1141 C CG  . PHE A 1 142 ? -7.091  -1.501  20.577  1.00 70.06  ? 146 PHE A CG  1 
ATOM 1142 C CD1 . PHE A 1 142 ? -6.815  -0.381  21.357  1.00 67.61  ? 146 PHE A CD1 1 
ATOM 1143 C CD2 . PHE A 1 142 ? -8.425  -1.859  20.364  1.00 68.63  ? 146 PHE A CD2 1 
ATOM 1144 C CE1 . PHE A 1 142 ? -7.846  0.370   21.904  1.00 66.65  ? 146 PHE A CE1 1 
ATOM 1145 C CE2 . PHE A 1 142 ? -9.464  -1.110  20.912  1.00 66.10  ? 146 PHE A CE2 1 
ATOM 1146 C CZ  . PHE A 1 142 ? -9.175  0.004   21.679  1.00 65.72  ? 146 PHE A CZ  1 
ATOM 1147 N N   . HIS A 1 143 ? -6.206  -5.015  21.307  1.00 77.76  ? 147 HIS A N   1 
ATOM 1148 C CA  . HIS A 1 143 ? -6.985  -6.006  22.023  1.00 78.84  ? 147 HIS A CA  1 
ATOM 1149 C C   . HIS A 1 143 ? -6.265  -6.476  23.264  1.00 76.92  ? 147 HIS A C   1 
ATOM 1150 O O   . HIS A 1 143 ? -6.863  -6.574  24.325  1.00 77.56  ? 147 HIS A O   1 
ATOM 1151 C CB  . HIS A 1 143 ? -7.266  -7.207  21.129  1.00 84.16  ? 147 HIS A CB  1 
ATOM 1152 C CG  . HIS A 1 143 ? -8.508  -7.947  21.504  1.00 89.98  ? 147 HIS A CG  1 
ATOM 1153 N ND1 . HIS A 1 143 ? -8.635  -8.629  22.696  1.00 91.61  ? 147 HIS A ND1 1 
ATOM 1154 C CD2 . HIS A 1 143 ? -9.702  -8.053  20.876  1.00 91.49  ? 147 HIS A CD2 1 
ATOM 1155 C CE1 . HIS A 1 143 ? -9.858  -9.120  22.789  1.00 92.79  ? 147 HIS A CE1 1 
ATOM 1156 N NE2 . HIS A 1 143 ? -10.526 -8.783  21.697  1.00 93.67  ? 147 HIS A NE2 1 
ATOM 1157 N N   . ASP A 1 144 ? -4.978  -6.767  23.131  1.00 75.51  ? 148 ASP A N   1 
ATOM 1158 C CA  . ASP A 1 144 ? -4.193  -7.225  24.267  1.00 74.67  ? 148 ASP A CA  1 
ATOM 1159 C C   . ASP A 1 144 ? -3.839  -6.096  25.219  1.00 72.89  ? 148 ASP A C   1 
ATOM 1160 O O   . ASP A 1 144 ? -3.010  -6.273  26.095  1.00 72.91  ? 148 ASP A O   1 
ATOM 1161 C CB  . ASP A 1 144 ? -2.907  -7.895  23.794  1.00 77.23  ? 148 ASP A CB  1 
ATOM 1162 C CG  . ASP A 1 144 ? -3.156  -8.936  22.723  1.00 81.37  ? 148 ASP A CG  1 
ATOM 1163 O OD1 . ASP A 1 144 ? -4.177  -9.654  22.819  1.00 83.57  ? 148 ASP A OD1 1 
ATOM 1164 O OD2 . ASP A 1 144 ? -2.329  -9.044  21.788  1.00 83.42  ? 148 ASP A OD2 1 
ATOM 1165 N N   . GLY A 1 145 ? -4.459  -4.934  25.038  1.00 71.91  ? 149 GLY A N   1 
ATOM 1166 C CA  . GLY A 1 145 ? -4.198  -3.802  25.914  1.00 70.20  ? 149 GLY A CA  1 
ATOM 1167 C C   . GLY A 1 145 ? -2.803  -3.196  25.871  1.00 69.19  ? 149 GLY A C   1 
ATOM 1168 O O   . GLY A 1 145 ? -2.449  -2.394  26.732  1.00 66.62  ? 149 GLY A O   1 
ATOM 1169 N N   . ILE A 1 146 ? -2.016  -3.571  24.866  1.00 69.75  ? 150 ILE A N   1 
ATOM 1170 C CA  . ILE A 1 146 ? -0.655  -3.061  24.712  1.00 70.91  ? 150 ILE A CA  1 
ATOM 1171 C C   . ILE A 1 146 ? -0.661  -1.585  24.310  1.00 70.19  ? 150 ILE A C   1 
ATOM 1172 O O   . ILE A 1 146 ? 0.057   -0.765  24.898  1.00 71.46  ? 150 ILE A O   1 
ATOM 1173 C CB  . ILE A 1 146 ? 0.124   -3.885  23.655  1.00 71.89  ? 150 ILE A CB  1 
ATOM 1174 C CG1 . ILE A 1 146 ? 0.108   -5.370  24.050  1.00 73.03  ? 150 ILE A CG1 1 
ATOM 1175 C CG2 . ILE A 1 146 ? 1.563   -3.392  23.556  1.00 71.60  ? 150 ILE A CG2 1 
ATOM 1176 C CD1 . ILE A 1 146 ? 0.718   -6.325  23.020  1.00 74.31  ? 150 ILE A CD1 1 
ATOM 1177 N N   . ILE A 1 147 ? -1.475  -1.248  23.318  1.00 68.28  ? 151 ILE A N   1 
ATOM 1178 C CA  . ILE A 1 147 ? -1.567  0.131   22.876  1.00 66.72  ? 151 ILE A CA  1 
ATOM 1179 C C   . ILE A 1 147 ? -2.937  0.702   23.196  1.00 66.73  ? 151 ILE A C   1 
ATOM 1180 O O   . ILE A 1 147 ? -3.952  0.016   23.098  1.00 68.17  ? 151 ILE A O   1 
ATOM 1181 C CB  . ILE A 1 147 ? -1.326  0.240   21.379  1.00 67.02  ? 151 ILE A CB  1 
ATOM 1182 C CG1 . ILE A 1 147 ? -2.529  -0.328  20.611  1.00 66.23  ? 151 ILE A CG1 1 
ATOM 1183 C CG2 . ILE A 1 147 ? -0.062  -0.523  21.032  1.00 67.64  ? 151 ILE A CG2 1 
ATOM 1184 C CD1 . ILE A 1 147 ? -2.554  0.039   19.133  1.00 62.92  ? 151 ILE A CD1 1 
ATOM 1185 N N   . ASN A 1 148 ? -2.961  1.965   23.592  1.00 66.08  ? 152 ASN A N   1 
ATOM 1186 C CA  . ASN A 1 148 ? -4.212  2.622   23.922  1.00 64.86  ? 152 ASN A CA  1 
ATOM 1187 C C   . ASN A 1 148 ? -4.923  2.941   22.618  1.00 64.21  ? 152 ASN A C   1 
ATOM 1188 O O   . ASN A 1 148 ? -4.375  2.738   21.534  1.00 62.97  ? 152 ASN A O   1 
ATOM 1189 C CB  . ASN A 1 148 ? -3.942  3.920   24.683  1.00 65.49  ? 152 ASN A CB  1 
ATOM 1190 C CG  . ASN A 1 148 ? -3.936  5.133   23.774  1.00 66.19  ? 152 ASN A CG  1 
ATOM 1191 O OD1 . ASN A 1 148 ? -3.110  5.247   22.868  1.00 66.12  ? 152 ASN A OD1 1 
ATOM 1192 N ND2 . ASN A 1 148 ? -4.873  6.042   24.002  1.00 68.38  ? 152 ASN A ND2 1 
ATOM 1193 N N   . GLN A 1 149 ? -6.133  3.472   22.729  1.00 64.18  ? 153 GLN A N   1 
ATOM 1194 C CA  . GLN A 1 149 ? -6.917  3.811   21.555  1.00 63.36  ? 153 GLN A CA  1 
ATOM 1195 C C   . GLN A 1 149 ? -6.300  4.876   20.651  1.00 62.46  ? 153 GLN A C   1 
ATOM 1196 O O   . GLN A 1 149 ? -6.327  4.726   19.430  1.00 62.59  ? 153 GLN A O   1 
ATOM 1197 C CB  . GLN A 1 149 ? -8.312  4.244   21.976  1.00 65.03  ? 153 GLN A CB  1 
ATOM 1198 C CG  . GLN A 1 149 ? -9.264  4.456   20.820  1.00 68.09  ? 153 GLN A CG  1 
ATOM 1199 C CD  . GLN A 1 149 ? -8.976  5.723   20.048  1.00 69.64  ? 153 GLN A CD  1 
ATOM 1200 O OE1 . GLN A 1 149 ? -8.874  6.811   20.637  1.00 70.41  ? 153 GLN A OE1 1 
ATOM 1201 N NE2 . GLN A 1 149 ? -8.843  5.597   18.722  1.00 68.48  ? 153 GLN A NE2 1 
ATOM 1202 N N   . LYS A 1 150 ? -5.758  5.944   21.236  1.00 60.91  ? 154 LYS A N   1 
ATOM 1203 C CA  . LYS A 1 150 ? -5.141  7.027   20.458  1.00 60.05  ? 154 LYS A CA  1 
ATOM 1204 C C   . LYS A 1 150 ? -3.989  6.534   19.591  1.00 58.36  ? 154 LYS A C   1 
ATOM 1205 O O   . LYS A 1 150 ? -3.894  6.868   18.401  1.00 56.91  ? 154 LYS A O   1 
ATOM 1206 C CB  . LYS A 1 150 ? -4.624  8.129   21.390  1.00 63.19  ? 154 LYS A CB  1 
ATOM 1207 C CG  . LYS A 1 150 ? -3.849  9.240   20.680  1.00 66.27  ? 154 LYS A CG  1 
ATOM 1208 C CD  . LYS A 1 150 ? -3.483  10.362  21.637  1.00 71.47  ? 154 LYS A CD  1 
ATOM 1209 C CE  . LYS A 1 150 ? -2.696  11.486  20.934  1.00 75.71  ? 154 LYS A CE  1 
ATOM 1210 N NZ  . LYS A 1 150 ? -2.246  12.587  21.881  1.00 76.80  ? 154 LYS A NZ  1 
ATOM 1211 N N   . GLN A 1 151 ? -3.106  5.757   20.205  1.00 55.14  ? 155 GLN A N   1 
ATOM 1212 C CA  . GLN A 1 151 ? -1.971  5.193   19.505  1.00 53.98  ? 155 GLN A CA  1 
ATOM 1213 C C   . GLN A 1 151 ? -2.465  4.402   18.289  1.00 54.72  ? 155 GLN A C   1 
ATOM 1214 O O   . GLN A 1 151 ? -2.008  4.620   17.156  1.00 51.80  ? 155 GLN A O   1 
ATOM 1215 C CB  . GLN A 1 151 ? -1.195  4.306   20.472  1.00 53.39  ? 155 GLN A CB  1 
ATOM 1216 C CG  . GLN A 1 151 ? -0.675  5.107   21.645  1.00 53.82  ? 155 GLN A CG  1 
ATOM 1217 C CD  . GLN A 1 151 ? -0.096  4.266   22.754  1.00 54.65  ? 155 GLN A CD  1 
ATOM 1218 O OE1 . GLN A 1 151 ? -0.737  3.335   23.242  1.00 58.76  ? 155 GLN A OE1 1 
ATOM 1219 N NE2 . GLN A 1 151 ? 1.117   4.598   23.177  1.00 54.29  ? 155 GLN A NE2 1 
ATOM 1220 N N   . LEU A 1 152 ? -3.413  3.493   18.541  1.00 56.02  ? 156 LEU A N   1 
ATOM 1221 C CA  . LEU A 1 152 ? -4.011  2.660   17.506  1.00 54.41  ? 156 LEU A CA  1 
ATOM 1222 C C   . LEU A 1 152 ? -4.384  3.468   16.276  1.00 55.02  ? 156 LEU A C   1 
ATOM 1223 O O   . LEU A 1 152 ? -3.932  3.183   15.169  1.00 54.00  ? 156 LEU A O   1 
ATOM 1224 C CB  . LEU A 1 152 ? -5.273  1.978   18.027  1.00 51.42  ? 156 LEU A CB  1 
ATOM 1225 C CG  . LEU A 1 152 ? -6.007  1.163   16.955  1.00 51.56  ? 156 LEU A CG  1 
ATOM 1226 C CD1 . LEU A 1 152 ? -5.158  -0.044  16.564  1.00 51.38  ? 156 LEU A CD1 1 
ATOM 1227 C CD2 . LEU A 1 152 ? -7.352  0.715   17.463  1.00 49.67  ? 156 LEU A CD2 1 
ATOM 1228 N N   . GLU A 1 153 ? -5.215  4.482   16.484  1.00 57.95  ? 157 GLU A N   1 
ATOM 1229 C CA  . GLU A 1 153 ? -5.682  5.319   15.392  1.00 60.75  ? 157 GLU A CA  1 
ATOM 1230 C C   . GLU A 1 153 ? -4.563  5.989   14.582  1.00 59.85  ? 157 GLU A C   1 
ATOM 1231 O O   . GLU A 1 153 ? -4.621  6.030   13.351  1.00 57.43  ? 157 GLU A O   1 
ATOM 1232 C CB  . GLU A 1 153 ? -6.663  6.353   15.930  1.00 64.82  ? 157 GLU A CB  1 
ATOM 1233 C CG  . GLU A 1 153 ? -7.369  7.119   14.844  1.00 72.91  ? 157 GLU A CG  1 
ATOM 1234 C CD  . GLU A 1 153 ? -6.950  8.575   14.831  1.00 79.63  ? 157 GLU A CD  1 
ATOM 1235 O OE1 . GLU A 1 153 ? -7.334  9.303   15.787  1.00 82.89  ? 157 GLU A OE1 1 
ATOM 1236 O OE2 . GLU A 1 153 ? -6.235  8.969   13.876  1.00 81.00  ? 157 GLU A OE2 1 
ATOM 1237 N N   . PHE A 1 154 ? -3.545  6.496   15.270  1.00 60.09  ? 158 PHE A N   1 
ATOM 1238 C CA  . PHE A 1 154 ? -2.407  7.130   14.613  1.00 59.59  ? 158 PHE A CA  1 
ATOM 1239 C C   . PHE A 1 154 ? -1.680  6.092   13.746  1.00 60.34  ? 158 PHE A C   1 
ATOM 1240 O O   . PHE A 1 154 ? -1.455  6.300   12.542  1.00 58.37  ? 158 PHE A O   1 
ATOM 1241 C CB  . PHE A 1 154 ? -1.442  7.686   15.669  1.00 61.16  ? 158 PHE A CB  1 
ATOM 1242 C CG  . PHE A 1 154 ? -0.334  8.519   15.096  1.00 63.60  ? 158 PHE A CG  1 
ATOM 1243 C CD1 . PHE A 1 154 ? -0.624  9.656   14.350  1.00 65.79  ? 158 PHE A CD1 1 
ATOM 1244 C CD2 . PHE A 1 154 ? 0.992   8.148   15.250  1.00 64.31  ? 158 PHE A CD2 1 
ATOM 1245 C CE1 . PHE A 1 154 ? 0.384   10.403  13.762  1.00 65.80  ? 158 PHE A CE1 1 
ATOM 1246 C CE2 . PHE A 1 154 ? 2.005   8.890   14.662  1.00 64.83  ? 158 PHE A CE2 1 
ATOM 1247 C CZ  . PHE A 1 154 ? 1.697   10.020  13.917  1.00 64.90  ? 158 PHE A CZ  1 
ATOM 1248 N N   . ALA A 1 155 ? -1.319  4.973   14.383  1.00 60.92  ? 159 ALA A N   1 
ATOM 1249 C CA  . ALA A 1 155 ? -0.622  3.864   13.729  1.00 59.14  ? 159 ALA A CA  1 
ATOM 1250 C C   . ALA A 1 155 ? -1.442  3.309   12.566  1.00 58.45  ? 159 ALA A C   1 
ATOM 1251 O O   . ALA A 1 155 ? -0.888  2.949   11.519  1.00 58.64  ? 159 ALA A O   1 
ATOM 1252 C CB  . ALA A 1 155 ? -0.332  2.756   14.743  1.00 58.59  ? 159 ALA A CB  1 
ATOM 1253 N N   . TRP A 1 156 ? -2.759  3.241   12.753  1.00 56.43  ? 160 TRP A N   1 
ATOM 1254 C CA  . TRP A 1 156 ? -3.658  2.751   11.719  1.00 54.75  ? 160 TRP A CA  1 
ATOM 1255 C C   . TRP A 1 156 ? -3.596  3.663   10.479  1.00 53.41  ? 160 TRP A C   1 
ATOM 1256 O O   . TRP A 1 156 ? -3.635  3.186   9.340   1.00 49.05  ? 160 TRP A O   1 
ATOM 1257 C CB  . TRP A 1 156 ? -5.082  2.689   12.280  1.00 56.91  ? 160 TRP A CB  1 
ATOM 1258 C CG  . TRP A 1 156 ? -6.060  1.950   11.411  1.00 56.98  ? 160 TRP A CG  1 
ATOM 1259 C CD1 . TRP A 1 156 ? -6.635  2.397   10.262  1.00 56.63  ? 160 TRP A CD1 1 
ATOM 1260 C CD2 . TRP A 1 156 ? -6.582  0.636   11.637  1.00 58.21  ? 160 TRP A CD2 1 
ATOM 1261 N NE1 . TRP A 1 156 ? -7.490  1.448   9.757   1.00 56.60  ? 160 TRP A NE1 1 
ATOM 1262 C CE2 . TRP A 1 156 ? -7.477  0.356   10.582  1.00 58.12  ? 160 TRP A CE2 1 
ATOM 1263 C CE3 . TRP A 1 156 ? -6.381  -0.336  12.629  1.00 59.14  ? 160 TRP A CE3 1 
ATOM 1264 C CZ2 . TRP A 1 156 ? -8.174  -0.858  10.489  1.00 57.88  ? 160 TRP A CZ2 1 
ATOM 1265 C CZ3 . TRP A 1 156 ? -7.078  -1.546  12.534  1.00 57.69  ? 160 TRP A CZ3 1 
ATOM 1266 C CH2 . TRP A 1 156 ? -7.961  -1.793  11.472  1.00 55.87  ? 160 TRP A CH2 1 
ATOM 1267 N N   . SER A 1 157 ? -3.476  4.970   10.722  1.00 53.78  ? 161 SER A N   1 
ATOM 1268 C CA  . SER A 1 157 ? -3.386  5.975   9.658   1.00 53.00  ? 161 SER A CA  1 
ATOM 1269 C C   . SER A 1 157 ? -2.113  5.830   8.862   1.00 52.10  ? 161 SER A C   1 
ATOM 1270 O O   . SER A 1 157 ? -2.112  5.949   7.634   1.00 50.52  ? 161 SER A O   1 
ATOM 1271 C CB  . SER A 1 157 ? -3.409  7.372   10.251  1.00 53.75  ? 161 SER A CB  1 
ATOM 1272 O OG  . SER A 1 157 ? -4.650  7.625   10.864  1.00 60.74  ? 161 SER A OG  1 
ATOM 1273 N N   . ILE A 1 158 ? -1.028  5.603   9.593   1.00 52.31  ? 162 ILE A N   1 
ATOM 1274 C CA  . ILE A 1 158 ? 0.283   5.416   9.000   1.00 53.69  ? 162 ILE A CA  1 
ATOM 1275 C C   . ILE A 1 158 ? 0.224   4.247   8.029   1.00 55.10  ? 162 ILE A C   1 
ATOM 1276 O O   . ILE A 1 158 ? 0.714   4.335   6.895   1.00 53.74  ? 162 ILE A O   1 
ATOM 1277 C CB  . ILE A 1 158 ? 1.310   5.143   10.089  1.00 53.28  ? 162 ILE A CB  1 
ATOM 1278 C CG1 . ILE A 1 158 ? 1.532   6.426   10.881  1.00 55.34  ? 162 ILE A CG1 1 
ATOM 1279 C CG2 . ILE A 1 158 ? 2.592   4.642   9.489   1.00 50.39  ? 162 ILE A CG2 1 
ATOM 1280 C CD1 . ILE A 1 158 ? 2.335   6.243   12.142  1.00 58.94  ? 162 ILE A CD1 1 
ATOM 1281 N N   . VAL A 1 159 ? -0.403  3.162   8.483   1.00 56.99  ? 163 VAL A N   1 
ATOM 1282 C CA  . VAL A 1 159 ? -0.559  1.965   7.669   1.00 56.64  ? 163 VAL A CA  1 
ATOM 1283 C C   . VAL A 1 159 ? -1.324  2.303   6.396   1.00 57.28  ? 163 VAL A C   1 
ATOM 1284 O O   . VAL A 1 159 ? -0.916  1.918   5.299   1.00 56.52  ? 163 VAL A O   1 
ATOM 1285 C CB  . VAL A 1 159 ? -1.312  0.863   8.433   1.00 57.59  ? 163 VAL A CB  1 
ATOM 1286 C CG1 . VAL A 1 159 ? -1.601  -0.317  7.495   1.00 57.15  ? 163 VAL A CG1 1 
ATOM 1287 C CG2 . VAL A 1 159 ? -0.482  0.403   9.625   1.00 56.65  ? 163 VAL A CG2 1 
ATOM 1288 N N   . ASN A 1 160 ? -2.430  3.028   6.530   1.00 56.86  ? 164 ASN A N   1 
ATOM 1289 C CA  . ASN A 1 160 ? -3.193  3.386   5.346   1.00 54.98  ? 164 ASN A CA  1 
ATOM 1290 C C   . ASN A 1 160 ? -2.289  4.130   4.392   1.00 53.82  ? 164 ASN A C   1 
ATOM 1291 O O   . ASN A 1 160 ? -2.279  3.841   3.197   1.00 51.21  ? 164 ASN A O   1 
ATOM 1292 C CB  . ASN A 1 160 ? -4.404  4.238   5.725   1.00 56.70  ? 164 ASN A CB  1 
ATOM 1293 C CG  . ASN A 1 160 ? -5.400  3.473   6.582   1.00 59.63  ? 164 ASN A CG  1 
ATOM 1294 O OD1 . ASN A 1 160 ? -6.430  3.996   7.001   1.00 59.31  ? 164 ASN A OD1 1 
ATOM 1295 N ND2 . ASN A 1 160 ? -5.087  2.217   6.849   1.00 62.86  ? 164 ASN A ND2 1 
ATOM 1296 N N   . ASP A 1 161 ? -1.509  5.069   4.929   1.00 54.85  ? 165 ASP A N   1 
ATOM 1297 C CA  . ASP A 1 161 ? -0.590  5.862   4.114   1.00 55.80  ? 165 ASP A CA  1 
ATOM 1298 C C   . ASP A 1 161 ? 0.552   5.057   3.549   1.00 56.87  ? 165 ASP A C   1 
ATOM 1299 O O   . ASP A 1 161 ? 1.070   5.357   2.465   1.00 57.67  ? 165 ASP A O   1 
ATOM 1300 C CB  . ASP A 1 161 ? 0.002   6.994   4.924   1.00 56.11  ? 165 ASP A CB  1 
ATOM 1301 C CG  . ASP A 1 161 ? -1.028  7.985   5.343   1.00 58.44  ? 165 ASP A CG  1 
ATOM 1302 O OD1 . ASP A 1 161 ? -2.011  8.153   4.582   1.00 58.44  ? 165 ASP A OD1 1 
ATOM 1303 O OD2 . ASP A 1 161 ? -0.853  8.592   6.425   1.00 59.63  ? 165 ASP A OD2 1 
ATOM 1304 N N   . SER A 1 162 ? 0.951   4.036   4.290   1.00 56.72  ? 166 SER A N   1 
ATOM 1305 C CA  . SER A 1 162 ? 2.043   3.200   3.851   1.00 56.17  ? 166 SER A CA  1 
ATOM 1306 C C   . SER A 1 162 ? 1.784   2.612   2.479   1.00 55.19  ? 166 SER A C   1 
ATOM 1307 O O   . SER A 1 162 ? 2.732   2.254   1.792   1.00 55.92  ? 166 SER A O   1 
ATOM 1308 C CB  . SER A 1 162 ? 2.251   2.053   4.818   1.00 56.18  ? 166 SER A CB  1 
ATOM 1309 O OG  . SER A 1 162 ? 1.293   1.051   4.548   1.00 58.37  ? 166 SER A OG  1 
ATOM 1310 N N   . TYR A 1 163 ? 0.521   2.514   2.067   1.00 54.95  ? 167 TYR A N   1 
ATOM 1311 C CA  . TYR A 1 163 ? 0.216   1.905   0.781   1.00 55.01  ? 167 TYR A CA  1 
ATOM 1312 C C   . TYR A 1 163 ? 0.570   2.663   -0.484  1.00 56.03  ? 167 TYR A C   1 
ATOM 1313 O O   . TYR A 1 163 ? 0.109   2.326   -1.565  1.00 56.23  ? 167 TYR A O   1 
ATOM 1314 C CB  . TYR A 1 163 ? -1.238  1.479   0.719   1.00 56.09  ? 167 TYR A CB  1 
ATOM 1315 C CG  . TYR A 1 163 ? -1.546  0.266   1.566   1.00 57.89  ? 167 TYR A CG  1 
ATOM 1316 C CD1 . TYR A 1 163 ? -1.976  0.402   2.890   1.00 59.39  ? 167 TYR A CD1 1 
ATOM 1317 C CD2 . TYR A 1 163 ? -1.417  -1.019  1.045   1.00 56.01  ? 167 TYR A CD2 1 
ATOM 1318 C CE1 . TYR A 1 163 ? -2.271  -0.713  3.664   1.00 58.63  ? 167 TYR A CE1 1 
ATOM 1319 C CE2 . TYR A 1 163 ? -1.706  -2.132  1.807   1.00 55.80  ? 167 TYR A CE2 1 
ATOM 1320 C CZ  . TYR A 1 163 ? -2.130  -1.976  3.113   1.00 57.56  ? 167 TYR A CZ  1 
ATOM 1321 O OH  . TYR A 1 163 ? -2.381  -3.096  3.871   1.00 59.25  ? 167 TYR A OH  1 
ATOM 1322 N N   . ALA A 1 164 ? 1.411   3.675   -0.360  1.00 58.05  ? 168 ALA A N   1 
ATOM 1323 C CA  . ALA A 1 164 ? 1.841   4.433   -1.520  1.00 58.02  ? 168 ALA A CA  1 
ATOM 1324 C C   . ALA A 1 164 ? 3.337   4.227   -1.695  1.00 58.68  ? 168 ALA A C   1 
ATOM 1325 O O   . ALA A 1 164 ? 3.974   4.893   -2.518  1.00 58.92  ? 168 ALA A O   1 
ATOM 1326 C CB  . ALA A 1 164 ? 1.545   5.893   -1.311  1.00 55.76  ? 168 ALA A CB  1 
ATOM 1327 N N   . SER A 1 165 ? 3.892   3.287   -0.936  1.00 59.00  ? 169 SER A N   1 
ATOM 1328 C CA  . SER A 1 165 ? 5.321   3.043   -0.969  1.00 59.74  ? 169 SER A CA  1 
ATOM 1329 C C   . SER A 1 165 ? 5.757   1.691   -1.494  1.00 61.90  ? 169 SER A C   1 
ATOM 1330 O O   . SER A 1 165 ? 6.947   1.507   -1.787  1.00 65.44  ? 169 SER A O   1 
ATOM 1331 C CB  . SER A 1 165 ? 5.903   3.226   0.427   1.00 57.88  ? 169 SER A CB  1 
ATOM 1332 O OG  . SER A 1 165 ? 5.348   2.278   1.310   1.00 56.72  ? 169 SER A OG  1 
ATOM 1333 N N   . SER A 1 166 ? 4.834   0.744   -1.613  1.00 60.58  ? 170 SER A N   1 
ATOM 1334 C CA  . SER A 1 166 ? 5.215   -0.585  -2.106  1.00 60.67  ? 170 SER A CA  1 
ATOM 1335 C C   . SER A 1 166 ? 6.105   -1.341  -1.092  1.00 59.53  ? 170 SER A C   1 
ATOM 1336 O O   . SER A 1 166 ? 6.924   -2.192  -1.455  1.00 54.87  ? 170 SER A O   1 
ATOM 1337 C CB  . SER A 1 166 ? 5.940   -0.496  -3.471  1.00 59.30  ? 170 SER A CB  1 
ATOM 1338 O OG  . SER A 1 166 ? 7.329   -0.251  -3.328  1.00 55.02  ? 170 SER A OG  1 
ATOM 1339 N N   . LEU A 1 167 ? 5.937   -1.001  0.180   1.00 59.58  ? 171 LEU A N   1 
ATOM 1340 C CA  . LEU A 1 167 ? 6.654   -1.660  1.253   1.00 61.13  ? 171 LEU A CA  1 
ATOM 1341 C C   . LEU A 1 167 ? 6.029   -3.061  1.344   1.00 62.91  ? 171 LEU A C   1 
ATOM 1342 O O   . LEU A 1 167 ? 6.639   -4.004  1.865   1.00 63.65  ? 171 LEU A O   1 
ATOM 1343 C CB  . LEU A 1 167 ? 6.440   -0.904  2.576   1.00 60.86  ? 171 LEU A CB  1 
ATOM 1344 C CG  . LEU A 1 167 ? 7.538   0.003   3.166   1.00 62.55  ? 171 LEU A CG  1 
ATOM 1345 C CD1 . LEU A 1 167 ? 7.005   0.652   4.436   1.00 61.84  ? 171 LEU A CD1 1 
ATOM 1346 C CD2 . LEU A 1 167 ? 8.811   -0.796  3.489   1.00 61.26  ? 171 LEU A CD2 1 
ATOM 1347 N N   . CYS A 1 168 ? 4.802   -3.183  0.833   1.00 63.26  ? 172 CYS A N   1 
ATOM 1348 C CA  . CYS A 1 168 ? 4.078   -4.446  0.847   1.00 62.19  ? 172 CYS A CA  1 
ATOM 1349 C C   . CYS A 1 168 ? 4.819   -5.536  0.075   1.00 63.92  ? 172 CYS A C   1 
ATOM 1350 O O   . CYS A 1 168 ? 4.497   -6.710  0.198   1.00 64.95  ? 172 CYS A O   1 
ATOM 1351 C CB  . CYS A 1 168 ? 2.687   -4.243  0.251   1.00 61.08  ? 172 CYS A CB  1 
ATOM 1352 S SG  . CYS A 1 168 ? 2.682   -3.743  -1.488  1.00 58.77  ? 172 CYS A SG  1 
ATOM 1353 N N   . LEU A 1 169 ? 5.802   -5.152  -0.732  1.00 64.77  ? 173 LEU A N   1 
ATOM 1354 C CA  . LEU A 1 169 ? 6.571   -6.131  -1.497  1.00 65.59  ? 173 LEU A CA  1 
ATOM 1355 C C   . LEU A 1 169 ? 7.905   -6.390  -0.803  1.00 68.03  ? 173 LEU A C   1 
ATOM 1356 O O   . LEU A 1 169 ? 8.666   -7.259  -1.221  1.00 69.28  ? 173 LEU A O   1 
ATOM 1357 C CB  . LEU A 1 169 ? 6.850   -5.605  -2.905  1.00 63.18  ? 173 LEU A CB  1 
ATOM 1358 C CG  . LEU A 1 169 ? 5.672   -5.208  -3.803  1.00 62.46  ? 173 LEU A CG  1 
ATOM 1359 C CD1 . LEU A 1 169 ? 6.227   -4.450  -4.988  1.00 62.23  ? 173 LEU A CD1 1 
ATOM 1360 C CD2 . LEU A 1 169 ? 4.880   -6.422  -4.264  1.00 59.27  ? 173 LEU A CD2 1 
ATOM 1361 N N   . MET A 1 170 ? 8.182   -5.631  0.259   1.00 70.56  ? 174 MET A N   1 
ATOM 1362 C CA  . MET A 1 170 ? 9.442   -5.750  0.989   1.00 70.89  ? 174 MET A CA  1 
ATOM 1363 C C   . MET A 1 170 ? 9.316   -6.121  2.447   1.00 69.49  ? 174 MET A C   1 
ATOM 1364 O O   . MET A 1 170 ? 10.319  -6.419  3.081   1.00 70.58  ? 174 MET A O   1 
ATOM 1365 C CB  . MET A 1 170 ? 10.218  -4.445  0.932   1.00 73.83  ? 174 MET A CB  1 
ATOM 1366 C CG  . MET A 1 170 ? 10.289  -3.836  -0.427  1.00 80.34  ? 174 MET A CG  1 
ATOM 1367 S SD  . MET A 1 170 ? 9.816   -2.116  -0.266  1.00 89.41  ? 174 MET A SD  1 
ATOM 1368 C CE  . MET A 1 170 ? 11.396  -1.399  0.303   1.00 88.99  ? 174 MET A CE  1 
ATOM 1369 N N   . ALA A 1 171 ? 8.117   -6.094  3.003   1.00 67.60  ? 175 ALA A N   1 
ATOM 1370 C CA  . ALA A 1 171 ? 8.004   -6.443  4.407   1.00 66.32  ? 175 ALA A CA  1 
ATOM 1371 C C   . ALA A 1 171 ? 6.725   -7.177  4.758   1.00 64.92  ? 175 ALA A C   1 
ATOM 1372 O O   . ALA A 1 171 ? 5.676   -6.941  4.172   1.00 65.73  ? 175 ALA A O   1 
ATOM 1373 C CB  . ALA A 1 171 ? 8.147   -5.188  5.260   1.00 66.32  ? 175 ALA A CB  1 
ATOM 1374 N N   . HIS A 1 172 ? 6.824   -8.081  5.723   1.00 64.41  ? 176 HIS A N   1 
ATOM 1375 C CA  . HIS A 1 172 ? 5.672   -8.844  6.162   1.00 64.70  ? 176 HIS A CA  1 
ATOM 1376 C C   . HIS A 1 172 ? 4.774   -7.911  6.970   1.00 64.39  ? 176 HIS A C   1 
ATOM 1377 O O   . HIS A 1 172 ? 5.254   -7.113  7.785   1.00 63.82  ? 176 HIS A O   1 
ATOM 1378 C CB  . HIS A 1 172 ? 6.109   -10.033 7.030   1.00 67.23  ? 176 HIS A CB  1 
ATOM 1379 C CG  . HIS A 1 172 ? 7.065   -10.968 6.353   1.00 68.46  ? 176 HIS A CG  1 
ATOM 1380 N ND1 . HIS A 1 172 ? 6.746   -11.654 5.203   1.00 70.39  ? 176 HIS A ND1 1 
ATOM 1381 C CD2 . HIS A 1 172 ? 8.341   -11.301 6.649   1.00 69.23  ? 176 HIS A CD2 1 
ATOM 1382 C CE1 . HIS A 1 172 ? 7.788   -12.368 4.812   1.00 68.99  ? 176 HIS A CE1 1 
ATOM 1383 N NE2 . HIS A 1 172 ? 8.767   -12.171 5.672   1.00 70.12  ? 176 HIS A NE2 1 
ATOM 1384 N N   . PRO A 1 173 ? 3.452   -8.003  6.757   1.00 62.63  ? 177 PRO A N   1 
ATOM 1385 C CA  . PRO A 1 173 ? 2.424   -7.195  7.427   1.00 62.37  ? 177 PRO A CA  1 
ATOM 1386 C C   . PRO A 1 173 ? 2.682   -6.893  8.902   1.00 60.72  ? 177 PRO A C   1 
ATOM 1387 O O   . PRO A 1 173 ? 2.450   -5.776  9.354   1.00 58.93  ? 177 PRO A O   1 
ATOM 1388 C CB  . PRO A 1 173 ? 1.163   -8.021  7.229   1.00 62.75  ? 177 PRO A CB  1 
ATOM 1389 C CG  . PRO A 1 173 ? 1.378   -8.605  5.879   1.00 62.75  ? 177 PRO A CG  1 
ATOM 1390 C CD  . PRO A 1 173 ? 2.836   -9.011  5.873   1.00 62.15  ? 177 PRO A CD  1 
ATOM 1391 N N   . HIS A 1 174 ? 3.155   -7.878  9.662   1.00 61.33  ? 178 HIS A N   1 
ATOM 1392 C CA  . HIS A 1 174 ? 3.404   -7.630  11.078  1.00 62.55  ? 178 HIS A CA  1 
ATOM 1393 C C   . HIS A 1 174 ? 4.606   -6.712  11.289  1.00 61.47  ? 178 HIS A C   1 
ATOM 1394 O O   . HIS A 1 174 ? 4.615   -5.903  12.222  1.00 61.94  ? 178 HIS A O   1 
ATOM 1395 C CB  . HIS A 1 174 ? 3.586   -8.944  11.849  1.00 62.82  ? 178 HIS A CB  1 
ATOM 1396 C CG  . HIS A 1 174 ? 4.849   -9.676  11.527  1.00 62.42  ? 178 HIS A CG  1 
ATOM 1397 N ND1 . HIS A 1 174 ? 5.139   -10.145 10.263  1.00 61.91  ? 178 HIS A ND1 1 
ATOM 1398 C CD2 . HIS A 1 174 ? 5.901   -10.022 12.307  1.00 62.27  ? 178 HIS A CD2 1 
ATOM 1399 C CE1 . HIS A 1 174 ? 6.316   -10.743 10.277  1.00 61.86  ? 178 HIS A CE1 1 
ATOM 1400 N NE2 . HIS A 1 174 ? 6.800   -10.683 11.505  1.00 62.37  ? 178 HIS A NE2 1 
ATOM 1401 N N   . GLN A 1 175 ? 5.610   -6.821  10.426  1.00 60.88  ? 179 GLN A N   1 
ATOM 1402 C CA  . GLN A 1 175 ? 6.788   -5.968  10.555  1.00 62.29  ? 179 GLN A CA  1 
ATOM 1403 C C   . GLN A 1 175 ? 6.417   -4.508  10.291  1.00 60.55  ? 179 GLN A C   1 
ATOM 1404 O O   . GLN A 1 175 ? 6.796   -3.611  11.047  1.00 59.43  ? 179 GLN A O   1 
ATOM 1405 C CB  . GLN A 1 175 ? 7.879   -6.413  9.576   1.00 64.83  ? 179 GLN A CB  1 
ATOM 1406 C CG  . GLN A 1 175 ? 8.295   -7.868  9.739   1.00 67.56  ? 179 GLN A CG  1 
ATOM 1407 C CD  . GLN A 1 175 ? 9.406   -8.259  8.783   1.00 69.88  ? 179 GLN A CD  1 
ATOM 1408 O OE1 . GLN A 1 175 ? 9.418   -7.846  7.617   1.00 69.39  ? 179 GLN A OE1 1 
ATOM 1409 N NE2 . GLN A 1 175 ? 10.348  -9.067  9.271   1.00 70.96  ? 179 GLN A NE2 1 
ATOM 1410 N N   . LEU A 1 176 ? 5.679   -4.278  9.211   1.00 59.71  ? 180 LEU A N   1 
ATOM 1411 C CA  . LEU A 1 176 ? 5.228   -2.939  8.858   1.00 57.94  ? 180 LEU A CA  1 
ATOM 1412 C C   . LEU A 1 176 ? 4.354   -2.423  9.991   1.00 57.78  ? 180 LEU A C   1 
ATOM 1413 O O   . LEU A 1 176 ? 4.451   -1.267  10.396  1.00 57.86  ? 180 LEU A O   1 
ATOM 1414 C CB  . LEU A 1 176 ? 4.415   -2.984  7.569   1.00 57.47  ? 180 LEU A CB  1 
ATOM 1415 C CG  . LEU A 1 176 ? 3.843   -1.640  7.119   1.00 58.12  ? 180 LEU A CG  1 
ATOM 1416 C CD1 . LEU A 1 176 ? 4.983   -0.716  6.778   1.00 61.26  ? 180 LEU A CD1 1 
ATOM 1417 C CD2 . LEU A 1 176 ? 2.959   -1.816  5.913   1.00 58.49  ? 180 LEU A CD2 1 
ATOM 1418 N N   . ALA A 1 177 ? 3.501   -3.298  10.513  1.00 58.30  ? 181 ALA A N   1 
ATOM 1419 C CA  . ALA A 1 177 ? 2.615   -2.922  11.604  1.00 58.22  ? 181 ALA A CA  1 
ATOM 1420 C C   . ALA A 1 177 ? 3.399   -2.445  12.820  1.00 58.19  ? 181 ALA A C   1 
ATOM 1421 O O   . ALA A 1 177 ? 3.061   -1.414  13.404  1.00 58.57  ? 181 ALA A O   1 
ATOM 1422 C CB  . ALA A 1 177 ? 1.712   -4.091  11.979  1.00 58.00  ? 181 ALA A CB  1 
ATOM 1423 N N   . TYR A 1 178 ? 4.443   -3.184  13.201  1.00 58.85  ? 182 TYR A N   1 
ATOM 1424 C CA  . TYR A 1 178 ? 5.253   -2.806  14.358  1.00 59.29  ? 182 TYR A CA  1 
ATOM 1425 C C   . TYR A 1 178 ? 5.909   -1.438  14.174  1.00 58.41  ? 182 TYR A C   1 
ATOM 1426 O O   . TYR A 1 178 ? 5.930   -0.617  15.102  1.00 57.02  ? 182 TYR A O   1 
ATOM 1427 C CB  . TYR A 1 178 ? 6.339   -3.837  14.623  1.00 63.53  ? 182 TYR A CB  1 
ATOM 1428 C CG  . TYR A 1 178 ? 5.838   -5.189  15.057  1.00 68.29  ? 182 TYR A CG  1 
ATOM 1429 C CD1 . TYR A 1 178 ? 4.748   -5.317  15.919  1.00 68.79  ? 182 TYR A CD1 1 
ATOM 1430 C CD2 . TYR A 1 178 ? 6.484   -6.353  14.630  1.00 72.21  ? 182 TYR A CD2 1 
ATOM 1431 C CE1 . TYR A 1 178 ? 4.313   -6.582  16.346  1.00 71.71  ? 182 TYR A CE1 1 
ATOM 1432 C CE2 . TYR A 1 178 ? 6.060   -7.619  15.046  1.00 72.97  ? 182 TYR A CE2 1 
ATOM 1433 C CZ  . TYR A 1 178 ? 4.979   -7.727  15.899  1.00 72.83  ? 182 TYR A CZ  1 
ATOM 1434 O OH  . TYR A 1 178 ? 4.582   -8.982  16.285  1.00 74.04  ? 182 TYR A OH  1 
ATOM 1435 N N   . ALA A 1 179 ? 6.455   -1.204  12.983  1.00 57.23  ? 183 ALA A N   1 
ATOM 1436 C CA  . ALA A 1 179 ? 7.080   0.070   12.674  1.00 56.94  ? 183 ALA A CA  1 
ATOM 1437 C C   . ALA A 1 179 ? 6.033   1.160   12.910  1.00 57.08  ? 183 ALA A C   1 
ATOM 1438 O O   . ALA A 1 179 ? 6.269   2.092   13.691  1.00 57.34  ? 183 ALA A O   1 
ATOM 1439 C CB  . ALA A 1 179 ? 7.559   0.091   11.225  1.00 57.90  ? 183 ALA A CB  1 
ATOM 1440 N N   . ALA A 1 180 ? 4.875   1.035   12.255  1.00 54.80  ? 184 ALA A N   1 
ATOM 1441 C CA  . ALA A 1 180 ? 3.799   2.009   12.422  1.00 53.48  ? 184 ALA A CA  1 
ATOM 1442 C C   . ALA A 1 180 ? 3.471   2.239   13.910  1.00 54.65  ? 184 ALA A C   1 
ATOM 1443 O O   . ALA A 1 180 ? 3.287   3.382   14.353  1.00 53.41  ? 184 ALA A O   1 
ATOM 1444 C CB  . ALA A 1 180 ? 2.586   1.531   11.705  1.00 53.73  ? 184 ALA A CB  1 
ATOM 1445 N N   . LEU A 1 181 ? 3.391   1.146   14.668  1.00 54.25  ? 185 LEU A N   1 
ATOM 1446 C CA  . LEU A 1 181 ? 3.113   1.199   16.097  1.00 53.32  ? 185 LEU A CA  1 
ATOM 1447 C C   . LEU A 1 181 ? 4.226   1.933   16.832  1.00 53.59  ? 185 LEU A C   1 
ATOM 1448 O O   . LEU A 1 181 ? 3.959   2.778   17.696  1.00 53.17  ? 185 LEU A O   1 
ATOM 1449 C CB  . LEU A 1 181 ? 2.991   -0.214  16.660  1.00 53.87  ? 185 LEU A CB  1 
ATOM 1450 C CG  . LEU A 1 181 ? 1.622   -0.865  16.504  1.00 55.79  ? 185 LEU A CG  1 
ATOM 1451 C CD1 . LEU A 1 181 ? 1.688   -2.372  16.743  1.00 55.49  ? 185 LEU A CD1 1 
ATOM 1452 C CD2 . LEU A 1 181 ? 0.681   -0.192  17.480  1.00 55.67  ? 185 LEU A CD2 1 
ATOM 1453 N N   . LEU A 1 182 ? 5.474   1.599   16.502  1.00 51.85  ? 186 LEU A N   1 
ATOM 1454 C CA  . LEU A 1 182 ? 6.612   2.243   17.152  1.00 50.68  ? 186 LEU A CA  1 
ATOM 1455 C C   . LEU A 1 182 ? 6.606   3.732   16.848  1.00 50.84  ? 186 LEU A C   1 
ATOM 1456 O O   . LEU A 1 182 ? 6.668   4.550   17.763  1.00 50.31  ? 186 LEU A O   1 
ATOM 1457 C CB  . LEU A 1 182 ? 7.921   1.602   16.698  1.00 49.72  ? 186 LEU A CB  1 
ATOM 1458 C CG  . LEU A 1 182 ? 8.098   0.150   17.174  1.00 51.02  ? 186 LEU A CG  1 
ATOM 1459 C CD1 . LEU A 1 182 ? 8.936   -0.638  16.163  1.00 50.13  ? 186 LEU A CD1 1 
ATOM 1460 C CD2 . LEU A 1 182 ? 8.721   0.129   18.569  1.00 47.86  ? 186 LEU A CD2 1 
ATOM 1461 N N   . ILE A 1 183 ? 6.512   4.089   15.569  1.00 50.56  ? 187 ILE A N   1 
ATOM 1462 C CA  . ILE A 1 183 ? 6.470   5.494   15.195  1.00 51.54  ? 187 ILE A CA  1 
ATOM 1463 C C   . ILE A 1 183 ? 5.403   6.157   16.060  1.00 56.43  ? 187 ILE A C   1 
ATOM 1464 O O   . ILE A 1 183 ? 5.629   7.204   16.657  1.00 57.30  ? 187 ILE A O   1 
ATOM 1465 C CB  . ILE A 1 183 ? 6.114   5.664   13.697  1.00 48.98  ? 187 ILE A CB  1 
ATOM 1466 C CG1 . ILE A 1 183 ? 7.252   5.083   12.850  1.00 49.36  ? 187 ILE A CG1 1 
ATOM 1467 C CG2 . ILE A 1 183 ? 5.851   7.129   13.368  1.00 44.97  ? 187 ILE A CG2 1 
ATOM 1468 C CD1 . ILE A 1 183 ? 7.135   5.270   11.358  1.00 47.05  ? 187 ILE A CD1 1 
ATOM 1469 N N   . SER A 1 184 ? 4.248   5.512   16.156  1.00 60.79  ? 188 SER A N   1 
ATOM 1470 C CA  . SER A 1 184 ? 3.147   6.041   16.942  1.00 63.86  ? 188 SER A CA  1 
ATOM 1471 C C   . SER A 1 184 ? 3.458   6.296   18.421  1.00 65.75  ? 188 SER A C   1 
ATOM 1472 O O   . SER A 1 184 ? 3.525   7.446   18.863  1.00 67.56  ? 188 SER A O   1 
ATOM 1473 C CB  . SER A 1 184 ? 1.946   5.110   16.835  1.00 64.42  ? 188 SER A CB  1 
ATOM 1474 O OG  . SER A 1 184 ? 0.904   5.575   17.667  1.00 65.89  ? 188 SER A OG  1 
ATOM 1475 N N   . CYS A 1 185 ? 3.648   5.223   19.178  1.00 67.46  ? 189 CYS A N   1 
ATOM 1476 C CA  . CYS A 1 185 ? 3.913   5.315   20.616  1.00 69.28  ? 189 CYS A CA  1 
ATOM 1477 C C   . CYS A 1 185 ? 5.376   5.625   20.969  1.00 69.93  ? 189 CYS A C   1 
ATOM 1478 O O   . CYS A 1 185 ? 5.844   5.322   22.080  1.00 69.61  ? 189 CYS A O   1 
ATOM 1479 C CB  . CYS A 1 185 ? 3.499   3.999   21.275  1.00 68.70  ? 189 CYS A CB  1 
ATOM 1480 S SG  . CYS A 1 185 ? 2.079   3.245   20.461  1.00 66.19  ? 189 CYS A SG  1 
ATOM 1481 N N   . CYS A 1 186 ? 6.091   6.231   20.025  1.00 69.92  ? 190 CYS A N   1 
ATOM 1482 C CA  . CYS A 1 186 ? 7.494   6.549   20.231  1.00 68.89  ? 190 CYS A CA  1 
ATOM 1483 C C   . CYS A 1 186 ? 7.700   7.452   21.429  1.00 69.88  ? 190 CYS A C   1 
ATOM 1484 O O   . CYS A 1 186 ? 8.792   7.498   21.983  1.00 70.27  ? 190 CYS A O   1 
ATOM 1485 C CB  . CYS A 1 186 ? 8.092   7.194   18.977  1.00 65.86  ? 190 CYS A CB  1 
ATOM 1486 S SG  . CYS A 1 186 ? 7.427   8.812   18.569  1.00 62.00  ? 190 CYS A SG  1 
ATOM 1487 N N   . ASN A 1 187 ? 6.663   8.167   21.845  1.00 71.58  ? 191 ASN A N   1 
ATOM 1488 C CA  . ASN A 1 187 ? 6.818   9.043   22.996  1.00 74.00  ? 191 ASN A CA  1 
ATOM 1489 C C   . ASN A 1 187 ? 6.386   8.404   24.310  1.00 76.61  ? 191 ASN A C   1 
ATOM 1490 O O   . ASN A 1 187 ? 6.888   8.768   25.368  1.00 77.82  ? 191 ASN A O   1 
ATOM 1491 C CB  . ASN A 1 187 ? 6.076   10.365  22.775  1.00 73.03  ? 191 ASN A CB  1 
ATOM 1492 C CG  . ASN A 1 187 ? 6.816   11.293  21.825  1.00 73.17  ? 191 ASN A CG  1 
ATOM 1493 O OD1 . ASN A 1 187 ? 8.023   11.491  21.954  1.00 72.43  ? 191 ASN A OD1 1 
ATOM 1494 N ND2 . ASN A 1 187 ? 6.094   11.870  20.871  1.00 73.68  ? 191 ASN A ND2 1 
ATOM 1495 N N   . ASP A 1 188 ? 5.475   7.441   24.253  1.00 78.57  ? 192 ASP A N   1 
ATOM 1496 C CA  . ASP A 1 188 ? 5.016   6.788   25.470  1.00 79.75  ? 192 ASP A CA  1 
ATOM 1497 C C   . ASP A 1 188 ? 6.058   5.826   25.961  1.00 79.23  ? 192 ASP A C   1 
ATOM 1498 O O   . ASP A 1 188 ? 6.327   4.808   25.340  1.00 79.86  ? 192 ASP A O   1 
ATOM 1499 C CB  . ASP A 1 188 ? 3.714   6.073   25.205  1.00 83.52  ? 192 ASP A CB  1 
ATOM 1500 C CG  . ASP A 1 188 ? 2.691   7.006   24.633  1.00 88.26  ? 192 ASP A CG  1 
ATOM 1501 O OD1 . ASP A 1 188 ? 2.234   7.894   25.392  1.00 89.59  ? 192 ASP A OD1 1 
ATOM 1502 O OD2 . ASP A 1 188 ? 2.379   6.876   23.427  1.00 90.98  ? 192 ASP A OD2 1 
ATOM 1503 N N   . GLU A 1 189 ? 6.636   6.168   27.100  1.00 79.10  ? 193 GLU A N   1 
ATOM 1504 C CA  . GLU A 1 189 ? 7.693   5.386   27.703  1.00 79.23  ? 193 GLU A CA  1 
ATOM 1505 C C   . GLU A 1 189 ? 7.296   4.001   28.201  1.00 78.07  ? 193 GLU A C   1 
ATOM 1506 O O   . GLU A 1 189 ? 8.156   3.133   28.364  1.00 77.20  ? 193 GLU A O   1 
ATOM 1507 C CB  . GLU A 1 189 ? 8.312   6.210   28.827  1.00 82.14  ? 193 GLU A CB  1 
ATOM 1508 C CG  . GLU A 1 189 ? 9.478   5.566   29.537  1.00 86.00  ? 193 GLU A CG  1 
ATOM 1509 C CD  . GLU A 1 189 ? 10.249  6.573   30.371  1.00 88.08  ? 193 GLU A CD  1 
ATOM 1510 O OE1 . GLU A 1 189 ? 9.610   7.512   30.914  1.00 87.99  ? 193 GLU A OE1 1 
ATOM 1511 O OE2 . GLU A 1 189 ? 11.489  6.420   30.480  1.00 88.99  ? 193 GLU A OE2 1 
ATOM 1512 N N   . ASN A 1 190 ? 6.003   3.786   28.429  1.00 77.93  ? 194 ASN A N   1 
ATOM 1513 C CA  . ASN A 1 190 ? 5.517   2.495   28.912  1.00 76.89  ? 194 ASN A CA  1 
ATOM 1514 C C   . ASN A 1 190 ? 5.197   1.553   27.771  1.00 75.52  ? 194 ASN A C   1 
ATOM 1515 O O   . ASN A 1 190 ? 5.575   0.382   27.802  1.00 76.66  ? 194 ASN A O   1 
ATOM 1516 C CB  . ASN A 1 190 ? 4.259   2.665   29.761  1.00 78.97  ? 194 ASN A CB  1 
ATOM 1517 C CG  . ASN A 1 190 ? 4.400   3.764   30.794  1.00 82.18  ? 194 ASN A CG  1 
ATOM 1518 O OD1 . ASN A 1 190 ? 5.497   4.017   31.306  1.00 82.55  ? 194 ASN A OD1 1 
ATOM 1519 N ND2 . ASN A 1 190 ? 3.284   4.424   31.116  1.00 83.08  ? 194 ASN A ND2 1 
ATOM 1520 N N   . THR A 1 191 ? 4.493   2.065   26.767  1.00 72.87  ? 195 THR A N   1 
ATOM 1521 C CA  . THR A 1 191 ? 4.111   1.264   25.613  1.00 68.92  ? 195 THR A CA  1 
ATOM 1522 C C   . THR A 1 191 ? 5.296   0.631   24.891  1.00 68.12  ? 195 THR A C   1 
ATOM 1523 O O   . THR A 1 191 ? 5.288   -0.566  24.603  1.00 66.09  ? 195 THR A O   1 
ATOM 1524 C CB  . THR A 1 191 ? 3.342   2.108   24.589  1.00 67.93  ? 195 THR A CB  1 
ATOM 1525 O OG1 . THR A 1 191 ? 2.145   2.612   25.187  1.00 67.38  ? 195 THR A OG1 1 
ATOM 1526 C CG2 . THR A 1 191 ? 2.998   1.278   23.368  1.00 66.23  ? 195 THR A CG2 1 
ATOM 1527 N N   . ILE A 1 192 ? 6.311   1.441   24.608  1.00 68.53  ? 196 ILE A N   1 
ATOM 1528 C CA  . ILE A 1 192 ? 7.486   0.979   23.875  1.00 69.73  ? 196 ILE A CA  1 
ATOM 1529 C C   . ILE A 1 192 ? 8.071   -0.352  24.325  1.00 70.17  ? 196 ILE A C   1 
ATOM 1530 O O   . ILE A 1 192 ? 8.142   -1.303  23.539  1.00 70.80  ? 196 ILE A O   1 
ATOM 1531 C CB  . ILE A 1 192 ? 8.579   2.098   23.832  1.00 69.06  ? 196 ILE A CB  1 
ATOM 1532 C CG1 . ILE A 1 192 ? 8.214   3.076   22.713  1.00 69.37  ? 196 ILE A CG1 1 
ATOM 1533 C CG2 . ILE A 1 192 ? 9.977   1.518   23.586  1.00 67.36  ? 196 ILE A CG2 1 
ATOM 1534 C CD1 . ILE A 1 192 ? 9.209   4.175   22.498  1.00 71.56  ? 196 ILE A CD1 1 
ATOM 1535 N N   . PRO A 1 193 ? 8.480   -0.453  25.594  1.00 71.11  ? 197 PRO A N   1 
ATOM 1536 C CA  . PRO A 1 193 ? 9.047   -1.716  26.068  1.00 70.13  ? 197 PRO A CA  1 
ATOM 1537 C C   . PRO A 1 193 ? 8.165   -2.899  25.638  1.00 70.27  ? 197 PRO A C   1 
ATOM 1538 O O   . PRO A 1 193 ? 8.654   -3.901  25.117  1.00 69.42  ? 197 PRO A O   1 
ATOM 1539 C CB  . PRO A 1 193 ? 9.082   -1.513  27.576  1.00 69.47  ? 197 PRO A CB  1 
ATOM 1540 C CG  . PRO A 1 193 ? 9.334   -0.047  27.701  1.00 69.44  ? 197 PRO A CG  1 
ATOM 1541 C CD  . PRO A 1 193 ? 8.378   0.520   26.694  1.00 70.63  ? 197 PRO A CD  1 
ATOM 1542 N N   . LYS A 1 194 ? 6.859   -2.764  25.839  1.00 70.92  ? 198 LYS A N   1 
ATOM 1543 C CA  . LYS A 1 194 ? 5.930   -3.819  25.462  1.00 71.93  ? 198 LYS A CA  1 
ATOM 1544 C C   . LYS A 1 194 ? 5.996   -4.134  23.978  1.00 71.45  ? 198 LYS A C   1 
ATOM 1545 O O   . LYS A 1 194 ? 5.973   -5.301  23.589  1.00 72.11  ? 198 LYS A O   1 
ATOM 1546 C CB  . LYS A 1 194 ? 4.504   -3.425  25.830  1.00 73.48  ? 198 LYS A CB  1 
ATOM 1547 C CG  . LYS A 1 194 ? 4.311   -3.231  27.310  1.00 75.63  ? 198 LYS A CG  1 
ATOM 1548 C CD  . LYS A 1 194 ? 2.921   -2.740  27.599  1.00 78.38  ? 198 LYS A CD  1 
ATOM 1549 C CE  . LYS A 1 194 ? 2.756   -2.479  29.075  1.00 80.08  ? 198 LYS A CE  1 
ATOM 1550 N NZ  . LYS A 1 194 ? 1.441   -1.843  29.345  1.00 84.28  ? 198 LYS A NZ  1 
ATOM 1551 N N   . LEU A 1 195 ? 6.064   -3.089  23.152  1.00 70.33  ? 199 LEU A N   1 
ATOM 1552 C CA  . LEU A 1 195 ? 6.139   -3.266  21.709  1.00 68.16  ? 199 LEU A CA  1 
ATOM 1553 C C   . LEU A 1 195 ? 7.442   -3.925  21.313  1.00 66.48  ? 199 LEU A C   1 
ATOM 1554 O O   . LEU A 1 195 ? 7.470   -4.761  20.422  1.00 66.42  ? 199 LEU A O   1 
ATOM 1555 C CB  . LEU A 1 195 ? 6.004   -1.926  20.990  1.00 69.32  ? 199 LEU A CB  1 
ATOM 1556 C CG  . LEU A 1 195 ? 4.604   -1.316  20.926  1.00 69.39  ? 199 LEU A CG  1 
ATOM 1557 C CD1 . LEU A 1 195 ? 4.675   0.050   20.276  1.00 71.26  ? 199 LEU A CD1 1 
ATOM 1558 C CD2 . LEU A 1 195 ? 3.684   -2.220  20.144  1.00 68.78  ? 199 LEU A CD2 1 
ATOM 1559 N N   . LEU A 1 196 ? 8.530   -3.562  21.975  1.00 66.21  ? 200 LEU A N   1 
ATOM 1560 C CA  . LEU A 1 196 ? 9.802   -4.173  21.633  1.00 67.44  ? 200 LEU A CA  1 
ATOM 1561 C C   . LEU A 1 196 ? 9.790   -5.676  21.842  1.00 70.51  ? 200 LEU A C   1 
ATOM 1562 O O   . LEU A 1 196 ? 10.515  -6.405  21.163  1.00 70.45  ? 200 LEU A O   1 
ATOM 1563 C CB  . LEU A 1 196 ? 10.924  -3.543  22.434  1.00 62.91  ? 200 LEU A CB  1 
ATOM 1564 C CG  . LEU A 1 196 ? 11.221  -2.141  21.929  1.00 58.12  ? 200 LEU A CG  1 
ATOM 1565 C CD1 . LEU A 1 196 ? 12.300  -1.551  22.777  1.00 56.79  ? 200 LEU A CD1 1 
ATOM 1566 C CD2 . LEU A 1 196 ? 11.631  -2.191  20.473  1.00 53.80  ? 200 LEU A CD2 1 
ATOM 1567 N N   . ASP A 1 197 ? 8.961   -6.142  22.773  1.00 75.23  ? 201 ASP A N   1 
ATOM 1568 C CA  . ASP A 1 197 ? 8.850   -7.574  23.037  1.00 79.22  ? 201 ASP A CA  1 
ATOM 1569 C C   . ASP A 1 197 ? 8.391   -8.304  21.782  1.00 79.23  ? 201 ASP A C   1 
ATOM 1570 O O   . ASP A 1 197 ? 9.019   -9.272  21.355  1.00 79.70  ? 201 ASP A O   1 
ATOM 1571 C CB  . ASP A 1 197 ? 7.849   -7.858  24.165  1.00 83.37  ? 201 ASP A CB  1 
ATOM 1572 C CG  . ASP A 1 197 ? 8.381   -7.465  25.538  1.00 87.31  ? 201 ASP A CG  1 
ATOM 1573 O OD1 . ASP A 1 197 ? 9.485   -7.934  25.904  1.00 89.04  ? 201 ASP A OD1 1 
ATOM 1574 O OD2 . ASP A 1 197 ? 7.688   -6.696  26.246  1.00 88.21  ? 201 ASP A OD2 1 
ATOM 1575 N N   . LEU A 1 198 ? 7.298   -7.829  21.195  1.00 78.74  ? 202 LEU A N   1 
ATOM 1576 C CA  . LEU A 1 198 ? 6.746   -8.437  19.988  1.00 79.42  ? 202 LEU A CA  1 
ATOM 1577 C C   . LEU A 1 198 ? 7.767   -8.545  18.863  1.00 79.92  ? 202 LEU A C   1 
ATOM 1578 O O   . LEU A 1 198 ? 7.713   -9.458  18.038  1.00 79.73  ? 202 LEU A O   1 
ATOM 1579 C CB  . LEU A 1 198 ? 5.568   -7.612  19.479  1.00 78.87  ? 202 LEU A CB  1 
ATOM 1580 C CG  . LEU A 1 198 ? 4.296   -7.536  20.315  1.00 78.93  ? 202 LEU A CG  1 
ATOM 1581 C CD1 . LEU A 1 198 ? 4.609   -7.131  21.743  1.00 79.85  ? 202 LEU A CD1 1 
ATOM 1582 C CD2 . LEU A 1 198 ? 3.372   -6.535  19.661  1.00 79.54  ? 202 LEU A CD2 1 
ATOM 1583 N N   . ILE A 1 199 ? 8.697   -7.605  18.834  1.00 80.63  ? 203 ILE A N   1 
ATOM 1584 C CA  . ILE A 1 199 ? 9.682   -7.590  17.777  1.00 82.20  ? 203 ILE A CA  1 
ATOM 1585 C C   . ILE A 1 199 ? 10.861  -8.508  18.036  1.00 83.64  ? 203 ILE A C   1 
ATOM 1586 O O   . ILE A 1 199 ? 11.622  -8.312  18.977  1.00 83.78  ? 203 ILE A O   1 
ATOM 1587 C CB  . ILE A 1 199 ? 10.166  -6.153  17.545  1.00 81.42  ? 203 ILE A CB  1 
ATOM 1588 C CG1 . ILE A 1 199 ? 8.948   -5.245  17.327  1.00 79.63  ? 203 ILE A CG1 1 
ATOM 1589 C CG2 . ILE A 1 199 ? 11.082  -6.094  16.326  1.00 80.70  ? 203 ILE A CG2 1 
ATOM 1590 C CD1 . ILE A 1 199 ? 9.184   -3.807  17.666  1.00 77.94  ? 203 ILE A CD1 1 
ATOM 1591 N N   . LYS A 1 200 ? 10.993  -9.524  17.191  1.00 86.48  ? 204 LYS A N   1 
ATOM 1592 C CA  . LYS A 1 200 ? 12.089  -10.480 17.285  1.00 89.61  ? 204 LYS A CA  1 
ATOM 1593 C C   . LYS A 1 200 ? 13.187  -9.993  16.354  1.00 91.55  ? 204 LYS A C   1 
ATOM 1594 O O   . LYS A 1 200 ? 12.901  -9.382  15.326  1.00 92.75  ? 204 LYS A O   1 
ATOM 1595 C CB  . LYS A 1 200 ? 11.618  -11.863 16.841  1.00 90.54  ? 204 LYS A CB  1 
ATOM 1596 C CG  . LYS A 1 200 ? 10.419  -12.374 17.633  1.00 93.44  ? 204 LYS A CG  1 
ATOM 1597 C CD  . LYS A 1 200 ? 9.927   -13.719 17.123  1.00 94.02  ? 204 LYS A CD  1 
ATOM 1598 C CE  . LYS A 1 200 ? 8.723   -14.193 17.917  1.00 94.40  ? 204 LYS A CE  1 
ATOM 1599 N NZ  . LYS A 1 200 ? 8.170   -15.470 17.383  1.00 94.95  ? 204 LYS A NZ  1 
ATOM 1600 N N   . SER A 1 201 ? 14.437  -10.258 16.717  1.00 93.52  ? 205 SER A N   1 
ATOM 1601 C CA  . SER A 1 201 ? 15.600  -9.838  15.925  1.00 94.41  ? 205 SER A CA  1 
ATOM 1602 C C   . SER A 1 201 ? 15.461  -10.161 14.437  1.00 93.46  ? 205 SER A C   1 
ATOM 1603 O O   . SER A 1 201 ? 16.002  -9.460  13.580  1.00 93.60  ? 205 SER A O   1 
ATOM 1604 C CB  . SER A 1 201 ? 16.854  -10.531 16.438  1.00 97.26  ? 205 SER A CB  1 
ATOM 1605 O OG  . SER A 1 201 ? 16.805  -11.915 16.115  1.00 100.31 ? 205 SER A OG  1 
ATOM 1606 N N   . THR A 1 202 ? 14.761  -11.251 14.150  1.00 91.58  ? 206 THR A N   1 
ATOM 1607 C CA  . THR A 1 202 ? 14.529  -11.688 12.785  1.00 88.97  ? 206 THR A CA  1 
ATOM 1608 C C   . THR A 1 202 ? 13.763  -10.614 12.018  1.00 85.74  ? 206 THR A C   1 
ATOM 1609 O O   . THR A 1 202 ? 13.792  -10.574 10.789  1.00 85.25  ? 206 THR A O   1 
ATOM 1610 C CB  . THR A 1 202 ? 13.673  -12.946 12.762  1.00 91.83  ? 206 THR A CB  1 
ATOM 1611 O OG1 . THR A 1 202 ? 13.855  -13.667 13.985  1.00 93.43  ? 206 THR A OG1 1 
ATOM 1612 C CG2 . THR A 1 202 ? 14.052  -13.818 11.579  1.00 93.74  ? 206 THR A CG2 1 
ATOM 1613 N N   . ASP A 1 203 ? 13.058  -9.762  12.754  1.00 81.18  ? 207 ASP A N   1 
ATOM 1614 C CA  . ASP A 1 203 ? 12.277  -8.688  12.157  1.00 76.56  ? 207 ASP A CA  1 
ATOM 1615 C C   . ASP A 1 203 ? 13.007  -7.371  12.232  1.00 74.77  ? 207 ASP A C   1 
ATOM 1616 O O   . ASP A 1 203 ? 12.878  -6.529  11.343  1.00 75.01  ? 207 ASP A O   1 
ATOM 1617 C CB  . ASP A 1 203 ? 10.970  -8.523  12.897  1.00 75.38  ? 207 ASP A CB  1 
ATOM 1618 C CG  . ASP A 1 203 ? 10.231  -9.803  13.031  1.00 74.03  ? 207 ASP A CG  1 
ATOM 1619 O OD1 . ASP A 1 203 ? 9.987   -10.440 11.986  1.00 72.63  ? 207 ASP A OD1 1 
ATOM 1620 O OD2 . ASP A 1 203 ? 9.892   -10.154 14.179  1.00 73.59  ? 207 ASP A OD2 1 
ATOM 1621 N N   . ALA A 1 204 ? 13.744  -7.203  13.324  1.00 71.69  ? 208 ALA A N   1 
ATOM 1622 C CA  . ALA A 1 204 ? 14.509  -5.998  13.600  1.00 67.45  ? 208 ALA A CA  1 
ATOM 1623 C C   . ALA A 1 204 ? 14.858  -5.134  12.391  1.00 65.94  ? 208 ALA A C   1 
ATOM 1624 O O   . ALA A 1 204 ? 14.397  -3.999  12.284  1.00 65.02  ? 208 ALA A O   1 
ATOM 1625 C CB  . ALA A 1 204 ? 15.758  -6.371  14.350  1.00 66.52  ? 208 ALA A CB  1 
ATOM 1626 N N   . PHE A 1 205 ? 15.657  -5.668  11.473  1.00 65.33  ? 209 PHE A N   1 
ATOM 1627 C CA  . PHE A 1 205 ? 16.071  -4.898  10.297  1.00 64.05  ? 209 PHE A CA  1 
ATOM 1628 C C   . PHE A 1 205 ? 14.929  -4.396  9.430   1.00 64.07  ? 209 PHE A C   1 
ATOM 1629 O O   . PHE A 1 205 ? 14.910  -3.224  9.036   1.00 63.82  ? 209 PHE A O   1 
ATOM 1630 C CB  . PHE A 1 205 ? 16.984  -5.726  9.420   1.00 63.04  ? 209 PHE A CB  1 
ATOM 1631 C CG  . PHE A 1 205 ? 17.550  -4.963  8.278   1.00 60.17  ? 209 PHE A CG  1 
ATOM 1632 C CD1 . PHE A 1 205 ? 18.529  -4.006  8.492   1.00 58.98  ? 209 PHE A CD1 1 
ATOM 1633 C CD2 . PHE A 1 205 ? 17.110  -5.197  6.991   1.00 59.31  ? 209 PHE A CD2 1 
ATOM 1634 C CE1 . PHE A 1 205 ? 19.068  -3.289  7.437   1.00 58.81  ? 209 PHE A CE1 1 
ATOM 1635 C CE2 . PHE A 1 205 ? 17.644  -4.488  5.930   1.00 60.70  ? 209 PHE A CE2 1 
ATOM 1636 C CZ  . PHE A 1 205 ? 18.628  -3.530  6.153   1.00 58.97  ? 209 PHE A CZ  1 
ATOM 1637 N N   . LYS A 1 206 ? 14.008  -5.308  9.108   1.00 63.92  ? 210 LYS A N   1 
ATOM 1638 C CA  . LYS A 1 206 ? 12.831  -4.999  8.296   1.00 62.10  ? 210 LYS A CA  1 
ATOM 1639 C C   . LYS A 1 206 ? 11.988  -3.902  8.952   1.00 61.03  ? 210 LYS A C   1 
ATOM 1640 O O   . LYS A 1 206 ? 11.564  -2.943  8.281   1.00 60.18  ? 210 LYS A O   1 
ATOM 1641 C CB  . LYS A 1 206 ? 11.965  -6.247  8.099   1.00 61.38  ? 210 LYS A CB  1 
ATOM 1642 C CG  . LYS A 1 206 ? 12.449  -7.203  7.039   1.00 59.30  ? 210 LYS A CG  1 
ATOM 1643 C CD  . LYS A 1 206 ? 12.616  -6.542  5.673   1.00 57.60  ? 210 LYS A CD  1 
ATOM 1644 C CE  . LYS A 1 206 ? 12.973  -7.609  4.621   1.00 58.33  ? 210 LYS A CE  1 
ATOM 1645 N NZ  . LYS A 1 206 ? 13.523  -7.099  3.321   1.00 59.61  ? 210 LYS A NZ  1 
ATOM 1646 N N   . VAL A 1 207 ? 11.736  -4.060  10.253  1.00 58.64  ? 211 VAL A N   1 
ATOM 1647 C CA  . VAL A 1 207 ? 10.971  -3.076  10.999  1.00 57.17  ? 211 VAL A CA  1 
ATOM 1648 C C   . VAL A 1 207 ? 11.660  -1.737  10.793  1.00 57.00  ? 211 VAL A C   1 
ATOM 1649 O O   . VAL A 1 207 ? 11.012  -0.760  10.415  1.00 59.24  ? 211 VAL A O   1 
ATOM 1650 C CB  . VAL A 1 207 ? 10.925  -3.389  12.513  1.00 57.35  ? 211 VAL A CB  1 
ATOM 1651 C CG1 . VAL A 1 207 ? 10.234  -2.243  13.258  1.00 57.29  ? 211 VAL A CG1 1 
ATOM 1652 C CG2 . VAL A 1 207 ? 10.160  -4.682  12.763  1.00 57.32  ? 211 VAL A CG2 1 
ATOM 1653 N N   . ILE A 1 208 ? 12.973  -1.695  11.031  1.00 55.46  ? 212 ILE A N   1 
ATOM 1654 C CA  . ILE A 1 208 ? 13.735  -0.457  10.859  1.00 54.28  ? 212 ILE A CA  1 
ATOM 1655 C C   . ILE A 1 208 ? 13.587  -0.026  9.407   1.00 53.17  ? 212 ILE A C   1 
ATOM 1656 O O   . ILE A 1 208 ? 13.323  1.146   9.111   1.00 50.77  ? 212 ILE A O   1 
ATOM 1657 C CB  . ILE A 1 208 ? 15.250  -0.652  11.284  1.00 52.44  ? 212 ILE A CB  1 
ATOM 1658 C CG1 . ILE A 1 208 ? 15.312  -0.780  12.813  1.00 50.96  ? 212 ILE A CG1 1 
ATOM 1659 C CG2 . ILE A 1 208 ? 16.139  0.542   10.839  1.00 47.58  ? 212 ILE A CG2 1 
ATOM 1660 C CD1 . ILE A 1 208 ? 16.639  -1.235  13.376  1.00 49.71  ? 212 ILE A CD1 1 
ATOM 1661 N N   . LEU A 1 209 ? 13.721  -0.985  8.502   1.00 54.36  ? 213 LEU A N   1 
ATOM 1662 C CA  . LEU A 1 209 ? 13.568  -0.690  7.092   1.00 58.16  ? 213 LEU A CA  1 
ATOM 1663 C C   . LEU A 1 209 ? 12.226  0.004   6.847   1.00 60.25  ? 213 LEU A C   1 
ATOM 1664 O O   . LEU A 1 209 ? 12.156  1.016   6.136   1.00 61.36  ? 213 LEU A O   1 
ATOM 1665 C CB  . LEU A 1 209 ? 13.625  -1.968  6.287   1.00 60.27  ? 213 LEU A CB  1 
ATOM 1666 C CG  . LEU A 1 209 ? 13.144  -1.770  4.854   1.00 62.00  ? 213 LEU A CG  1 
ATOM 1667 C CD1 . LEU A 1 209 ? 14.041  -0.777  4.121   1.00 61.29  ? 213 LEU A CD1 1 
ATOM 1668 C CD2 . LEU A 1 209 ? 13.130  -3.122  4.166   1.00 64.11  ? 213 LEU A CD2 1 
ATOM 1669 N N   . CYS A 1 210 ? 11.159  -0.548  7.418   1.00 59.58  ? 214 CYS A N   1 
ATOM 1670 C CA  . CYS A 1 210 ? 9.849   0.061   7.265   1.00 59.04  ? 214 CYS A CA  1 
ATOM 1671 C C   . CYS A 1 210 ? 9.874   1.503   7.755   1.00 59.01  ? 214 CYS A C   1 
ATOM 1672 O O   . CYS A 1 210 ? 9.650   2.438   6.980   1.00 59.15  ? 214 CYS A O   1 
ATOM 1673 C CB  . CYS A 1 210 ? 8.809   -0.730  8.043   1.00 60.02  ? 214 CYS A CB  1 
ATOM 1674 S SG  . CYS A 1 210 ? 8.224   -2.150  7.128   1.00 60.50  ? 214 CYS A SG  1 
ATOM 1675 N N   . VAL A 1 211 ? 10.154  1.671   9.046   1.00 58.06  ? 215 VAL A N   1 
ATOM 1676 C CA  . VAL A 1 211 ? 10.218  2.988   9.671   1.00 56.81  ? 215 VAL A CA  1 
ATOM 1677 C C   . VAL A 1 211 ? 10.889  4.008   8.760   1.00 56.61  ? 215 VAL A C   1 
ATOM 1678 O O   . VAL A 1 211 ? 10.463  5.157   8.658   1.00 55.42  ? 215 VAL A O   1 
ATOM 1679 C CB  . VAL A 1 211 ? 10.984  2.932   11.010  1.00 55.17  ? 215 VAL A CB  1 
ATOM 1680 C CG1 . VAL A 1 211 ? 10.960  4.298   11.675  1.00 54.28  ? 215 VAL A CG1 1 
ATOM 1681 C CG2 . VAL A 1 211 ? 10.357  1.902   11.922  1.00 52.99  ? 215 VAL A CG2 1 
ATOM 1682 N N   . GLN A 1 212 ? 11.943  3.589   8.087   1.00 58.11  ? 216 GLN A N   1 
ATOM 1683 C CA  . GLN A 1 212 ? 12.609  4.508   7.199   1.00 60.78  ? 216 GLN A CA  1 
ATOM 1684 C C   . GLN A 1 212 ? 11.663  4.955   6.072   1.00 60.36  ? 216 GLN A C   1 
ATOM 1685 O O   . GLN A 1 212 ? 11.378  6.143   5.947   1.00 59.97  ? 216 GLN A O   1 
ATOM 1686 C CB  . GLN A 1 212 ? 13.848  3.848   6.634   1.00 62.97  ? 216 GLN A CB  1 
ATOM 1687 C CG  . GLN A 1 212 ? 14.912  4.823   6.225   1.00 66.33  ? 216 GLN A CG  1 
ATOM 1688 C CD  . GLN A 1 212 ? 16.013  4.119   5.502   1.00 70.14  ? 216 GLN A CD  1 
ATOM 1689 O OE1 . GLN A 1 212 ? 16.538  3.106   5.985   1.00 71.13  ? 216 GLN A OE1 1 
ATOM 1690 N NE2 . GLN A 1 212 ? 16.373  4.632   4.324   1.00 72.15  ? 216 GLN A NE2 1 
ATOM 1691 N N   . ARG A 1 213 ? 11.168  4.007   5.274   1.00 61.29  ? 217 ARG A N   1 
ATOM 1692 C CA  . ARG A 1 213 ? 10.250  4.332   4.174   1.00 62.05  ? 217 ARG A CA  1 
ATOM 1693 C C   . ARG A 1 213 ? 9.056   5.155   4.628   1.00 59.34  ? 217 ARG A C   1 
ATOM 1694 O O   . ARG A 1 213 ? 8.666   6.105   3.959   1.00 58.59  ? 217 ARG A O   1 
ATOM 1695 C CB  . ARG A 1 213 ? 9.733   3.062   3.493   1.00 65.56  ? 217 ARG A CB  1 
ATOM 1696 C CG  . ARG A 1 213 ? 10.796  2.208   2.807   1.00 72.31  ? 217 ARG A CG  1 
ATOM 1697 C CD  . ARG A 1 213 ? 11.439  2.919   1.612   1.00 77.80  ? 217 ARG A CD  1 
ATOM 1698 N NE  . ARG A 1 213 ? 12.824  3.336   1.857   1.00 83.89  ? 217 ARG A NE  1 
ATOM 1699 C CZ  . ARG A 1 213 ? 13.873  2.511   1.920   1.00 85.61  ? 217 ARG A CZ  1 
ATOM 1700 N NH1 . ARG A 1 213 ? 13.710  1.202   1.759   1.00 87.28  ? 217 ARG A NH1 1 
ATOM 1701 N NH2 . ARG A 1 213 ? 15.094  2.997   2.132   1.00 86.09  ? 217 ARG A NH2 1 
ATOM 1702 N N   . ILE A 1 214 ? 8.464   4.790   5.758   1.00 57.54  ? 218 ILE A N   1 
ATOM 1703 C CA  . ILE A 1 214 ? 7.314   5.533   6.251   1.00 56.63  ? 218 ILE A CA  1 
ATOM 1704 C C   . ILE A 1 214 ? 7.679   6.996   6.421   1.00 56.72  ? 218 ILE A C   1 
ATOM 1705 O O   . ILE A 1 214 ? 7.008   7.867   5.886   1.00 57.81  ? 218 ILE A O   1 
ATOM 1706 C CB  . ILE A 1 214 ? 6.805   4.953   7.575   1.00 53.78  ? 218 ILE A CB  1 
ATOM 1707 C CG1 . ILE A 1 214 ? 6.130   3.606   7.304   1.00 52.27  ? 218 ILE A CG1 1 
ATOM 1708 C CG2 . ILE A 1 214 ? 5.842   5.917   8.229   1.00 51.17  ? 218 ILE A CG2 1 
ATOM 1709 C CD1 . ILE A 1 214 ? 5.981   2.731   8.521   1.00 51.67  ? 218 ILE A CD1 1 
ATOM 1710 N N   . ILE A 1 215 ? 8.753   7.262   7.152   1.00 58.02  ? 219 ILE A N   1 
ATOM 1711 C CA  . ILE A 1 215 ? 9.216   8.628   7.370   1.00 59.04  ? 219 ILE A CA  1 
ATOM 1712 C C   . ILE A 1 215 ? 9.491   9.331   6.040   1.00 59.69  ? 219 ILE A C   1 
ATOM 1713 O O   . ILE A 1 215 ? 9.030   10.440  5.804   1.00 60.38  ? 219 ILE A O   1 
ATOM 1714 C CB  . ILE A 1 215 ? 10.502  8.638   8.217   1.00 56.82  ? 219 ILE A CB  1 
ATOM 1715 C CG1 . ILE A 1 215 ? 10.204  8.054   9.599   1.00 55.04  ? 219 ILE A CG1 1 
ATOM 1716 C CG2 . ILE A 1 215 ? 11.048  10.050  8.326   1.00 53.51  ? 219 ILE A CG2 1 
ATOM 1717 C CD1 . ILE A 1 215 ? 11.427  7.796   10.432  1.00 52.42  ? 219 ILE A CD1 1 
ATOM 1718 N N   . SER A 1 216 ? 10.239  8.695   5.157   1.00 62.26  ? 220 SER A N   1 
ATOM 1719 C CA  . SER A 1 216 ? 10.500  9.339   3.889   1.00 65.48  ? 220 SER A CA  1 
ATOM 1720 C C   . SER A 1 216 ? 9.180   9.690   3.213   1.00 68.31  ? 220 SER A C   1 
ATOM 1721 O O   . SER A 1 216 ? 9.059   10.764  2.641   1.00 70.15  ? 220 SER A O   1 
ATOM 1722 C CB  . SER A 1 216 ? 11.342  8.444   2.981   1.00 64.47  ? 220 SER A CB  1 
ATOM 1723 O OG  . SER A 1 216 ? 10.678  7.233   2.696   1.00 66.37  ? 220 SER A OG  1 
ATOM 1724 N N   . ILE A 1 217 ? 8.188   8.798   3.295   1.00 71.70  ? 221 ILE A N   1 
ATOM 1725 C CA  . ILE A 1 217 ? 6.865   9.037   2.687   1.00 73.68  ? 221 ILE A CA  1 
ATOM 1726 C C   . ILE A 1 217 ? 6.316   10.416  3.046   1.00 75.22  ? 221 ILE A C   1 
ATOM 1727 O O   . ILE A 1 217 ? 5.944   11.207  2.178   1.00 75.45  ? 221 ILE A O   1 
ATOM 1728 C CB  . ILE A 1 217 ? 5.791   8.019   3.163   1.00 73.73  ? 221 ILE A CB  1 
ATOM 1729 C CG1 . ILE A 1 217 ? 5.994   6.653   2.517   1.00 75.34  ? 221 ILE A CG1 1 
ATOM 1730 C CG2 . ILE A 1 217 ? 4.408   8.513   2.792   1.00 72.89  ? 221 ILE A CG2 1 
ATOM 1731 C CD1 . ILE A 1 217 ? 4.922   5.624   2.925   1.00 75.03  ? 221 ILE A CD1 1 
ATOM 1732 N N   . TYR A 1 218 ? 6.246   10.686  4.342   1.00 76.63  ? 222 TYR A N   1 
ATOM 1733 C CA  . TYR A 1 218 ? 5.731   11.951  4.815   1.00 77.75  ? 222 TYR A CA  1 
ATOM 1734 C C   . TYR A 1 218 ? 6.648   13.132  4.545   1.00 82.63  ? 222 TYR A C   1 
ATOM 1735 O O   . TYR A 1 218 ? 6.208   14.269  4.641   1.00 84.02  ? 222 TYR A O   1 
ATOM 1736 C CB  . TYR A 1 218 ? 5.435   11.851  6.301   1.00 72.18  ? 222 TYR A CB  1 
ATOM 1737 C CG  . TYR A 1 218 ? 4.360   10.853  6.618   1.00 65.87  ? 222 TYR A CG  1 
ATOM 1738 C CD1 . TYR A 1 218 ? 4.622   9.760   7.426   1.00 64.80  ? 222 TYR A CD1 1 
ATOM 1739 C CD2 . TYR A 1 218 ? 3.071   11.022  6.140   1.00 62.76  ? 222 TYR A CD2 1 
ATOM 1740 C CE1 . TYR A 1 218 ? 3.621   8.864   7.758   1.00 62.52  ? 222 TYR A CE1 1 
ATOM 1741 C CE2 . TYR A 1 218 ? 2.071   10.137  6.460   1.00 60.58  ? 222 TYR A CE2 1 
ATOM 1742 C CZ  . TYR A 1 218 ? 2.347   9.060   7.271   1.00 61.05  ? 222 TYR A CZ  1 
ATOM 1743 O OH  . TYR A 1 218 ? 1.341   8.192   7.623   1.00 60.06  ? 222 TYR A OH  1 
ATOM 1744 N N   . TYR A 1 219 ? 7.917   12.880  4.219   1.00 87.82  ? 223 TYR A N   1 
ATOM 1745 C CA  . TYR A 1 219 ? 8.837   13.984  3.936   1.00 92.66  ? 223 TYR A CA  1 
ATOM 1746 C C   . TYR A 1 219 ? 9.268   14.001  2.481   1.00 95.29  ? 223 TYR A C   1 
ATOM 1747 O O   . TYR A 1 219 ? 10.417  14.286  2.138   1.00 95.71  ? 223 TYR A O   1 
ATOM 1748 C CB  . TYR A 1 219 ? 10.031  13.943  4.887   1.00 93.82  ? 223 TYR A CB  1 
ATOM 1749 C CG  . TYR A 1 219 ? 9.603   14.341  6.275   1.00 97.39  ? 223 TYR A CG  1 
ATOM 1750 C CD1 . TYR A 1 219 ? 8.672   13.578  6.974   1.00 99.44  ? 223 TYR A CD1 1 
ATOM 1751 C CD2 . TYR A 1 219 ? 10.054  15.520  6.860   1.00 99.66  ? 223 TYR A CD2 1 
ATOM 1752 C CE1 . TYR A 1 219 ? 8.195   13.973  8.215   1.00 100.42 ? 223 TYR A CE1 1 
ATOM 1753 C CE2 . TYR A 1 219 ? 9.582   15.932  8.108   1.00 100.84 ? 223 TYR A CE2 1 
ATOM 1754 C CZ  . TYR A 1 219 ? 8.654   15.151  8.779   1.00 101.46 ? 223 TYR A CZ  1 
ATOM 1755 O OH  . TYR A 1 219 ? 8.188   15.528  10.023  1.00 101.64 ? 223 TYR A OH  1 
ATOM 1756 N N   . PHE A 1 220 ? 8.281   13.689  1.647   1.00 98.57  ? 224 PHE A N   1 
ATOM 1757 C CA  . PHE A 1 220 ? 8.354   13.625  0.188   1.00 101.54 ? 224 PHE A CA  1 
ATOM 1758 C C   . PHE A 1 220 ? 6.906   13.994  -0.153  1.00 101.74 ? 224 PHE A C   1 
ATOM 1759 O O   . PHE A 1 220 ? 6.446   13.857  -1.294  1.00 102.09 ? 224 PHE A O   1 
ATOM 1760 C CB  . PHE A 1 220 ? 8.625   12.184  -0.280  1.00 103.12 ? 224 PHE A CB  1 
ATOM 1761 C CG  . PHE A 1 220 ? 9.171   12.074  -1.688  1.00 105.70 ? 224 PHE A CG  1 
ATOM 1762 C CD1 . PHE A 1 220 ? 9.399   10.818  -2.254  1.00 106.25 ? 224 PHE A CD1 1 
ATOM 1763 C CD2 . PHE A 1 220 ? 9.529   13.213  -2.419  1.00 106.77 ? 224 PHE A CD2 1 
ATOM 1764 C CE1 . PHE A 1 220 ? 9.980   10.692  -3.524  1.00 106.79 ? 224 PHE A CE1 1 
ATOM 1765 C CE2 . PHE A 1 220 ? 10.112  13.099  -3.689  1.00 107.33 ? 224 PHE A CE2 1 
ATOM 1766 C CZ  . PHE A 1 220 ? 10.340  11.833  -4.240  1.00 107.16 ? 224 PHE A CZ  1 
ATOM 1767 N N   . GLU A 1 221 ? 6.205   14.444  0.885   1.00 100.68 ? 225 GLU A N   1 
ATOM 1768 C CA  . GLU A 1 221 ? 4.804   14.827  0.819   1.00 99.21  ? 225 GLU A CA  1 
ATOM 1769 C C   . GLU A 1 221 ? 4.681   16.038  1.717   1.00 97.23  ? 225 GLU A C   1 
ATOM 1770 O O   . GLU A 1 221 ? 3.635   16.672  1.772   1.00 97.31  ? 225 GLU A O   1 
ATOM 1771 C CB  . GLU A 1 221 ? 3.935   13.685  1.376   1.00 101.05 ? 225 GLU A CB  1 
ATOM 1772 C CG  . GLU A 1 221 ? 2.408   13.899  1.361   1.00 102.05 ? 225 GLU A CG  1 
ATOM 1773 C CD  . GLU A 1 221 ? 1.632   12.795  2.117   1.00 102.50 ? 225 GLU A CD  1 
ATOM 1774 O OE1 . GLU A 1 221 ? 1.448   12.929  3.348   1.00 101.83 ? 225 GLU A OE1 1 
ATOM 1775 O OE2 . GLU A 1 221 ? 1.215   11.791  1.488   1.00 101.70 ? 225 GLU A OE2 1 
ATOM 1776 N N   . ASP A 1 222 ? 5.764   16.343  2.425   1.00 95.48  ? 226 ASP A N   1 
ATOM 1777 C CA  . ASP A 1 222 ? 5.784   17.466  3.352   1.00 95.05  ? 226 ASP A CA  1 
ATOM 1778 C C   . ASP A 1 222 ? 6.711   18.523  2.807   1.00 95.26  ? 226 ASP A C   1 
ATOM 1779 O O   . ASP A 1 222 ? 6.629   19.687  3.181   1.00 94.42  ? 226 ASP A O   1 
ATOM 1780 C CB  . ASP A 1 222 ? 6.288   17.012  4.722   1.00 93.30  ? 226 ASP A CB  1 
ATOM 1781 C CG  . ASP A 1 222 ? 5.397   17.467  5.863   1.00 91.02  ? 226 ASP A CG  1 
ATOM 1782 O OD1 . ASP A 1 222 ? 4.173   17.241  5.795   1.00 90.48  ? 226 ASP A OD1 1 
ATOM 1783 O OD2 . ASP A 1 222 ? 5.924   18.037  6.838   1.00 90.22  ? 226 ASP A OD2 1 
ATOM 1784 N N   . ILE A 1 223 ? 7.608   18.102  1.926   1.00 98.07  ? 227 ILE A N   1 
ATOM 1785 C CA  . ILE A 1 223 ? 8.556   19.029  1.324   1.00 101.49 ? 227 ILE A CA  1 
ATOM 1786 C C   . ILE A 1 223 ? 7.937   19.608  0.054   1.00 102.93 ? 227 ILE A C   1 
ATOM 1787 O O   . ILE A 1 223 ? 8.252   20.724  -0.358  1.00 102.64 ? 227 ILE A O   1 
ATOM 1788 C CB  . ILE A 1 223 ? 9.904   18.326  0.994   1.00 99.23  ? 227 ILE A CB  1 
ATOM 1789 C CG1 . ILE A 1 223 ? 11.069  19.230  1.422   1.00 97.43  ? 227 ILE A CG1 1 
ATOM 1790 C CG2 . ILE A 1 223 ? 9.964   17.942  -0.495  1.00 96.84  ? 227 ILE A CG2 1 
ATOM 1791 C CD1 . ILE A 1 223 ? 11.170  19.452  2.950   1.00 95.07  ? 227 ILE A CD1 1 
ATOM 1792 N N   . GLU A 1 224 ? 7.048   18.834  -0.555  1.00 105.95 ? 228 GLU A N   1 
ATOM 1793 C CA  . GLU A 1 224 ? 6.361   19.269  -1.759  1.00 109.19 ? 228 GLU A CA  1 
ATOM 1794 C C   . GLU A 1 224 ? 5.521   20.493  -1.419  1.00 109.60 ? 228 GLU A C   1 
ATOM 1795 O O   . GLU A 1 224 ? 5.419   21.431  -2.213  1.00 110.45 ? 228 GLU A O   1 
ATOM 1796 C CB  . GLU A 1 224 ? 5.447   18.155  -2.289  1.00 111.38 ? 228 GLU A CB  1 
ATOM 1797 C CG  . GLU A 1 224 ? 5.890   17.562  -3.619  1.00 114.82 ? 228 GLU A CG  1 
ATOM 1798 C CD  . GLU A 1 224 ? 7.209   16.808  -3.517  1.00 117.62 ? 228 GLU A CD  1 
ATOM 1799 O OE1 . GLU A 1 224 ? 8.228   17.422  -3.121  1.00 118.71 ? 228 GLU A OE1 1 
ATOM 1800 O OE2 . GLU A 1 224 ? 7.217   15.598  -3.836  1.00 119.01 ? 228 GLU A OE2 1 
ATOM 1801 N N   . ALA A 1 225 ? 4.918   20.474  -0.235  1.00 109.31 ? 229 ALA A N   1 
ATOM 1802 C CA  . ALA A 1 225 ? 4.083   21.578  0.208   1.00 109.10 ? 229 ALA A CA  1 
ATOM 1803 C C   . ALA A 1 225 ? 4.945   22.763  0.635   1.00 109.47 ? 229 ALA A C   1 
ATOM 1804 O O   . ALA A 1 225 ? 4.583   23.915  0.403   1.00 109.05 ? 229 ALA A O   1 
ATOM 1805 C CB  . ALA A 1 225 ? 3.191   21.124  1.355   1.00 108.16 ? 229 ALA A CB  1 
ATOM 1806 N N   . ALA A 1 226 ? 6.090   22.477  1.245   1.00 110.75 ? 230 ALA A N   1 
ATOM 1807 C CA  . ALA A 1 226 ? 6.997   23.528  1.698   1.00 112.34 ? 230 ALA A CA  1 
ATOM 1808 C C   . ALA A 1 226 ? 7.596   24.286  0.514   1.00 113.45 ? 230 ALA A C   1 
ATOM 1809 O O   . ALA A 1 226 ? 7.886   25.481  0.613   1.00 113.20 ? 230 ALA A O   1 
ATOM 1810 C CB  . ALA A 1 226 ? 8.109   22.929  2.553   1.00 111.95 ? 230 ALA A CB  1 
ATOM 1811 N N   . ALA A 1 227 ? 7.779   23.583  -0.604  1.00 114.91 ? 231 ALA A N   1 
ATOM 1812 C CA  . ALA A 1 227 ? 8.338   24.173  -1.819  1.00 116.00 ? 231 ALA A CA  1 
ATOM 1813 C C   . ALA A 1 227 ? 7.309   25.078  -2.494  1.00 116.57 ? 231 ALA A C   1 
ATOM 1814 O O   . ALA A 1 227 ? 7.645   25.892  -3.356  1.00 117.15 ? 231 ALA A O   1 
ATOM 1815 C CB  . ALA A 1 227 ? 8.773   23.075  -2.786  1.00 115.65 ? 231 ALA A CB  1 
ATOM 1816 N N   . LEU A 1 228 ? 6.052   24.930  -2.092  1.00 116.60 ? 232 LEU A N   1 
ATOM 1817 C CA  . LEU A 1 228 ? 4.970   25.724  -2.653  1.00 116.32 ? 232 LEU A CA  1 
ATOM 1818 C C   . LEU A 1 228 ? 4.530   26.783  -1.654  1.00 116.19 ? 232 LEU A C   1 
ATOM 1819 O O   . LEU A 1 228 ? 3.374   26.698  -1.185  1.00 116.42 ? 232 LEU A O   1 
ATOM 1820 C CB  . LEU A 1 228 ? 3.797   24.810  -3.005  1.00 116.33 ? 232 LEU A CB  1 
ATOM 1821 C CG  . LEU A 1 228 ? 4.187   23.565  -3.808  1.00 116.24 ? 232 LEU A CG  1 
ATOM 1822 C CD1 . LEU A 1 228 ? 2.952   22.739  -4.083  1.00 117.25 ? 232 LEU A CD1 1 
ATOM 1823 C CD2 . LEU A 1 228 ? 4.864   23.965  -5.108  1.00 116.51 ? 232 LEU A CD2 1 
# 
